data_3W63
# 
_entry.id   3W63 
# 
_audit_conform.dict_name       mmcif_pdbx.dic 
_audit_conform.dict_version    5.381 
_audit_conform.dict_location   http://mmcif.pdb.org/dictionaries/ascii/mmcif_pdbx.dic 
# 
loop_
_database_2.database_id 
_database_2.database_code 
_database_2.pdbx_database_accession 
_database_2.pdbx_DOI 
PDB   3W63         pdb_00003w63 10.2210/pdb3w63/pdb 
RCSB  RCSB095932   ?            ?                   
WWPDB D_1000095932 ?            ?                   
# 
loop_
_pdbx_database_related.db_name 
_pdbx_database_related.db_id 
_pdbx_database_related.details 
_pdbx_database_related.content_type 
PDB 3W5X 'wild type' unspecified 
PDB 3W5Y 'wild type' unspecified 
PDB 3W5Z D249A       unspecified 
PDB 3W60 H264A       unspecified 
PDB 3W61 H285A       unspecified 
PDB 3W62 E289A       unspecified 
PDB 3W64 .           unspecified 
PDB 3W65 .           unspecified 
PDB 3W66 .           unspecified 
PDB 3W8P .           unspecified 
# 
_pdbx_database_status.entry_id                        3W63 
_pdbx_database_status.methods_development_category    ? 
_pdbx_database_status.deposit_site                    PDBJ 
_pdbx_database_status.process_site                    PDBJ 
_pdbx_database_status.recvd_initial_deposition_date   2013-02-10 
_pdbx_database_status.status_code                     REL 
_pdbx_database_status.status_code_sf                  REL 
_pdbx_database_status.status_code_mr                  ? 
_pdbx_database_status.SG_entry                        ? 
_pdbx_database_status.status_code_cs                  ? 
_pdbx_database_status.pdb_format_compatible           Y 
_pdbx_database_status.status_code_nmr_data            ? 
# 
loop_
_audit_author.name 
_audit_author.pdbx_ordinal 
'Zeytuni, N.'  1 
'Davidov, G.'  2 
'Zarivach, R.' 3 
# 
_citation.id                        primary 
_citation.title                     
;Cation diffusion facilitators transport initiation and regulation is mediated by cation induced conformational changes of the cytoplasmic domain
;
_citation.journal_abbrev            'Plos One' 
_citation.journal_volume            9 
_citation.page_first                e92141 
_citation.page_last                 e92141 
_citation.year                      2014 
_citation.journal_id_ASTM           ? 
_citation.country                   US 
_citation.journal_id_ISSN           1932-6203 
_citation.journal_id_CSD            ? 
_citation.book_publisher            ? 
_citation.pdbx_database_id_PubMed   24658343 
_citation.pdbx_database_id_DOI      10.1371/journal.pone.0092141 
# 
loop_
_citation_author.citation_id 
_citation_author.name 
_citation_author.ordinal 
_citation_author.identifier_ORCID 
primary 'Zeytuni, N.'       1  ? 
primary 'Uebe, R.'          2  ? 
primary 'Maes, M.'          3  ? 
primary 'Davidov, G.'       4  ? 
primary 'Baram, M.'         5  ? 
primary 'Raschdorf, O.'     6  ? 
primary 'Nadav-Tsubery, M.' 7  ? 
primary 'Kolusheva, S.'     8  ? 
primary 'Bitton, R.'        9  ? 
primary 'Goobes, G.'        10 ? 
primary 'Friedler, A.'      11 ? 
primary 'Miller, Y.'        12 ? 
primary 'Schuler, D.'       13 ? 
primary 'Zarivach, R.'      14 ? 
# 
_cell.length_a           36.940 
_cell.length_b           95.616 
_cell.length_c           54.031 
_cell.angle_alpha        90.000 
_cell.angle_beta         90.000 
_cell.angle_gamma        90.000 
_cell.entry_id           3W63 
_cell.pdbx_unique_axis   ? 
_cell.Z_PDB              8 
_cell.length_a_esd       ? 
_cell.length_b_esd       ? 
_cell.length_c_esd       ? 
_cell.angle_alpha_esd    ? 
_cell.angle_beta_esd     ? 
_cell.angle_gamma_esd    ? 
# 
_symmetry.space_group_name_H-M             'C 2 2 21' 
_symmetry.entry_id                         3W63 
_symmetry.Int_Tables_number                20 
_symmetry.pdbx_full_space_group_name_H-M   ? 
_symmetry.cell_setting                     ? 
_symmetry.space_group_name_Hall            ? 
# 
loop_
_entity.id 
_entity.type 
_entity.src_method 
_entity.pdbx_description 
_entity.formula_weight 
_entity.pdbx_number_of_molecules 
_entity.pdbx_ec 
_entity.pdbx_mutation 
_entity.pdbx_fragment 
_entity.details 
1 polymer     man 'Magnetosome protein MamM' 9168.422 1  ? ? 'UNP residues 215-293' ? 
2 non-polymer syn 'SULFATE ION'              96.063   2  ? ? ?                      ? 
3 water       nat water                      18.015   90 ? ? ?                      ? 
# 
_entity_name_com.entity_id   1 
_entity_name_com.name        'Magnetosome protein MamM, Cation efflux protein family, MamM protein' 
# 
_entity_poly.entity_id                      1 
_entity_poly.type                           'polypeptide(L)' 
_entity_poly.nstd_linkage                   no 
_entity_poly.nstd_monomer                   no 
_entity_poly.pdbx_seq_one_letter_code       
;GSHMEAVQNRIVEAAERVPGVRGVIHLRARYVGQDIWADMIIGVDPENTVEQAHEICEAVQAAVCGKIRRIESLHVSAEA
REI
;
_entity_poly.pdbx_seq_one_letter_code_can   
;GSHMEAVQNRIVEAAERVPGVRGVIHLRARYVGQDIWADMIIGVDPENTVEQAHEICEAVQAAVCGKIRRIESLHVSAEA
REI
;
_entity_poly.pdbx_strand_id                 A 
_entity_poly.pdbx_target_identifier         ? 
# 
loop_
_entity_poly_seq.entity_id 
_entity_poly_seq.num 
_entity_poly_seq.mon_id 
_entity_poly_seq.hetero 
1 1  GLY n 
1 2  SER n 
1 3  HIS n 
1 4  MET n 
1 5  GLU n 
1 6  ALA n 
1 7  VAL n 
1 8  GLN n 
1 9  ASN n 
1 10 ARG n 
1 11 ILE n 
1 12 VAL n 
1 13 GLU n 
1 14 ALA n 
1 15 ALA n 
1 16 GLU n 
1 17 ARG n 
1 18 VAL n 
1 19 PRO n 
1 20 GLY n 
1 21 VAL n 
1 22 ARG n 
1 23 GLY n 
1 24 VAL n 
1 25 ILE n 
1 26 HIS n 
1 27 LEU n 
1 28 ARG n 
1 29 ALA n 
1 30 ARG n 
1 31 TYR n 
1 32 VAL n 
1 33 GLY n 
1 34 GLN n 
1 35 ASP n 
1 36 ILE n 
1 37 TRP n 
1 38 ALA n 
1 39 ASP n 
1 40 MET n 
1 41 ILE n 
1 42 ILE n 
1 43 GLY n 
1 44 VAL n 
1 45 ASP n 
1 46 PRO n 
1 47 GLU n 
1 48 ASN n 
1 49 THR n 
1 50 VAL n 
1 51 GLU n 
1 52 GLN n 
1 53 ALA n 
1 54 HIS n 
1 55 GLU n 
1 56 ILE n 
1 57 CYS n 
1 58 GLU n 
1 59 ALA n 
1 60 VAL n 
1 61 GLN n 
1 62 ALA n 
1 63 ALA n 
1 64 VAL n 
1 65 CYS n 
1 66 GLY n 
1 67 LYS n 
1 68 ILE n 
1 69 ARG n 
1 70 ARG n 
1 71 ILE n 
1 72 GLU n 
1 73 SER n 
1 74 LEU n 
1 75 HIS n 
1 76 VAL n 
1 77 SER n 
1 78 ALA n 
1 79 GLU n 
1 80 ALA n 
1 81 ARG n 
1 82 GLU n 
1 83 ILE n 
# 
_entity_src_gen.entity_id                          1 
_entity_src_gen.pdbx_src_id                        1 
_entity_src_gen.pdbx_alt_source_flag               sample 
_entity_src_gen.pdbx_seq_type                      ? 
_entity_src_gen.pdbx_beg_seq_num                   ? 
_entity_src_gen.pdbx_end_seq_num                   ? 
_entity_src_gen.gene_src_common_name               ? 
_entity_src_gen.gene_src_genus                     ? 
_entity_src_gen.pdbx_gene_src_gene                 'mamM, mgI491, MGR_4095' 
_entity_src_gen.gene_src_species                   ? 
_entity_src_gen.gene_src_strain                    MSR-1 
_entity_src_gen.gene_src_tissue                    ? 
_entity_src_gen.gene_src_tissue_fraction           ? 
_entity_src_gen.gene_src_details                   ? 
_entity_src_gen.pdbx_gene_src_fragment             ? 
_entity_src_gen.pdbx_gene_src_scientific_name      'Magnetospirillum gryphiswaldense' 
_entity_src_gen.pdbx_gene_src_ncbi_taxonomy_id     431944 
_entity_src_gen.pdbx_gene_src_variant              ? 
_entity_src_gen.pdbx_gene_src_cell_line            ? 
_entity_src_gen.pdbx_gene_src_atcc                 ? 
_entity_src_gen.pdbx_gene_src_organ                ? 
_entity_src_gen.pdbx_gene_src_organelle            ? 
_entity_src_gen.pdbx_gene_src_cell                 ? 
_entity_src_gen.pdbx_gene_src_cellular_location    ? 
_entity_src_gen.host_org_common_name               ? 
_entity_src_gen.pdbx_host_org_scientific_name      'Escherichia coli' 
_entity_src_gen.pdbx_host_org_ncbi_taxonomy_id     562 
_entity_src_gen.host_org_genus                     ? 
_entity_src_gen.pdbx_host_org_gene                 ? 
_entity_src_gen.pdbx_host_org_organ                ? 
_entity_src_gen.host_org_species                   ? 
_entity_src_gen.pdbx_host_org_tissue               ? 
_entity_src_gen.pdbx_host_org_tissue_fraction      ? 
_entity_src_gen.pdbx_host_org_strain               Rosseta 
_entity_src_gen.pdbx_host_org_variant              ? 
_entity_src_gen.pdbx_host_org_cell_line            ? 
_entity_src_gen.pdbx_host_org_atcc                 ? 
_entity_src_gen.pdbx_host_org_culture_collection   ? 
_entity_src_gen.pdbx_host_org_cell                 ? 
_entity_src_gen.pdbx_host_org_organelle            ? 
_entity_src_gen.pdbx_host_org_cellular_location    ? 
_entity_src_gen.pdbx_host_org_vector_type          plasmid 
_entity_src_gen.pdbx_host_org_vector               ? 
_entity_src_gen.host_org_details                   ? 
_entity_src_gen.expression_system_id               ? 
_entity_src_gen.plasmid_name                       pET28 
_entity_src_gen.plasmid_details                    ? 
_entity_src_gen.pdbx_description                   ? 
# 
_struct_ref.id                         1 
_struct_ref.db_name                    UNP 
_struct_ref.db_code                    Q6NE57_9PROT 
_struct_ref.pdbx_db_accession          Q6NE57 
_struct_ref.entity_id                  1 
_struct_ref.pdbx_seq_one_letter_code   EAVQNRIVEAAERVPGVRGVIHLRARYVGQDIWADMIIGVDPENTVEQAHEICEAVQAAVCGKIRRIESLHVSAEAREI 
_struct_ref.pdbx_align_begin           215 
_struct_ref.pdbx_db_isoform            ? 
# 
_struct_ref_seq.align_id                      1 
_struct_ref_seq.ref_id                        1 
_struct_ref_seq.pdbx_PDB_id_code              3W63 
_struct_ref_seq.pdbx_strand_id                A 
_struct_ref_seq.seq_align_beg                 5 
_struct_ref_seq.pdbx_seq_align_beg_ins_code   ? 
_struct_ref_seq.seq_align_end                 83 
_struct_ref_seq.pdbx_seq_align_end_ins_code   ? 
_struct_ref_seq.pdbx_db_accession             Q6NE57 
_struct_ref_seq.db_align_beg                  215 
_struct_ref_seq.pdbx_db_align_beg_ins_code    ? 
_struct_ref_seq.db_align_end                  293 
_struct_ref_seq.pdbx_db_align_end_ins_code    ? 
_struct_ref_seq.pdbx_auth_seq_align_beg       215 
_struct_ref_seq.pdbx_auth_seq_align_end       293 
# 
loop_
_struct_ref_seq_dif.align_id 
_struct_ref_seq_dif.pdbx_pdb_id_code 
_struct_ref_seq_dif.mon_id 
_struct_ref_seq_dif.pdbx_pdb_strand_id 
_struct_ref_seq_dif.seq_num 
_struct_ref_seq_dif.pdbx_pdb_ins_code 
_struct_ref_seq_dif.pdbx_seq_db_name 
_struct_ref_seq_dif.pdbx_seq_db_accession_code 
_struct_ref_seq_dif.db_mon_id 
_struct_ref_seq_dif.pdbx_seq_db_seq_num 
_struct_ref_seq_dif.details 
_struct_ref_seq_dif.pdbx_auth_seq_num 
_struct_ref_seq_dif.pdbx_ordinal 
1 3W63 GLY A 1 ? UNP Q6NE57 ? ? 'expression tag' 211 1 
1 3W63 SER A 2 ? UNP Q6NE57 ? ? 'expression tag' 212 2 
1 3W63 HIS A 3 ? UNP Q6NE57 ? ? 'expression tag' 213 3 
1 3W63 MET A 4 ? UNP Q6NE57 ? ? 'expression tag' 214 4 
# 
loop_
_chem_comp.id 
_chem_comp.type 
_chem_comp.mon_nstd_flag 
_chem_comp.name 
_chem_comp.pdbx_synonyms 
_chem_comp.formula 
_chem_comp.formula_weight 
ALA 'L-peptide linking' y ALANINE         ? 'C3 H7 N O2'     89.093  
ARG 'L-peptide linking' y ARGININE        ? 'C6 H15 N4 O2 1' 175.209 
ASN 'L-peptide linking' y ASPARAGINE      ? 'C4 H8 N2 O3'    132.118 
ASP 'L-peptide linking' y 'ASPARTIC ACID' ? 'C4 H7 N O4'     133.103 
CYS 'L-peptide linking' y CYSTEINE        ? 'C3 H7 N O2 S'   121.158 
GLN 'L-peptide linking' y GLUTAMINE       ? 'C5 H10 N2 O3'   146.144 
GLU 'L-peptide linking' y 'GLUTAMIC ACID' ? 'C5 H9 N O4'     147.129 
GLY 'peptide linking'   y GLYCINE         ? 'C2 H5 N O2'     75.067  
HIS 'L-peptide linking' y HISTIDINE       ? 'C6 H10 N3 O2 1' 156.162 
HOH non-polymer         . WATER           ? 'H2 O'           18.015  
ILE 'L-peptide linking' y ISOLEUCINE      ? 'C6 H13 N O2'    131.173 
LEU 'L-peptide linking' y LEUCINE         ? 'C6 H13 N O2'    131.173 
LYS 'L-peptide linking' y LYSINE          ? 'C6 H15 N2 O2 1' 147.195 
MET 'L-peptide linking' y METHIONINE      ? 'C5 H11 N O2 S'  149.211 
PRO 'L-peptide linking' y PROLINE         ? 'C5 H9 N O2'     115.130 
SER 'L-peptide linking' y SERINE          ? 'C3 H7 N O3'     105.093 
SO4 non-polymer         . 'SULFATE ION'   ? 'O4 S -2'        96.063  
THR 'L-peptide linking' y THREONINE       ? 'C4 H9 N O3'     119.119 
TRP 'L-peptide linking' y TRYPTOPHAN      ? 'C11 H12 N2 O2'  204.225 
TYR 'L-peptide linking' y TYROSINE        ? 'C9 H11 N O3'    181.189 
VAL 'L-peptide linking' y VALINE          ? 'C5 H11 N O2'    117.146 
# 
_exptl.crystals_number   1 
_exptl.entry_id          3W63 
_exptl.method            'X-RAY DIFFRACTION' 
# 
_exptl_crystal.id                    1 
_exptl_crystal.pdbx_mosaicity        0.409 
_exptl_crystal.pdbx_mosaicity_esd    ? 
_exptl_crystal.density_Matthews      2.60 
_exptl_crystal.density_diffrn        ? 
_exptl_crystal.density_meas          ? 
_exptl_crystal.density_meas_temp     ? 
_exptl_crystal.density_percent_sol   52.73 
_exptl_crystal.size_max              ? 
_exptl_crystal.size_mid              ? 
_exptl_crystal.size_min              ? 
_exptl_crystal.size_rad              ? 
_exptl_crystal.description           ? 
_exptl_crystal.F_000                 ? 
_exptl_crystal.preparation           ? 
# 
_exptl_crystal_grow.crystal_id      1 
_exptl_crystal_grow.method          'VAPOR DIFFUSION, SITTING DROP' 
_exptl_crystal_grow.pH              5.5 
_exptl_crystal_grow.temp            293 
_exptl_crystal_grow.temp_details    ? 
_exptl_crystal_grow.pdbx_details    
;0.1M BIS-TRIS PH 5.5, 25% PEG 3350, 0.2M LiSO4 
, VAPOR DIFFUSION, SITTING DROP, temperature 293K
;
_exptl_crystal_grow.pdbx_pH_range   . 
# 
_diffrn.id                     1 
_diffrn.ambient_temp           100 
_diffrn.ambient_temp_details   ? 
_diffrn.crystal_id             1 
# 
_diffrn_detector.diffrn_id              1 
_diffrn_detector.detector               CCD 
_diffrn_detector.type                   'MARMOSAIC 225 mm CCD' 
_diffrn_detector.pdbx_collection_date   2012-09-10 
_diffrn_detector.details                ? 
# 
_diffrn_radiation.diffrn_id                        1 
_diffrn_radiation.wavelength_id                    1 
_diffrn_radiation.pdbx_diffrn_protocol             'SINGLE WAVELENGTH' 
_diffrn_radiation.monochromator                    ? 
_diffrn_radiation.pdbx_monochromatic_or_laue_m_l   M 
_diffrn_radiation.pdbx_scattering_type             x-ray 
# 
_diffrn_radiation_wavelength.id           1 
_diffrn_radiation_wavelength.wavelength   0.873 
_diffrn_radiation_wavelength.wt           1.0 
# 
_diffrn_source.diffrn_id                   1 
_diffrn_source.source                      SYNCHROTRON 
_diffrn_source.type                        'ESRF BEAMLINE ID23-2' 
_diffrn_source.pdbx_wavelength             ? 
_diffrn_source.pdbx_wavelength_list        0.873 
_diffrn_source.pdbx_synchrotron_site       ESRF 
_diffrn_source.pdbx_synchrotron_beamline   ID23-2 
# 
_reflns.entry_id                     3W63 
_reflns.d_resolution_high            1.900 
_reflns.d_resolution_low             25.000 
_reflns.number_obs                   7854 
_reflns.pdbx_Rmerge_I_obs            0.098 
_reflns.pdbx_netI_over_sigmaI        8.400 
_reflns.pdbx_chi_squared             1.301 
_reflns.pdbx_redundancy              6.400 
_reflns.percent_possible_obs         99.800 
_reflns.observed_criterion_sigma_F   ? 
_reflns.observed_criterion_sigma_I   ? 
_reflns.number_all                   ? 
_reflns.pdbx_Rsym_value              ? 
_reflns.B_iso_Wilson_estimate        ? 
_reflns.R_free_details               ? 
_reflns.limit_h_max                  ? 
_reflns.limit_h_min                  ? 
_reflns.limit_k_max                  ? 
_reflns.limit_k_min                  ? 
_reflns.limit_l_max                  ? 
_reflns.limit_l_min                  ? 
_reflns.observed_criterion_F_max     ? 
_reflns.observed_criterion_F_min     ? 
_reflns.pdbx_scaling_rejects         ? 
_reflns.pdbx_ordinal                 1 
_reflns.pdbx_diffrn_id               1 
# 
loop_
_reflns_shell.d_res_high 
_reflns_shell.d_res_low 
_reflns_shell.number_measured_obs 
_reflns_shell.number_measured_all 
_reflns_shell.number_unique_obs 
_reflns_shell.pdbx_rejects 
_reflns_shell.Rmerge_I_obs 
_reflns_shell.meanI_over_sigI_obs 
_reflns_shell.pdbx_Rsym_value 
_reflns_shell.pdbx_chi_squared 
_reflns_shell.pdbx_redundancy 
_reflns_shell.percent_possible_obs 
_reflns_shell.pdbx_netI_over_sigmaI_obs 
_reflns_shell.number_possible 
_reflns_shell.number_unique_all 
_reflns_shell.Rmerge_F_all 
_reflns_shell.Rmerge_F_obs 
_reflns_shell.Rmerge_I_all 
_reflns_shell.meanI_over_sigI_all 
_reflns_shell.percent_possible_all 
_reflns_shell.pdbx_Rrim_I_all 
_reflns_shell.pdbx_Rpim_I_all 
_reflns_shell.pdbx_ordinal 
_reflns_shell.pdbx_diffrn_id 
1.900 1.930  ? ? ? ? 0.414 ? ? 0.999 6.400 ? ? ? 377 ? ? ? ? 100.000 ? ? 1  1 
1.930 1.970  ? ? ? ? 0.495 ? ? 0.991 6.600 ? ? ? 386 ? ? ? ? 100.000 ? ? 2  1 
1.970 2.010  ? ? ? ? 0.419 ? ? 1.402 6.500 ? ? ? 383 ? ? ? ? 100.000 ? ? 3  1 
2.010 2.050  ? ? ? ? 0.309 ? ? 0.927 6.500 ? ? ? 390 ? ? ? ? 100.000 ? ? 4  1 
2.050 2.090  ? ? ? ? 0.307 ? ? 1.065 6.400 ? ? ? 375 ? ? ? ? 100.000 ? ? 5  1 
2.090 2.140  ? ? ? ? 0.227 ? ? 1.062 6.600 ? ? ? 391 ? ? ? ? 100.000 ? ? 6  1 
2.140 2.190  ? ? ? ? 0.224 ? ? 1.231 6.500 ? ? ? 392 ? ? ? ? 100.000 ? ? 7  1 
2.190 2.250  ? ? ? ? 0.219 ? ? 1.536 6.500 ? ? ? 386 ? ? ? ? 100.000 ? ? 8  1 
2.250 2.320  ? ? ? ? 0.204 ? ? 1.519 6.500 ? ? ? 394 ? ? ? ? 100.000 ? ? 9  1 
2.320 2.390  ? ? ? ? 0.151 ? ? 1.131 6.500 ? ? ? 373 ? ? ? ? 100.000 ? ? 10 1 
2.390 2.480  ? ? ? ? 0.136 ? ? 1.199 6.500 ? ? ? 392 ? ? ? ? 100.000 ? ? 11 1 
2.480 2.580  ? ? ? ? 0.111 ? ? 1.146 6.500 ? ? ? 393 ? ? ? ? 100.000 ? ? 12 1 
2.580 2.700  ? ? ? ? 0.095 ? ? 1.260 6.400 ? ? ? 398 ? ? ? ? 99.700  ? ? 13 1 
2.700 2.840  ? ? ? ? 0.078 ? ? 1.292 6.400 ? ? ? 396 ? ? ? ? 100.000 ? ? 14 1 
2.840 3.010  ? ? ? ? 0.073 ? ? 1.244 6.400 ? ? ? 385 ? ? ? ? 100.000 ? ? 15 1 
3.010 3.250  ? ? ? ? 0.068 ? ? 1.569 6.400 ? ? ? 391 ? ? ? ? 100.000 ? ? 16 1 
3.250 3.570  ? ? ? ? 0.076 ? ? 1.487 6.400 ? ? ? 396 ? ? ? ? 100.000 ? ? 17 1 
3.570 4.090  ? ? ? ? 0.088 ? ? 1.867 6.100 ? ? ? 407 ? ? ? ? 99.300  ? ? 18 1 
4.090 5.140  ? ? ? ? 0.070 ? ? 1.582 6.100 ? ? ? 410 ? ? ? ? 100.000 ? ? 19 1 
5.140 25.000 ? ? ? ? 0.068 ? ? 1.519 5.700 ? ? ? 439 ? ? ? ? 98.200  ? ? 20 1 
# 
_refine.entry_id                                 3W63 
_refine.ls_d_res_high                            1.9000 
_refine.ls_d_res_low                             24.13 
_refine.pdbx_ls_sigma_F                          0.000 
_refine.pdbx_data_cutoff_high_absF               ? 
_refine.pdbx_data_cutoff_low_absF                ? 
_refine.ls_percent_reflns_obs                    98.5900 
_refine.ls_number_reflns_obs                     7788 
_refine.ls_number_reflns_all                     ? 
_refine.pdbx_ls_cross_valid_method               THROUGHOUT 
_refine.pdbx_R_Free_selection_details            RANDOM 
_refine.details                                  'HYDROGENS HAVE BEEN ADDED IN THE RIDING POSITIONS U VALUES: WITH TLS ADDED' 
_refine.ls_R_factor_all                          ? 
_refine.ls_R_factor_obs                          0.1813 
_refine.ls_R_factor_R_work                       0.1788 
_refine.ls_wR_factor_R_work                      0.1747 
_refine.ls_R_factor_R_free                       0.2304 
_refine.ls_wR_factor_R_free                      0.2249 
_refine.ls_percent_reflns_R_free                 4.7000 
_refine.ls_number_reflns_R_free                  363 
_refine.ls_R_factor_R_free_error                 ? 
_refine.B_iso_mean                               25.1428 
_refine.solvent_model_param_bsol                 ? 
_refine.solvent_model_param_ksol                 ? 
_refine.pdbx_isotropic_thermal_model             ? 
_refine.aniso_B[1][1]                            0.8400 
_refine.aniso_B[2][2]                            -1.4000 
_refine.aniso_B[3][3]                            0.5500 
_refine.aniso_B[1][2]                            0.0000 
_refine.aniso_B[1][3]                            0.0000 
_refine.aniso_B[2][3]                            0.0000 
_refine.correlation_coeff_Fo_to_Fc               0.9530 
_refine.correlation_coeff_Fo_to_Fc_free          0.8960 
_refine.overall_SU_R_Cruickshank_DPI             0.1407 
_refine.overall_SU_R_free                        0.1407 
_refine.pdbx_overall_ESU_R                       0.1410 
_refine.pdbx_overall_ESU_R_Free                  0.1410 
_refine.overall_SU_ML                            0.1010 
_refine.overall_SU_B                             7.3970 
_refine.solvent_model_details                    MASK 
_refine.pdbx_solvent_vdw_probe_radii             1.4000 
_refine.pdbx_solvent_ion_probe_radii             0.8000 
_refine.pdbx_solvent_shrinkage_radii             0.8000 
_refine.ls_number_parameters                     ? 
_refine.ls_number_restraints                     ? 
_refine.pdbx_starting_model                      3w5x 
_refine.pdbx_method_to_determine_struct          'MOLECULAR REPLACEMENT' 
_refine.pdbx_stereochemistry_target_values       'MAXIMUM LIKELIHOOD' 
_refine.pdbx_stereochem_target_val_spec_case     ? 
_refine.overall_FOM_work_R_set                   0.8393 
_refine.B_iso_max                                57.660 
_refine.B_iso_min                                12.030 
_refine.pdbx_overall_phase_error                 ? 
_refine.occupancy_max                            1.000 
_refine.occupancy_min                            0.500 
_refine.pdbx_ls_sigma_I                          ? 
_refine.ls_redundancy_reflns_obs                 ? 
_refine.ls_R_factor_R_free_error_details         ? 
_refine.pdbx_data_cutoff_high_rms_absF           ? 
_refine.overall_FOM_free_R_set                   ? 
_refine.pdbx_diffrn_id                           1 
_refine.pdbx_refine_id                           'X-RAY DIFFRACTION' 
_refine.pdbx_TLS_residual_ADP_flag               ? 
_refine.pdbx_overall_SU_R_free_Cruickshank_DPI   ? 
_refine.pdbx_overall_SU_R_Blow_DPI               ? 
_refine.pdbx_overall_SU_R_free_Blow_DPI          ? 
# 
_refine_hist.pdbx_refine_id                   'X-RAY DIFFRACTION' 
_refine_hist.cycle_id                         LAST 
_refine_hist.pdbx_number_atoms_protein        613 
_refine_hist.pdbx_number_atoms_nucleic_acid   0 
_refine_hist.pdbx_number_atoms_ligand         10 
_refine_hist.number_atoms_solvent             90 
_refine_hist.number_atoms_total               713 
_refine_hist.d_res_high                       1.9000 
_refine_hist.d_res_low                        24.13 
# 
loop_
_refine_ls_restr.type 
_refine_ls_restr.number 
_refine_ls_restr.dev_ideal 
_refine_ls_restr.dev_ideal_target 
_refine_ls_restr.weight 
_refine_ls_restr.pdbx_restraint_function 
_refine_ls_restr.pdbx_refine_id 
r_bond_refined_d       658  0.024  0.021  ? ? 'X-RAY DIFFRACTION' 
r_bond_other_d         445  0.005  0.020  ? ? 'X-RAY DIFFRACTION' 
r_angle_refined_deg    896  1.857  1.943  ? ? 'X-RAY DIFFRACTION' 
r_angle_other_deg      1079 1.026  3.000  ? ? 'X-RAY DIFFRACTION' 
r_dihedral_angle_1_deg 86   6.526  5.000  ? ? 'X-RAY DIFFRACTION' 
r_dihedral_angle_2_deg 35   39.112 23.143 ? ? 'X-RAY DIFFRACTION' 
r_dihedral_angle_3_deg 117  16.975 15.000 ? ? 'X-RAY DIFFRACTION' 
r_dihedral_angle_4_deg 9    15.253 15.000 ? ? 'X-RAY DIFFRACTION' 
r_chiral_restr         100  0.122  0.200  ? ? 'X-RAY DIFFRACTION' 
r_gen_planes_refined   743  0.007  0.020  ? ? 'X-RAY DIFFRACTION' 
r_gen_planes_other     133  0.001  0.020  ? ? 'X-RAY DIFFRACTION' 
r_mcbond_it            403  1.110  1.500  ? ? 'X-RAY DIFFRACTION' 
r_mcbond_other         164  0.355  1.500  ? ? 'X-RAY DIFFRACTION' 
r_mcangle_it           653  1.942  2.000  ? ? 'X-RAY DIFFRACTION' 
r_scbond_it            255  3.284  3.000  ? ? 'X-RAY DIFFRACTION' 
r_scangle_it           239  5.451  4.500  ? ? 'X-RAY DIFFRACTION' 
# 
_refine_ls_shell.d_res_high                       1.8970 
_refine_ls_shell.d_res_low                        1.9460 
_refine_ls_shell.pdbx_total_number_of_bins_used   20 
_refine_ls_shell.percent_reflns_obs               92.2400 
_refine_ls_shell.number_reflns_R_work             503 
_refine_ls_shell.R_factor_all                     ? 
_refine_ls_shell.R_factor_R_work                  0.2140 
_refine_ls_shell.R_factor_R_free                  0.3510 
_refine_ls_shell.percent_reflns_R_free            ? 
_refine_ls_shell.number_reflns_R_free             20 
_refine_ls_shell.R_factor_R_free_error            ? 
_refine_ls_shell.number_reflns_all                523 
_refine_ls_shell.number_reflns_obs                ? 
_refine_ls_shell.pdbx_refine_id                   'X-RAY DIFFRACTION' 
_refine_ls_shell.redundancy_reflns_obs            ? 
# 
_struct.entry_id                  3W63 
_struct.title                     'MamM-CTD 215-293' 
_struct.pdbx_model_details        ? 
_struct.pdbx_CASP_flag            ? 
_struct.pdbx_model_type_details   ? 
# 
_struct_keywords.entry_id        3W63 
_struct_keywords.pdbx_keywords   'METAL TRANSPORT' 
_struct_keywords.text            
'cation diffusion facilitator (CDF), divalent cation transport, METAL ION TRANSPORT, METAL TRANSPORT' 
# 
loop_
_struct_asym.id 
_struct_asym.pdbx_blank_PDB_chainid_flag 
_struct_asym.pdbx_modified 
_struct_asym.entity_id 
_struct_asym.details 
A N N 1 ? 
B N N 2 ? 
C N N 2 ? 
D N N 3 ? 
# 
_struct_biol.id        1 
_struct_biol.details   ? 
# 
loop_
_struct_conf.conf_type_id 
_struct_conf.id 
_struct_conf.pdbx_PDB_helix_id 
_struct_conf.beg_label_comp_id 
_struct_conf.beg_label_asym_id 
_struct_conf.beg_label_seq_id 
_struct_conf.pdbx_beg_PDB_ins_code 
_struct_conf.end_label_comp_id 
_struct_conf.end_label_asym_id 
_struct_conf.end_label_seq_id 
_struct_conf.pdbx_end_PDB_ins_code 
_struct_conf.beg_auth_comp_id 
_struct_conf.beg_auth_asym_id 
_struct_conf.beg_auth_seq_id 
_struct_conf.end_auth_comp_id 
_struct_conf.end_auth_asym_id 
_struct_conf.end_auth_seq_id 
_struct_conf.pdbx_PDB_helix_class 
_struct_conf.details 
_struct_conf.pdbx_PDB_helix_length 
HELX_P HELX_P1 1 HIS A 3  ? ARG A 17 ? HIS A 213 ARG A 227 1 ? 15 
HELX_P HELX_P2 2 THR A 49 ? ILE A 68 ? THR A 259 ILE A 278 1 ? 20 
# 
_struct_conf_type.id          HELX_P 
_struct_conf_type.criteria    ? 
_struct_conf_type.reference   ? 
# 
_struct_sheet.id               A 
_struct_sheet.type             ? 
_struct_sheet.number_strands   3 
_struct_sheet.details          ? 
# 
loop_
_struct_sheet_order.sheet_id 
_struct_sheet_order.range_id_1 
_struct_sheet_order.range_id_2 
_struct_sheet_order.offset 
_struct_sheet_order.sense 
A 1 2 ? anti-parallel 
A 2 3 ? parallel      
# 
loop_
_struct_sheet_range.sheet_id 
_struct_sheet_range.id 
_struct_sheet_range.beg_label_comp_id 
_struct_sheet_range.beg_label_asym_id 
_struct_sheet_range.beg_label_seq_id 
_struct_sheet_range.pdbx_beg_PDB_ins_code 
_struct_sheet_range.end_label_comp_id 
_struct_sheet_range.end_label_asym_id 
_struct_sheet_range.end_label_seq_id 
_struct_sheet_range.pdbx_end_PDB_ins_code 
_struct_sheet_range.beg_auth_comp_id 
_struct_sheet_range.beg_auth_asym_id 
_struct_sheet_range.beg_auth_seq_id 
_struct_sheet_range.end_auth_comp_id 
_struct_sheet_range.end_auth_asym_id 
_struct_sheet_range.end_auth_seq_id 
A 1 VAL A 24 ? VAL A 32 ? VAL A 234 VAL A 242 
A 2 ASP A 35 ? VAL A 44 ? ASP A 245 VAL A 254 
A 3 ILE A 71 ? ALA A 80 ? ILE A 281 ALA A 290 
# 
loop_
_pdbx_struct_sheet_hbond.sheet_id 
_pdbx_struct_sheet_hbond.range_id_1 
_pdbx_struct_sheet_hbond.range_id_2 
_pdbx_struct_sheet_hbond.range_1_label_atom_id 
_pdbx_struct_sheet_hbond.range_1_label_comp_id 
_pdbx_struct_sheet_hbond.range_1_label_asym_id 
_pdbx_struct_sheet_hbond.range_1_label_seq_id 
_pdbx_struct_sheet_hbond.range_1_PDB_ins_code 
_pdbx_struct_sheet_hbond.range_1_auth_atom_id 
_pdbx_struct_sheet_hbond.range_1_auth_comp_id 
_pdbx_struct_sheet_hbond.range_1_auth_asym_id 
_pdbx_struct_sheet_hbond.range_1_auth_seq_id 
_pdbx_struct_sheet_hbond.range_2_label_atom_id 
_pdbx_struct_sheet_hbond.range_2_label_comp_id 
_pdbx_struct_sheet_hbond.range_2_label_asym_id 
_pdbx_struct_sheet_hbond.range_2_label_seq_id 
_pdbx_struct_sheet_hbond.range_2_PDB_ins_code 
_pdbx_struct_sheet_hbond.range_2_auth_atom_id 
_pdbx_struct_sheet_hbond.range_2_auth_comp_id 
_pdbx_struct_sheet_hbond.range_2_auth_asym_id 
_pdbx_struct_sheet_hbond.range_2_auth_seq_id 
A 1 2 N ARG A 28 ? N ARG A 238 O ASP A 39 ? O ASP A 249 
A 2 3 N ILE A 42 ? N ILE A 252 O SER A 77 ? O SER A 287 
# 
loop_
_struct_site.id 
_struct_site.pdbx_evidence_code 
_struct_site.pdbx_auth_asym_id 
_struct_site.pdbx_auth_comp_id 
_struct_site.pdbx_auth_seq_id 
_struct_site.pdbx_auth_ins_code 
_struct_site.pdbx_num_residues 
_struct_site.details 
AC1 Software A SO4 301 ? 9 'BINDING SITE FOR RESIDUE SO4 A 301' 
AC2 Software A SO4 302 ? 6 'BINDING SITE FOR RESIDUE SO4 A 302' 
# 
loop_
_struct_site_gen.id 
_struct_site_gen.site_id 
_struct_site_gen.pdbx_num_res 
_struct_site_gen.label_comp_id 
_struct_site_gen.label_asym_id 
_struct_site_gen.label_seq_id 
_struct_site_gen.pdbx_auth_ins_code 
_struct_site_gen.auth_comp_id 
_struct_site_gen.auth_asym_id 
_struct_site_gen.auth_seq_id 
_struct_site_gen.label_atom_id 
_struct_site_gen.label_alt_id 
_struct_site_gen.symmetry 
_struct_site_gen.details 
1  AC1 9 ALA A 6  ? ALA A 216 . ? 3_555 ? 
2  AC1 9 ARG A 10 ? ARG A 220 . ? 1_555 ? 
3  AC1 9 LYS A 67 ? LYS A 277 . ? 1_555 ? 
4  AC1 9 ILE A 68 ? ILE A 278 . ? 1_555 ? 
5  AC1 9 ARG A 69 ? ARG A 279 . ? 1_555 ? 
6  AC1 9 ARG A 70 ? ARG A 280 . ? 1_555 ? 
7  AC1 9 HOH D .  ? HOH A 404 . ? 1_555 ? 
8  AC1 9 HOH D .  ? HOH A 454 . ? 1_555 ? 
9  AC1 9 HOH D .  ? HOH A 455 . ? 1_555 ? 
10 AC2 6 HIS A 3  ? HIS A 213 . ? 1_555 ? 
11 AC2 6 HIS A 3  ? HIS A 213 . ? 3_555 ? 
12 AC2 6 ARG A 70 ? ARG A 280 . ? 3_555 ? 
13 AC2 6 ARG A 70 ? ARG A 280 . ? 1_555 ? 
14 AC2 6 HOH D .  ? HOH A 453 . ? 1_555 ? 
15 AC2 6 HOH D .  ? HOH A 453 . ? 3_555 ? 
# 
_atom_sites.entry_id                    3W63 
_atom_sites.fract_transf_matrix[1][1]   0.02642139 
_atom_sites.fract_transf_matrix[1][2]   -0.00531782 
_atom_sites.fract_transf_matrix[1][3]   -0.00254359 
_atom_sites.fract_transf_matrix[2][1]   0.00227628 
_atom_sites.fract_transf_matrix[2][2]   0.00905615 
_atom_sites.fract_transf_matrix[2][3]   0.00471119 
_atom_sites.fract_transf_matrix[3][1]   -0.00013192 
_atom_sites.fract_transf_matrix[3][2]   -0.00851524 
_atom_sites.fract_transf_matrix[3][3]   0.01643227 
_atom_sites.fract_transf_vector[1]      -0.009635 
_atom_sites.fract_transf_vector[2]      -0.145265 
_atom_sites.fract_transf_vector[3]      -0.011356 
# 
loop_
_atom_type.symbol 
C 
N 
O 
S 
# 
loop_
_atom_site.group_PDB 
_atom_site.id 
_atom_site.type_symbol 
_atom_site.label_atom_id 
_atom_site.label_alt_id 
_atom_site.label_comp_id 
_atom_site.label_asym_id 
_atom_site.label_entity_id 
_atom_site.label_seq_id 
_atom_site.pdbx_PDB_ins_code 
_atom_site.Cartn_x 
_atom_site.Cartn_y 
_atom_site.Cartn_z 
_atom_site.occupancy 
_atom_site.B_iso_or_equiv 
_atom_site.pdbx_formal_charge 
_atom_site.auth_seq_id 
_atom_site.auth_comp_id 
_atom_site.auth_asym_id 
_atom_site.auth_atom_id 
_atom_site.pdbx_PDB_model_num 
ATOM   1   N N   . HIS A 1 3  ? -9.867  -16.014 3.820   1.00 49.58 ? 213 HIS A N   1 
ATOM   2   C CA  . HIS A 1 3  ? -8.372  -16.332 3.780   1.00 47.90 ? 213 HIS A CA  1 
ATOM   3   C C   . HIS A 1 3  ? -7.530  -15.165 3.132   1.00 44.25 ? 213 HIS A C   1 
ATOM   4   O O   . HIS A 1 3  ? -6.619  -14.560 3.766   1.00 43.74 ? 213 HIS A O   1 
ATOM   5   C CB  . HIS A 1 3  ? -8.196  -17.697 3.073   1.00 48.86 ? 213 HIS A CB  1 
ATOM   6   C CG  . HIS A 1 3  ? -6.802  -18.001 2.601   0.50 49.33 ? 213 HIS A CG  1 
ATOM   7   N ND1 . HIS A 1 3  ? -5.752  -18.244 3.465   0.50 50.48 ? 213 HIS A ND1 1 
ATOM   8   C CD2 . HIS A 1 3  ? -6.310  -18.187 1.353   0.50 50.33 ? 213 HIS A CD2 1 
ATOM   9   C CE1 . HIS A 1 3  ? -4.665  -18.522 2.767   0.50 50.19 ? 213 HIS A CE1 1 
ATOM   10  N NE2 . HIS A 1 3  ? -4.977  -18.500 1.483   0.50 51.01 ? 213 HIS A NE2 1 
ATOM   11  N N   . MET A 1 4  ? -7.838  -14.860 1.874   1.00 42.05 ? 214 MET A N   1 
ATOM   12  C CA  . MET A 1 4  ? -7.357  -13.637 1.247   1.00 38.28 ? 214 MET A CA  1 
ATOM   13  C C   . MET A 1 4  ? -7.918  -12.372 1.913   1.00 35.17 ? 214 MET A C   1 
ATOM   14  O O   . MET A 1 4  ? -7.181  -11.421 2.058   1.00 32.18 ? 214 MET A O   1 
ATOM   15  C CB  . MET A 1 4  ? -7.721  -13.617 -0.235  1.00 39.71 ? 214 MET A CB  1 
ATOM   16  C CG  . MET A 1 4  ? -7.257  -12.361 -0.970  1.00 40.48 ? 214 MET A CG  1 
ATOM   17  S SD  . MET A 1 4  ? -5.486  -12.214 -1.051  1.00 40.88 ? 214 MET A SD  1 
ATOM   18  C CE  . MET A 1 4  ? -5.296  -13.252 -2.496  1.00 39.89 ? 214 MET A CE  1 
ATOM   19  N N   . GLU A 1 5  ? -9.188  -12.326 2.305   1.00 33.90 ? 215 GLU A N   1 
ATOM   20  C CA  . GLU A 1 5  ? -9.730  -11.056 2.888   1.00 33.67 ? 215 GLU A CA  1 
ATOM   21  C C   . GLU A 1 5  ? -8.954  -10.606 4.150   1.00 31.28 ? 215 GLU A C   1 
ATOM   22  O O   . GLU A 1 5  ? -8.730  -9.413  4.359   1.00 28.39 ? 215 GLU A O   1 
ATOM   23  C CB  . GLU A 1 5  ? -11.199 -11.154 3.212   1.00 36.27 ? 215 GLU A CB  1 
ATOM   24  C CG  . GLU A 1 5  ? -11.831 -9.790  3.494   1.00 39.18 ? 215 GLU A CG  1 
ATOM   25  C CD  . GLU A 1 5  ? -13.143 -9.858  4.231   0.51 42.56 ? 215 GLU A CD  1 
ATOM   26  O OE1 . GLU A 1 5  ? -13.805 -10.903 4.214   0.50 43.25 ? 215 GLU A OE1 1 
ATOM   27  O OE2 . GLU A 1 5  ? -13.515 -8.830  4.829   0.75 47.85 ? 215 GLU A OE2 1 
ATOM   28  N N   . ALA A 1 6  ? -8.558  -11.576 4.975   1.00 29.69 ? 216 ALA A N   1 
ATOM   29  C CA  . ALA A 1 6  ? -7.723  -11.321 6.156   1.00 28.24 ? 216 ALA A CA  1 
ATOM   30  C C   . ALA A 1 6  ? -6.364  -10.678 5.805   1.00 26.08 ? 216 ALA A C   1 
ATOM   31  O O   . ALA A 1 6  ? -5.879  -9.804  6.524   1.00 25.19 ? 216 ALA A O   1 
ATOM   32  C CB  . ALA A 1 6  ? -7.505  -12.643 6.909   1.00 29.32 ? 216 ALA A CB  1 
ATOM   33  N N   . VAL A 1 7  ? -5.733  -11.142 4.723   1.00 23.38 ? 217 VAL A N   1 
ATOM   34  C CA  . VAL A 1 7  ? -4.525  -10.543 4.210   1.00 22.51 ? 217 VAL A CA  1 
ATOM   35  C C   . VAL A 1 7  ? -4.824  -9.150  3.651   1.00 20.89 ? 217 VAL A C   1 
ATOM   36  O O   . VAL A 1 7  ? -4.118  -8.214  3.942   1.00 19.00 ? 217 VAL A O   1 
ATOM   37  C CB  . VAL A 1 7  ? -3.882  -11.418 3.100   1.00 22.24 ? 217 VAL A CB  1 
ATOM   38  C CG1 . VAL A 1 7  ? -2.618  -10.737 2.526   1.00 22.03 ? 217 VAL A CG1 1 
ATOM   39  C CG2 . VAL A 1 7  ? -3.472  -12.786 3.643   1.00 25.47 ? 217 VAL A CG2 1 
ATOM   40  N N   . GLN A 1 8  ? -5.876  -8.991  2.848   1.00 20.44 ? 218 GLN A N   1 
ATOM   41  C CA  . GLN A 1 8  ? -6.207  -7.657  2.380   1.00 22.44 ? 218 GLN A CA  1 
ATOM   42  C C   . GLN A 1 8  ? -6.417  -6.660  3.463   1.00 22.77 ? 218 GLN A C   1 
ATOM   43  O O   . GLN A 1 8  ? -5.981  -5.509  3.368   1.00 20.44 ? 218 GLN A O   1 
ATOM   44  C CB  . GLN A 1 8  ? -7.414  -7.699  1.466   1.00 23.51 ? 218 GLN A CB  1 
ATOM   45  C CG  . GLN A 1 8  ? -7.086  -8.406  0.186   1.00 27.22 ? 218 GLN A CG  1 
ATOM   46  C CD  . GLN A 1 8  ? -8.273  -8.486  -0.730  1.00 34.67 ? 218 GLN A CD  1 
ATOM   47  O OE1 . GLN A 1 8  ? -8.936  -9.496  -0.806  1.00 41.18 ? 218 GLN A OE1 1 
ATOM   48  N NE2 . GLN A 1 8  ? -8.526  -7.427  -1.436  1.00 43.09 ? 218 GLN A NE2 1 
ATOM   49  N N   . ASN A 1 9  ? -7.095  -7.077  4.515   1.00 23.57 ? 219 ASN A N   1 
ATOM   50  C CA  . ASN A 1 9  ? -7.299  -6.199  5.675   1.00 23.74 ? 219 ASN A CA  1 
ATOM   51  C C   . ASN A 1 9  ? -5.991  -5.776  6.341   1.00 22.71 ? 219 ASN A C   1 
ATOM   52  O O   . ASN A 1 9  ? -5.818  -4.624  6.677   1.00 23.39 ? 219 ASN A O   1 
ATOM   53  C CB  . ASN A 1 9  ? -8.151  -6.890  6.736   1.00 25.87 ? 219 ASN A CB  1 
ATOM   54  C CG  . ASN A 1 9  ? -9.616  -6.913  6.396   1.00 26.92 ? 219 ASN A CG  1 
ATOM   55  O OD1 . ASN A 1 9  ? -10.089 -6.056  5.685   1.00 32.08 ? 219 ASN A OD1 1 
ATOM   56  N ND2 . ASN A 1 9  ? -10.338 -7.914  6.902   1.00 29.12 ? 219 ASN A ND2 1 
ATOM   57  N N   . ARG A 1 10 ? -5.088  -6.721  6.552   1.00 20.80 ? 220 ARG A N   1 
ATOM   58  C CA  . ARG A 1 10 ? -3.774  -6.414  7.102   1.00 20.02 ? 220 ARG A CA  1 
ATOM   59  C C   . ARG A 1 10 ? -2.968  -5.419  6.232   1.00 17.48 ? 220 ARG A C   1 
ATOM   60  O O   . ARG A 1 10 ? -2.284  -4.539  6.775   1.00 18.60 ? 220 ARG A O   1 
ATOM   61  C CB  . ARG A 1 10 ? -3.000  -7.710  7.281   1.00 19.25 ? 220 ARG A CB  1 
ATOM   62  C CG  . ARG A 1 10 ? -3.515  -8.570  8.427   1.00 20.50 ? 220 ARG A CG  1 
ATOM   63  C CD  . ARG A 1 10 ? -2.892  -9.960  8.446   1.00 21.01 ? 220 ARG A CD  1 
ATOM   64  N NE  . ARG A 1 10 ? -1.431  -9.921  8.640   1.00 21.75 ? 220 ARG A NE  1 
ATOM   65  C CZ  . ARG A 1 10 ? -0.571  -10.869 8.277   1.00 21.30 ? 220 ARG A CZ  1 
ATOM   66  N NH1 . ARG A 1 10 ? 0.699   -10.691 8.517   1.00 23.66 ? 220 ARG A NH1 1 
ATOM   67  N NH2 . ARG A 1 10 ? -0.947  -11.951 7.624   1.00 23.28 ? 220 ARG A NH2 1 
ATOM   68  N N   . ILE A 1 11 ? -3.030  -5.578  4.910   1.00 16.86 ? 221 ILE A N   1 
ATOM   69  C CA  . ILE A 1 11 ? -2.420  -4.652  3.965   1.00 16.52 ? 221 ILE A CA  1 
ATOM   70  C C   . ILE A 1 11 ? -2.936  -3.218  4.126   1.00 17.34 ? 221 ILE A C   1 
ATOM   71  O O   . ILE A 1 11 ? -2.147  -2.255  4.255   1.00 15.82 ? 221 ILE A O   1 
ATOM   72  C CB  . ILE A 1 11 ? -2.515  -5.166  2.494   1.00 16.11 ? 221 ILE A CB  1 
ATOM   73  C CG1 . ILE A 1 11 ? -1.670  -6.429  2.330   1.00 16.73 ? 221 ILE A CG1 1 
ATOM   74  C CG2 . ILE A 1 11 ? -1.984  -4.101  1.439   1.00 13.43 ? 221 ILE A CG2 1 
ATOM   75  C CD1 . ILE A 1 11 ? -1.813  -7.122  0.922   1.00 17.40 ? 221 ILE A CD1 1 
ATOM   76  N N   . VAL A 1 12 ? -4.270  -3.054  4.106   1.00 18.11 ? 222 VAL A N   1 
ATOM   77  C CA  . VAL A 1 12 ? -4.880  -1.726  4.250   1.00 18.84 ? 222 VAL A CA  1 
ATOM   78  C C   . VAL A 1 12 ? -4.506  -1.114  5.595   1.00 19.87 ? 222 VAL A C   1 
ATOM   79  O O   . VAL A 1 12 ? -4.118  0.048   5.666   1.00 20.23 ? 222 VAL A O   1 
ATOM   80  C CB  . VAL A 1 12 ? -6.455  -1.784  4.055   1.00 19.88 ? 222 VAL A CB  1 
ATOM   81  C CG1 . VAL A 1 12 ? -7.094  -0.450  4.388   1.00 20.53 ? 222 VAL A CG1 1 
ATOM   82  C CG2 . VAL A 1 12 ? -6.829  -2.231  2.616   1.00 20.39 ? 222 VAL A CG2 1 
ATOM   83  N N   . GLU A 1 13 ? -4.626  -1.895  6.662   1.00 22.12 ? 223 GLU A N   1 
ATOM   84  C CA  A GLU A 1 13 ? -4.268  -1.356  7.972   0.50 22.86 ? 223 GLU A CA  1 
ATOM   85  C CA  B GLU A 1 13 ? -4.172  -1.587  8.050   0.50 23.64 ? 223 GLU A CA  1 
ATOM   86  C C   . GLU A 1 13 ? -2.805  -0.953  8.047   1.00 22.08 ? 223 GLU A C   1 
ATOM   87  O O   . GLU A 1 13 ? -2.540  0.113   8.614   1.00 24.06 ? 223 GLU A O   1 
ATOM   88  C CB  A GLU A 1 13 ? -4.658  -2.298  9.131   0.50 22.78 ? 223 GLU A CB  1 
ATOM   89  C CB  B GLU A 1 13 ? -4.015  -2.918  8.865   0.50 24.28 ? 223 GLU A CB  1 
ATOM   90  C CG  A GLU A 1 13 ? -4.008  -1.942  10.478  0.50 24.94 ? 223 GLU A CG  1 
ATOM   91  C CG  B GLU A 1 13 ? -4.957  -3.296  10.018  0.50 27.91 ? 223 GLU A CG  1 
ATOM   92  C CD  A GLU A 1 13 ? -4.704  -0.794  11.184  0.50 29.19 ? 223 GLU A CD  1 
ATOM   93  C CD  B GLU A 1 13 ? -4.862  -4.797  10.403  0.50 26.77 ? 223 GLU A CD  1 
ATOM   94  O OE1 A GLU A 1 13 ? -4.070  -0.175  12.078  0.50 29.08 ? 223 GLU A OE1 1 
ATOM   95  O OE1 B GLU A 1 13 ? -3.782  -5.330  10.820  0.50 24.36 ? 223 GLU A OE1 1 
ATOM   96  O OE2 A GLU A 1 13 ? -5.893  -0.531  10.849  0.50 33.46 ? 223 GLU A OE2 1 
ATOM   97  O OE2 B GLU A 1 13 ? -5.872  -5.484  10.216  0.50 27.49 ? 223 GLU A OE2 1 
ATOM   98  N N   . ALA A 1 14 ? -1.886  -1.713  7.472   1.00 19.94 ? 224 ALA A N   1 
ATOM   99  C CA  . ALA A 1 14 ? -0.487  -1.360  7.487   1.00 19.06 ? 224 ALA A CA  1 
ATOM   100 C C   . ALA A 1 14 ? -0.238  -0.074  6.708   1.00 18.92 ? 224 ALA A C   1 
ATOM   101 O O   . ALA A 1 14 ? 0.478   0.796   7.163   1.00 19.04 ? 224 ALA A O   1 
ATOM   102 C CB  . ALA A 1 14 ? 0.357   -2.480  6.870   1.00 18.35 ? 224 ALA A CB  1 
ATOM   103 N N   . ALA A 1 15 ? -0.850  0.069   5.548   1.00 17.76 ? 225 ALA A N   1 
ATOM   104 C CA  . ALA A 1 15 ? -0.715  1.304   4.772   1.00 16.37 ? 225 ALA A CA  1 
ATOM   105 C C   . ALA A 1 15 ? -1.250  2.560   5.508   1.00 16.55 ? 225 ALA A C   1 
ATOM   106 O O   . ALA A 1 15 ? -0.617  3.647   5.508   1.00 15.23 ? 225 ALA A O   1 
ATOM   107 C CB  . ALA A 1 15 ? -1.426  1.128   3.449   1.00 15.83 ? 225 ALA A CB  1 
ATOM   108 N N   . GLU A 1 16 ? -2.407  2.408   6.133   1.00 17.17 ? 226 GLU A N   1 
ATOM   109 C CA  . GLU A 1 16 ? -3.041  3.528   6.860   1.00 19.14 ? 226 GLU A CA  1 
ATOM   110 C C   . GLU A 1 16 ? -2.245  4.045   8.077   1.00 19.89 ? 226 GLU A C   1 
ATOM   111 O O   . GLU A 1 16 ? -2.374  5.216   8.431   1.00 20.32 ? 226 GLU A O   1 
ATOM   112 C CB  . GLU A 1 16 ? -4.453  3.199   7.223   1.00 21.20 ? 226 GLU A CB  1 
ATOM   113 C CG  . GLU A 1 16 ? -5.359  3.007   6.012   1.00 23.30 ? 226 GLU A CG  1 
ATOM   114 C CD  . GLU A 1 16 ? -6.799  2.651   6.430   0.88 30.48 ? 226 GLU A CD  1 
ATOM   115 O OE1 . GLU A 1 16 ? -7.009  2.122   7.555   1.00 34.81 ? 226 GLU A OE1 1 
ATOM   116 O OE2 . GLU A 1 16 ? -7.707  2.886   5.622   0.76 33.27 ? 226 GLU A OE2 1 
ATOM   117 N N   . ARG A 1 17 ? -1.350  3.236   8.611   1.00 19.09 ? 227 ARG A N   1 
ATOM   118 C CA  . ARG A 1 17 ? -0.506  3.664   9.705   1.00 21.45 ? 227 ARG A CA  1 
ATOM   119 C C   . ARG A 1 17 ? 0.724   4.462   9.302   1.00 21.49 ? 227 ARG A C   1 
ATOM   120 O O   . ARG A 1 17 ? 1.451   4.921   10.165  1.00 21.94 ? 227 ARG A O   1 
ATOM   121 C CB  . ARG A 1 17 ? -0.097  2.450   10.512  1.00 22.68 ? 227 ARG A CB  1 
ATOM   122 C CG  . ARG A 1 17 ? -1.291  1.671   11.085  1.00 28.48 ? 227 ARG A CG  1 
ATOM   123 C CD  . ARG A 1 17 ? -1.936  2.284   12.271  1.00 33.65 ? 227 ARG A CD  1 
ATOM   124 N NE  . ARG A 1 17 ? -2.519  3.627   12.020  1.00 37.64 ? 227 ARG A NE  1 
ATOM   125 C CZ  . ARG A 1 17 ? -3.748  3.892   11.562  1.00 36.33 ? 227 ARG A CZ  1 
ATOM   126 N NH1 . ARG A 1 17 ? -4.092  5.137   11.359  1.00 33.63 ? 227 ARG A NH1 1 
ATOM   127 N NH2 . ARG A 1 17 ? -4.623  2.926   11.295  1.00 40.90 ? 227 ARG A NH2 1 
ATOM   128 N N   . VAL A 1 18 ? 0.966   4.651   7.994   1.00 18.70 ? 228 VAL A N   1 
ATOM   129 C CA  . VAL A 1 18 ? 2.114   5.414   7.533   1.00 18.26 ? 228 VAL A CA  1 
ATOM   130 C C   . VAL A 1 18 ? 1.703   6.893   7.423   1.00 17.78 ? 228 VAL A C   1 
ATOM   131 O O   . VAL A 1 18 ? 0.691   7.209   6.818   1.00 15.23 ? 228 VAL A O   1 
ATOM   132 C CB  . VAL A 1 18 ? 2.612   4.899   6.159   1.00 17.66 ? 228 VAL A CB  1 
ATOM   133 C CG1 . VAL A 1 18 ? 3.718   5.767   5.575   1.00 17.46 ? 228 VAL A CG1 1 
ATOM   134 C CG2 . VAL A 1 18 ? 3.077   3.396   6.314   1.00 17.69 ? 228 VAL A CG2 1 
ATOM   135 N N   . PRO A 1 19 ? 2.502   7.798   8.037   1.00 17.90 ? 229 PRO A N   1 
ATOM   136 C CA  . PRO A 1 19 ? 2.217   9.230   7.951   1.00 18.64 ? 229 PRO A CA  1 
ATOM   137 C C   . PRO A 1 19 ? 2.071   9.685   6.460   1.00 18.22 ? 229 PRO A C   1 
ATOM   138 O O   . PRO A 1 19 ? 2.900   9.304   5.589   1.00 18.17 ? 229 PRO A O   1 
ATOM   139 C CB  . PRO A 1 19 ? 3.437   9.880   8.618   1.00 20.18 ? 229 PRO A CB  1 
ATOM   140 C CG  . PRO A 1 19 ? 3.997   8.802   9.548   1.00 20.31 ? 229 PRO A CG  1 
ATOM   141 C CD  . PRO A 1 19 ? 3.632   7.467   8.916   1.00 19.38 ? 229 PRO A CD  1 
ATOM   142 N N   . GLY A 1 20 ? 0.978   10.380  6.176   1.00 17.72 ? 230 GLY A N   1 
ATOM   143 C CA  . GLY A 1 20 ? 0.712   10.902  4.832   1.00 18.54 ? 230 GLY A CA  1 
ATOM   144 C C   . GLY A 1 20 ? -0.300  10.123  4.028   1.00 16.86 ? 230 GLY A C   1 
ATOM   145 O O   . GLY A 1 20 ? -0.731  10.570  2.955   1.00 17.71 ? 230 GLY A O   1 
ATOM   146 N N   . VAL A 1 21 ? -0.605  8.901   4.481   1.00 16.57 ? 231 VAL A N   1 
ATOM   147 C CA  . VAL A 1 21 ? -1.628  8.104   3.813   1.00 16.16 ? 231 VAL A CA  1 
ATOM   148 C C   . VAL A 1 21 ? -3.023  8.659   4.152   1.00 19.01 ? 231 VAL A C   1 
ATOM   149 O O   . VAL A 1 21 ? -3.412  8.677   5.310   1.00 21.66 ? 231 VAL A O   1 
ATOM   150 C CB  . VAL A 1 21 ? -1.454  6.573   4.115   1.00 16.62 ? 231 VAL A CB  1 
ATOM   151 C CG1 . VAL A 1 21 ? -2.584  5.744   3.478   1.00 14.99 ? 231 VAL A CG1 1 
ATOM   152 C CG2 . VAL A 1 21 ? -0.092  6.135   3.535   1.00 13.58 ? 231 VAL A CG2 1 
ATOM   153 N N   . ARG A 1 22 ? -3.776  9.052   3.121   1.00 19.21 ? 232 ARG A N   1 
ATOM   154 C CA  . ARG A 1 22 ? -5.185  9.473   3.286   1.00 21.72 ? 232 ARG A CA  1 
ATOM   155 C C   . ARG A 1 22 ? -6.046  8.472   2.562   1.00 22.64 ? 232 ARG A C   1 
ATOM   156 O O   . ARG A 1 22 ? -6.603  8.725   1.482   1.00 25.16 ? 232 ARG A O   1 
ATOM   157 C CB  . ARG A 1 22 ? -5.421  10.825  2.699   1.00 21.53 ? 232 ARG A CB  1 
ATOM   158 C CG  . ARG A 1 22 ? -4.700  11.960  3.410   1.00 27.58 ? 232 ARG A CG  1 
ATOM   159 C CD  . ARG A 1 22 ? -5.131  13.297  2.698   1.00 35.93 ? 232 ARG A CD  1 
ATOM   160 N NE  . ARG A 1 22 ? -4.582  14.518  3.318   1.00 40.05 ? 232 ARG A NE  1 
ATOM   161 C CZ  . ARG A 1 22 ? -4.938  15.766  3.013   1.00 37.43 ? 232 ARG A CZ  1 
ATOM   162 N NH1 . ARG A 1 22 ? -5.878  16.027  2.086   1.00 35.52 ? 232 ARG A NH1 1 
ATOM   163 N NH2 . ARG A 1 22 ? -4.348  16.752  3.666   1.00 41.57 ? 232 ARG A NH2 1 
ATOM   164 N N   . GLY A 1 23 ? -6.132  7.313   3.159   1.00 22.57 ? 233 GLY A N   1 
ATOM   165 C CA  . GLY A 1 23 ? -6.887  6.229   2.634   1.00 22.70 ? 233 GLY A CA  1 
ATOM   166 C C   . GLY A 1 23 ? -6.181  5.353   1.627   1.00 21.40 ? 233 GLY A C   1 
ATOM   167 O O   . GLY A 1 23 ? -5.243  5.762   0.932   1.00 20.19 ? 233 GLY A O   1 
ATOM   168 N N   . VAL A 1 24 ? -6.698  4.135   1.511   1.00 21.62 ? 234 VAL A N   1 
ATOM   169 C CA  . VAL A 1 24 ? -6.363  3.261   0.396   1.00 20.88 ? 234 VAL A CA  1 
ATOM   170 C C   . VAL A 1 24 ? -7.490  3.376   -0.656  1.00 22.20 ? 234 VAL A C   1 
ATOM   171 O O   . VAL A 1 24 ? -8.615  2.989   -0.420  1.00 23.94 ? 234 VAL A O   1 
ATOM   172 C CB  . VAL A 1 24 ? -6.101  1.820   0.862   1.00 21.81 ? 234 VAL A CB  1 
ATOM   173 C CG1 . VAL A 1 24 ? -5.716  0.913   -0.331  1.00 19.60 ? 234 VAL A CG1 1 
ATOM   174 C CG2 . VAL A 1 24 ? -4.967  1.819   1.952   1.00 21.74 ? 234 VAL A CG2 1 
ATOM   175 N N   . ILE A 1 25 ? -7.148  3.907   -1.831  1.00 20.08 ? 235 ILE A N   1 
ATOM   176 C CA  . ILE A 1 25 ? -8.053  4.082   -2.939  1.00 20.12 ? 235 ILE A CA  1 
ATOM   177 C C   . ILE A 1 25 ? -8.346  2.731   -3.613  1.00 20.56 ? 235 ILE A C   1 
ATOM   178 O O   . ILE A 1 25 ? -9.460  2.451   -3.975  1.00 20.15 ? 235 ILE A O   1 
ATOM   179 C CB  . ILE A 1 25 ? -7.467  5.120   -3.949  1.00 20.44 ? 235 ILE A CB  1 
ATOM   180 C CG1 . ILE A 1 25 ? -7.479  6.513   -3.289  1.00 21.45 ? 235 ILE A CG1 1 
ATOM   181 C CG2 . ILE A 1 25 ? -8.233  5.110   -5.285  1.00 20.39 ? 235 ILE A CG2 1 
ATOM   182 C CD1 . ILE A 1 25 ? -6.632  7.618   -4.004  1.00 19.18 ? 235 ILE A CD1 1 
ATOM   183 N N   . HIS A 1 26 ? -7.320  1.908   -3.755  1.00 21.22 ? 236 HIS A N   1 
ATOM   184 C CA  . HIS A 1 26 ? -7.350  0.658   -4.548  1.00 21.21 ? 236 HIS A CA  1 
ATOM   185 C C   . HIS A 1 26 ? -6.318  -0.354  -4.024  1.00 20.75 ? 236 HIS A C   1 
ATOM   186 O O   . HIS A 1 26 ? -5.163  0.018   -3.705  1.00 19.41 ? 236 HIS A O   1 
ATOM   187 C CB  . HIS A 1 26 ? -7.049  0.920   -6.029  1.00 20.67 ? 236 HIS A CB  1 
ATOM   188 C CG  . HIS A 1 26 ? -6.963  -0.328  -6.865  1.00 21.02 ? 236 HIS A CG  1 
ATOM   189 N ND1 . HIS A 1 26 ? -8.003  -1.235  -6.984  1.00 18.13 ? 236 HIS A ND1 1 
ATOM   190 C CD2 . HIS A 1 26 ? -5.931  -0.847  -7.582  1.00 21.54 ? 236 HIS A CD2 1 
ATOM   191 C CE1 . HIS A 1 26 ? -7.620  -2.236  -7.754  1.00 22.50 ? 236 HIS A CE1 1 
ATOM   192 N NE2 . HIS A 1 26 ? -6.380  -2.001  -8.161  1.00 22.55 ? 236 HIS A NE2 1 
ATOM   193 N N   . LEU A 1 27 ? -6.746  -1.617  -3.919  1.00 19.83 ? 237 LEU A N   1 
ATOM   194 C CA  . LEU A 1 27 ? -5.815  -2.701  -3.598  1.00 18.64 ? 237 LEU A CA  1 
ATOM   195 C C   . LEU A 1 27 ? -6.244  -3.936  -4.350  1.00 20.90 ? 237 LEU A C   1 
ATOM   196 O O   . LEU A 1 27 ? -7.331  -4.461  -4.112  1.00 19.81 ? 237 LEU A O   1 
ATOM   197 C CB  . LEU A 1 27 ? -5.790  -2.983  -2.102  1.00 18.38 ? 237 LEU A CB  1 
ATOM   198 C CG  . LEU A 1 27 ? -4.988  -4.240  -1.669  1.00 18.53 ? 237 LEU A CG  1 
ATOM   199 C CD1 . LEU A 1 27 ? -3.527  -4.180  -2.017  1.00 18.99 ? 237 LEU A CD1 1 
ATOM   200 C CD2 . LEU A 1 27 ? -5.224  -4.542  -0.190  1.00 20.71 ? 237 LEU A CD2 1 
ATOM   201 N N   . ARG A 1 28 ? -5.380  -4.381  -5.247  1.00 19.65 ? 238 ARG A N   1 
ATOM   202 C CA  . ARG A 1 28 ? -5.472  -5.676  -5.879  1.00 22.83 ? 238 ARG A CA  1 
ATOM   203 C C   . ARG A 1 28 ? -4.398  -6.588  -5.280  1.00 23.28 ? 238 ARG A C   1 
ATOM   204 O O   . ARG A 1 28 ? -3.238  -6.213  -5.279  1.00 23.75 ? 238 ARG A O   1 
ATOM   205 C CB  . ARG A 1 28 ? -5.202  -5.517  -7.385  1.00 23.59 ? 238 ARG A CB  1 
ATOM   206 C CG  . ARG A 1 28 ? -5.442  -6.803  -8.102  1.00 30.50 ? 238 ARG A CG  1 
ATOM   207 C CD  . ARG A 1 28 ? -4.658  -6.929  -9.385  1.00 37.29 ? 238 ARG A CD  1 
ATOM   208 N NE  . ARG A 1 28 ? -5.046  -8.206  -9.987  0.50 43.61 ? 238 ARG A NE  1 
ATOM   209 C CZ  . ARG A 1 28 ? -4.356  -8.867  -10.905 1.00 48.84 ? 238 ARG A CZ  1 
ATOM   210 N NH1 . ARG A 1 28 ? -4.820  -10.029 -11.366 1.00 48.97 ? 238 ARG A NH1 1 
ATOM   211 N NH2 . ARG A 1 28 ? -3.215  -8.370  -11.380 1.00 51.98 ? 238 ARG A NH2 1 
ATOM   212 N N   . ALA A 1 29 ? -4.782  -7.799  -4.856  1.00 22.46 ? 239 ALA A N   1 
ATOM   213 C CA  . ALA A 1 29 ? -3.837  -8.771  -4.267  1.00 24.84 ? 239 ALA A CA  1 
ATOM   214 C C   . ALA A 1 29 ? -4.228  -10.133 -4.728  1.00 25.37 ? 239 ALA A C   1 
ATOM   215 O O   . ALA A 1 29 ? -5.401  -10.471 -4.746  1.00 29.01 ? 239 ALA A O   1 
ATOM   216 C CB  . ALA A 1 29 ? -3.846  -8.723  -2.738  1.00 21.54 ? 239 ALA A CB  1 
ATOM   217 N N   . ARG A 1 30 ? -3.259  -10.878 -5.205  1.00 25.45 ? 240 ARG A N   1 
ATOM   218 C CA  A ARG A 1 30 ? -3.536  -12.225 -5.673  0.50 25.71 ? 240 ARG A CA  1 
ATOM   219 C CA  B ARG A 1 30 ? -3.496  -12.223 -5.734  0.50 26.16 ? 240 ARG A CA  1 
ATOM   220 C C   . ARG A 1 30 ? -2.363  -13.121 -5.324  1.00 25.88 ? 240 ARG A C   1 
ATOM   221 O O   . ARG A 1 30 ? -1.221  -12.659 -5.124  1.00 22.45 ? 240 ARG A O   1 
ATOM   222 C CB  A ARG A 1 30 ? -3.833  -12.227 -7.187  0.50 26.85 ? 240 ARG A CB  1 
ATOM   223 C CB  B ARG A 1 30 ? -3.603  -12.211 -7.272  0.50 27.59 ? 240 ARG A CB  1 
ATOM   224 C CG  A ARG A 1 30 ? -4.937  -11.226 -7.645  0.50 26.69 ? 240 ARG A CG  1 
ATOM   225 C CG  B ARG A 1 30 ? -2.269  -12.122 -8.037  0.50 28.97 ? 240 ARG A CG  1 
ATOM   226 C CD  A ARG A 1 30 ? -6.345  -11.577 -7.102  0.50 26.50 ? 240 ARG A CD  1 
ATOM   227 C CD  B ARG A 1 30 ? -2.513  -11.874 -9.501  0.50 32.21 ? 240 ARG A CD  1 
ATOM   228 N NE  A ARG A 1 30 ? -7.309  -10.485 -7.234  0.50 25.23 ? 240 ARG A NE  1 
ATOM   229 N NE  B ARG A 1 30 ? -1.589  -10.900 -10.060 0.50 34.94 ? 240 ARG A NE  1 
ATOM   230 C CZ  A ARG A 1 30 ? -7.774  -10.102 -8.401  0.50 25.32 ? 240 ARG A CZ  1 
ATOM   231 C CZ  B ARG A 1 30 ? -0.576  -11.199 -10.868 0.50 38.16 ? 240 ARG A CZ  1 
ATOM   232 N NH1 A ARG A 1 30 ? -8.662  -9.124  -8.520  0.50 16.63 ? 240 ARG A NH1 1 
ATOM   233 N NH1 B ARG A 1 30 ? 0.222   -10.230 -11.318 0.50 40.46 ? 240 ARG A NH1 1 
ATOM   234 N NH2 A ARG A 1 30 ? -7.316  -10.738 -9.470  0.50 28.89 ? 240 ARG A NH2 1 
ATOM   235 N NH2 B ARG A 1 30 ? -0.356  -12.458 -11.217 0.50 38.05 ? 240 ARG A NH2 1 
ATOM   236 N N   . TYR A 1 31 ? -2.661  -14.416 -5.238  1.00 26.28 ? 241 TYR A N   1 
ATOM   237 C CA  . TYR A 1 31 ? -1.622  -15.421 -5.009  1.00 25.72 ? 241 TYR A CA  1 
ATOM   238 C C   . TYR A 1 31 ? -0.929  -15.851 -6.279  1.00 26.96 ? 241 TYR A C   1 
ATOM   239 O O   . TYR A 1 31 ? -1.576  -16.023 -7.322  1.00 29.25 ? 241 TYR A O   1 
ATOM   240 C CB  . TYR A 1 31 ? -2.192  -16.641 -4.292  1.00 25.28 ? 241 TYR A CB  1 
ATOM   241 C CG  . TYR A 1 31 ? -2.366  -16.420 -2.826  1.00 24.95 ? 241 TYR A CG  1 
ATOM   242 C CD1 . TYR A 1 31 ? -3.626  -16.221 -2.268  1.00 28.62 ? 241 TYR A CD1 1 
ATOM   243 C CD2 . TYR A 1 31 ? -1.275  -16.458 -1.967  1.00 25.66 ? 241 TYR A CD2 1 
ATOM   244 C CE1 . TYR A 1 31 ? -3.785  -16.051 -0.902  1.00 29.01 ? 241 TYR A CE1 1 
ATOM   245 C CE2 . TYR A 1 31 ? -1.429  -16.230 -0.586  1.00 26.35 ? 241 TYR A CE2 1 
ATOM   246 C CZ  . TYR A 1 31 ? -2.673  -16.028 -0.066  1.00 27.15 ? 241 TYR A CZ  1 
ATOM   247 O OH  . TYR A 1 31 ? -2.782  -15.834 1.270   1.00 28.03 ? 241 TYR A OH  1 
ATOM   248 N N   . VAL A 1 32 ? 0.395   -15.954 -6.200  1.00 25.72 ? 242 VAL A N   1 
ATOM   249 C CA  . VAL A 1 32 ? 1.227   -16.615 -7.213  1.00 26.81 ? 242 VAL A CA  1 
ATOM   250 C C   . VAL A 1 32 ? 1.908   -17.678 -6.400  1.00 24.74 ? 242 VAL A C   1 
ATOM   251 O O   . VAL A 1 32 ? 2.747   -17.380 -5.617  1.00 23.65 ? 242 VAL A O   1 
ATOM   252 C CB  . VAL A 1 32 ? 2.204   -15.600 -7.824  1.00 26.78 ? 242 VAL A CB  1 
ATOM   253 C CG1 . VAL A 1 32 ? 2.960   -16.173 -8.959  1.00 29.15 ? 242 VAL A CG1 1 
ATOM   254 C CG2 . VAL A 1 32 ? 1.407   -14.357 -8.310  1.00 28.87 ? 242 VAL A CG2 1 
ATOM   255 N N   . GLY A 1 33 ? 1.424   -18.899 -6.450  1.00 24.66 ? 243 GLY A N   1 
ATOM   256 C CA  . GLY A 1 33 ? 1.866   -19.930 -5.534  1.00 24.67 ? 243 GLY A CA  1 
ATOM   257 C C   . GLY A 1 33 ? 1.422   -19.499 -4.151  1.00 24.51 ? 243 GLY A C   1 
ATOM   258 O O   . GLY A 1 33 ? 0.261   -19.051 -3.979  1.00 24.35 ? 243 GLY A O   1 
ATOM   259 N N   . GLN A 1 34 ? 2.317   -19.618 -3.180  1.00 23.09 ? 244 GLN A N   1 
ATOM   260 C CA  . GLN A 1 34 ? 2.060   -19.198 -1.817  1.00 23.46 ? 244 GLN A CA  1 
ATOM   261 C C   . GLN A 1 34 ? 2.348   -17.702 -1.561  1.00 21.89 ? 244 GLN A C   1 
ATOM   262 O O   . GLN A 1 34 ? 2.158   -17.207 -0.450  1.00 20.90 ? 244 GLN A O   1 
ATOM   263 C CB  . GLN A 1 34 ? 2.900   -20.071 -0.874  1.00 25.30 ? 244 GLN A CB  1 
ATOM   264 C CG  . GLN A 1 34 ? 4.354   -19.613 -0.774  1.00 28.67 ? 244 GLN A CG  1 
ATOM   265 C CD  . GLN A 1 34 ? 5.234   -20.386 0.221   1.00 34.89 ? 244 GLN A CD  1 
ATOM   266 O OE1 . GLN A 1 34 ? 6.214   -19.807 0.785   1.00 31.60 ? 244 GLN A OE1 1 
ATOM   267 N NE2 . GLN A 1 34 ? 4.892   -21.678 0.457   1.00 32.43 ? 244 GLN A NE2 1 
ATOM   268 N N   . ASP A 1 35 ? 2.857   -17.003 -2.584  1.00 21.53 ? 245 ASP A N   1 
ATOM   269 C CA  . ASP A 1 35 ? 3.268   -15.619 -2.474  1.00 20.42 ? 245 ASP A CA  1 
ATOM   270 C C   . ASP A 1 35 ? 2.153   -14.726 -2.868  1.00 19.75 ? 245 ASP A C   1 
ATOM   271 O O   . ASP A 1 35 ? 1.433   -15.061 -3.729  1.00 22.70 ? 245 ASP A O   1 
ATOM   272 C CB  . ASP A 1 35 ? 4.476   -15.288 -3.338  1.00 19.95 ? 245 ASP A CB  1 
ATOM   273 C CG  . ASP A 1 35 ? 5.720   -16.093 -2.982  1.00 21.81 ? 245 ASP A CG  1 
ATOM   274 O OD1 . ASP A 1 35 ? 5.934   -16.554 -1.833  1.00 21.91 ? 245 ASP A OD1 1 
ATOM   275 O OD2 . ASP A 1 35 ? 6.470   -16.329 -3.928  1.00 22.15 ? 245 ASP A OD2 1 
ATOM   276 N N   . ILE A 1 36 ? 2.037   -13.550 -2.256  1.00 19.76 ? 246 ILE A N   1 
ATOM   277 C CA  . ILE A 1 36 ? 1.127   -12.509 -2.732  1.00 19.67 ? 246 ILE A CA  1 
ATOM   278 C C   . ILE A 1 36 ? 1.877   -11.486 -3.598  1.00 20.58 ? 246 ILE A C   1 
ATOM   279 O O   . ILE A 1 36 ? 2.933   -10.965 -3.210  1.00 19.14 ? 246 ILE A O   1 
ATOM   280 C CB  . ILE A 1 36 ? 0.479   -11.733 -1.537  1.00 18.55 ? 246 ILE A CB  1 
ATOM   281 C CG1 . ILE A 1 36 ? -0.475  -12.612 -0.743  1.00 22.52 ? 246 ILE A CG1 1 
ATOM   282 C CG2 . ILE A 1 36 ? -0.242  -10.414 -2.011  1.00 21.38 ? 246 ILE A CG2 1 
ATOM   283 C CD1 . ILE A 1 36 ? -1.851  -12.755 -1.337  1.00 20.21 ? 246 ILE A CD1 1 
ATOM   284 N N   . TRP A 1 37 ? 1.294   -11.198 -4.769  1.00 20.15 ? 247 TRP A N   1 
ATOM   285 C CA  . TRP A 1 37 ? 1.639   -10.064 -5.603  1.00 21.58 ? 247 TRP A CA  1 
ATOM   286 C C   . TRP A 1 37 ? 0.509   -9.037  -5.504  1.00 20.48 ? 247 TRP A C   1 
ATOM   287 O O   . TRP A 1 37 ? -0.657  -9.356  -5.743  1.00 21.51 ? 247 TRP A O   1 
ATOM   288 C CB  . TRP A 1 37 ? 1.790   -10.534 -7.057  1.00 24.36 ? 247 TRP A CB  1 
ATOM   289 C CG  . TRP A 1 37 ? 3.031   -11.346 -7.260  1.00 26.01 ? 247 TRP A CG  1 
ATOM   290 C CD1 . TRP A 1 37 ? 3.580   -12.272 -6.412  1.00 30.11 ? 247 TRP A CD1 1 
ATOM   291 C CD2 . TRP A 1 37 ? 3.863   -11.283 -8.371  1.00 32.10 ? 247 TRP A CD2 1 
ATOM   292 N NE1 . TRP A 1 37 ? 4.707   -12.801 -6.956  1.00 33.09 ? 247 TRP A NE1 1 
ATOM   293 C CE2 . TRP A 1 37 ? 4.928   -12.179 -8.148  1.00 32.65 ? 247 TRP A CE2 1 
ATOM   294 C CE3 . TRP A 1 37 ? 3.837   -10.535 -9.535  1.00 35.31 ? 247 TRP A CE3 1 
ATOM   295 C CZ2 . TRP A 1 37 ? 5.921   -12.392 -9.072  1.00 38.13 ? 247 TRP A CZ2 1 
ATOM   296 C CZ3 . TRP A 1 37 ? 4.856   -10.721 -10.443 1.00 38.99 ? 247 TRP A CZ3 1 
ATOM   297 C CH2 . TRP A 1 37 ? 5.883   -11.640 -10.200 1.00 37.93 ? 247 TRP A CH2 1 
ATOM   298 N N   . ALA A 1 38 ? 0.853   -7.819  -5.144  1.00 19.67 ? 248 ALA A N   1 
ATOM   299 C CA  . ALA A 1 38 ? -0.131  -6.771  -4.995  1.00 19.74 ? 248 ALA A CA  1 
ATOM   300 C C   . ALA A 1 38 ? 0.177   -5.456  -5.691  1.00 19.58 ? 248 ALA A C   1 
ATOM   301 O O   . ALA A 1 38 ? 1.322   -5.051  -5.910  1.00 21.06 ? 248 ALA A O   1 
ATOM   302 C CB  . ALA A 1 38 ? -0.397  -6.529  -3.536  1.00 16.90 ? 248 ALA A CB  1 
ATOM   303 N N   . ASP A 1 39 ? -0.895  -4.735  -5.926  1.00 19.03 ? 249 ASP A N   1 
ATOM   304 C CA  . ASP A 1 39 ? -0.834  -3.389  -6.514  1.00 20.80 ? 249 ASP A CA  1 
ATOM   305 C C   . ASP A 1 39 ? -1.791  -2.504  -5.704  1.00 18.99 ? 249 ASP A C   1 
ATOM   306 O O   . ASP A 1 39 ? -2.950  -2.886  -5.463  1.00 19.39 ? 249 ASP A O   1 
ATOM   307 C CB  . ASP A 1 39 ? -1.259  -3.469  -7.967  1.00 23.32 ? 249 ASP A CB  1 
ATOM   308 C CG  . ASP A 1 39 ? -0.289  -2.827  -8.852  0.50 26.05 ? 249 ASP A CG  1 
ATOM   309 O OD1 . ASP A 1 39 ? -0.387  -1.603  -8.951  0.50 28.30 ? 249 ASP A OD1 1 
ATOM   310 O OD2 . ASP A 1 39 ? 0.593   -3.535  -9.408  0.50 29.70 ? 249 ASP A OD2 1 
ATOM   311 N N   . MET A 1 40 ? -1.328  -1.325  -5.283  1.00 18.78 ? 250 MET A N   1 
ATOM   312 C CA  A MET A 1 40 ? -2.186  -0.405  -4.546  0.50 17.93 ? 250 MET A CA  1 
ATOM   313 C CA  B MET A 1 40 ? -2.183  -0.411  -4.519  0.50 18.50 ? 250 MET A CA  1 
ATOM   314 C C   . MET A 1 40 ? -2.006  1.070   -4.872  1.00 18.15 ? 250 MET A C   1 
ATOM   315 O O   . MET A 1 40 ? -0.947  1.516   -5.296  1.00 17.27 ? 250 MET A O   1 
ATOM   316 C CB  A MET A 1 40 ? -2.055  -0.624  -3.036  0.50 17.81 ? 250 MET A CB  1 
ATOM   317 C CB  B MET A 1 40 ? -2.108  -0.688  -2.979  0.50 18.79 ? 250 MET A CB  1 
ATOM   318 C CG  A MET A 1 40 ? -0.736  -0.462  -2.466  0.50 17.01 ? 250 MET A CG  1 
ATOM   319 C CG  B MET A 1 40 ? -1.170  0.100   -2.101  0.50 20.34 ? 250 MET A CG  1 
ATOM   320 S SD  A MET A 1 40 ? -0.629  -1.082  -0.698  0.50 18.23 ? 250 MET A SD  1 
ATOM   321 S SD  B MET A 1 40 ? -1.568  0.344   -0.279  0.50 20.41 ? 250 MET A SD  1 
ATOM   322 C CE  A MET A 1 40 ? -2.159  -0.548  0.116   0.50 12.68 ? 250 MET A CE  1 
ATOM   323 C CE  B MET A 1 40 ? -2.029  -1.246  0.330   0.50 17.00 ? 250 MET A CE  1 
ATOM   324 N N   . ILE A 1 41 ? -3.068  1.803   -4.663  1.00 17.34 ? 251 ILE A N   1 
ATOM   325 C CA  . ILE A 1 41 ? -3.093  3.242   -4.860  1.00 17.40 ? 251 ILE A CA  1 
ATOM   326 C C   . ILE A 1 41 ? -3.462  3.790   -3.498  1.00 16.60 ? 251 ILE A C   1 
ATOM   327 O O   . ILE A 1 41 ? -4.445  3.370   -2.878  1.00 17.14 ? 251 ILE A O   1 
ATOM   328 C CB  . ILE A 1 41 ? -4.147  3.727   -5.917  1.00 18.16 ? 251 ILE A CB  1 
ATOM   329 C CG1 . ILE A 1 41 ? -3.965  2.987   -7.258  1.00 16.53 ? 251 ILE A CG1 1 
ATOM   330 C CG2 . ILE A 1 41 ? -4.041  5.251   -6.111  1.00 18.24 ? 251 ILE A CG2 1 
ATOM   331 C CD1 . ILE A 1 41 ? -5.029  3.362   -8.444  1.00 20.14 ? 251 ILE A CD1 1 
ATOM   332 N N   . ILE A 1 42 ? -2.626  4.694   -2.999  1.00 16.60 ? 252 ILE A N   1 
ATOM   333 C CA  . ILE A 1 42 ? -2.951  5.463   -1.803  1.00 17.08 ? 252 ILE A CA  1 
ATOM   334 C C   . ILE A 1 42 ? -3.449  6.903   -2.135  1.00 16.21 ? 252 ILE A C   1 
ATOM   335 O O   . ILE A 1 42 ? -3.049  7.517   -3.167  1.00 15.65 ? 252 ILE A O   1 
ATOM   336 C CB  . ILE A 1 42 ? -1.702  5.551   -0.797  1.00 15.63 ? 252 ILE A CB  1 
ATOM   337 C CG1 . ILE A 1 42 ? -0.510  6.207   -1.468  1.00 14.79 ? 252 ILE A CG1 1 
ATOM   338 C CG2 . ILE A 1 42 ? -1.329  4.137   -0.130  1.00 18.30 ? 252 ILE A CG2 1 
ATOM   339 C CD1 . ILE A 1 42 ? 0.643   6.525   -0.527  1.00 14.46 ? 252 ILE A CD1 1 
ATOM   340 N N   . GLY A 1 43 ? -4.258  7.444   -1.231  1.00 16.78 ? 253 GLY A N   1 
ATOM   341 C CA  . GLY A 1 43 ? -4.619  8.834   -1.248  1.00 17.28 ? 253 GLY A CA  1 
ATOM   342 C C   . GLY A 1 43 ? -3.517  9.631   -0.523  1.00 16.94 ? 253 GLY A C   1 
ATOM   343 O O   . GLY A 1 43 ? -2.973  9.146   0.458   1.00 16.99 ? 253 GLY A O   1 
ATOM   344 N N   . VAL A 1 44 ? -3.219  10.827  -1.022  1.00 17.18 ? 254 VAL A N   1 
ATOM   345 C CA  . VAL A 1 44 ? -2.307  11.781  -0.355  1.00 16.77 ? 254 VAL A CA  1 
ATOM   346 C C   . VAL A 1 44 ? -2.844  13.243  -0.444  1.00 17.64 ? 254 VAL A C   1 
ATOM   347 O O   . VAL A 1 44 ? -3.653  13.588  -1.288  1.00 19.95 ? 254 VAL A O   1 
ATOM   348 C CB  . VAL A 1 44 ? -0.868  11.771  -0.929  1.00 14.85 ? 254 VAL A CB  1 
ATOM   349 C CG1 . VAL A 1 44 ? -0.138  10.357  -0.723  1.00 13.65 ? 254 VAL A CG1 1 
ATOM   350 C CG2 . VAL A 1 44 ? -0.866  12.207  -2.335  1.00 15.30 ? 254 VAL A CG2 1 
ATOM   351 N N   . ASP A 1 45 ? -2.369  14.088  0.440   1.00 19.58 ? 255 ASP A N   1 
ATOM   352 C CA  . ASP A 1 45 ? -2.657  15.562  0.400   1.00 20.75 ? 255 ASP A CA  1 
ATOM   353 C C   . ASP A 1 45 ? -2.299  16.121  -0.999  1.00 20.02 ? 255 ASP A C   1 
ATOM   354 O O   . ASP A 1 45 ? -1.186  15.957  -1.464  1.00 19.83 ? 255 ASP A O   1 
ATOM   355 C CB  . ASP A 1 45 ? -1.883  16.215  1.548   1.00 21.11 ? 255 ASP A CB  1 
ATOM   356 C CG  . ASP A 1 45 ? -2.068  17.767  1.683   1.00 25.39 ? 255 ASP A CG  1 
ATOM   357 O OD1 . ASP A 1 45 ? -2.708  18.487  0.849   1.00 24.13 ? 255 ASP A OD1 1 
ATOM   358 O OD2 . ASP A 1 45 ? -1.511  18.251  2.702   1.00 28.85 ? 255 ASP A OD2 1 
ATOM   359 N N   . PRO A 1 46 ? -3.260  16.730  -1.698  1.00 21.20 ? 256 PRO A N   1 
ATOM   360 C CA  . PRO A 1 46 ? -2.987  17.277  -3.047  1.00 21.48 ? 256 PRO A CA  1 
ATOM   361 C C   . PRO A 1 46 ? -1.899  18.318  -3.064  1.00 21.94 ? 256 PRO A C   1 
ATOM   362 O O   . PRO A 1 46 ? -1.466  18.652  -4.144  1.00 18.65 ? 256 PRO A O   1 
ATOM   363 C CB  . PRO A 1 46 ? -4.293  17.959  -3.463  1.00 22.11 ? 256 PRO A CB  1 
ATOM   364 C CG  . PRO A 1 46 ? -5.305  17.464  -2.427  1.00 24.91 ? 256 PRO A CG  1 
ATOM   365 C CD  . PRO A 1 46 ? -4.592  17.135  -1.208  1.00 22.53 ? 256 PRO A CD  1 
ATOM   366 N N   . GLU A 1 47 ? -1.609  18.909  -1.895  1.00 21.96 ? 257 GLU A N   1 
ATOM   367 C CA  A GLU A 1 47 ? -0.606  19.968  -1.748  0.50 22.82 ? 257 GLU A CA  1 
ATOM   368 C CA  B GLU A 1 47 ? -0.580  19.959  -1.764  0.50 22.71 ? 257 GLU A CA  1 
ATOM   369 C C   . GLU A 1 47 ? 0.761   19.363  -1.368  1.00 22.59 ? 257 GLU A C   1 
ATOM   370 O O   . GLU A 1 47 ? 1.733   20.069  -1.227  1.00 23.90 ? 257 GLU A O   1 
ATOM   371 C CB  A GLU A 1 47 ? -1.063  21.033  -0.719  0.50 24.48 ? 257 GLU A CB  1 
ATOM   372 C CB  B GLU A 1 47 ? -0.977  21.037  -0.748  0.50 24.24 ? 257 GLU A CB  1 
ATOM   373 C CG  A GLU A 1 47 ? -2.464  21.701  -0.981  0.50 25.93 ? 257 GLU A CG  1 
ATOM   374 C CG  B GLU A 1 47 ? -1.974  22.072  -1.253  0.50 25.27 ? 257 GLU A CG  1 
ATOM   375 C CD  A GLU A 1 47 ? -2.714  22.974  -0.130  0.50 30.36 ? 257 GLU A CD  1 
ATOM   376 C CD  B GLU A 1 47 ? -1.422  22.954  -2.351  0.50 27.38 ? 257 GLU A CD  1 
ATOM   377 O OE1 A GLU A 1 47 ? -3.587  22.963  0.794   0.50 29.09 ? 257 GLU A OE1 1 
ATOM   378 O OE1 B GLU A 1 47 ? -0.610  23.882  -2.065  0.50 30.55 ? 257 GLU A OE1 1 
ATOM   379 O OE2 A GLU A 1 47 ? -2.020  23.988  -0.382  0.50 31.62 ? 257 GLU A OE2 1 
ATOM   380 O OE2 B GLU A 1 47 ? -1.840  22.741  -3.495  0.50 26.91 ? 257 GLU A OE2 1 
ATOM   381 N N   . ASN A 1 48 ? 0.843   18.046  -1.213  1.00 21.09 ? 258 ASN A N   1 
ATOM   382 C CA  . ASN A 1 48 ? 2.171   17.397  -1.029  1.00 20.06 ? 258 ASN A CA  1 
ATOM   383 C C   . ASN A 1 48 ? 2.884   17.554  -2.383  1.00 17.66 ? 258 ASN A C   1 
ATOM   384 O O   . ASN A 1 48 ? 2.230   17.605  -3.465  1.00 16.72 ? 258 ASN A O   1 
ATOM   385 C CB  . ASN A 1 48 ? 2.116   15.887  -0.695  1.00 18.24 ? 258 ASN A CB  1 
ATOM   386 C CG  . ASN A 1 48 ? 1.796   15.573  0.758   1.00 17.35 ? 258 ASN A CG  1 
ATOM   387 O OD1 . ASN A 1 48 ? 1.510   14.429  1.027   1.00 19.03 ? 258 ASN A OD1 1 
ATOM   388 N ND2 . ASN A 1 48 ? 1.823   16.536  1.679   1.00 20.74 ? 258 ASN A ND2 1 
ATOM   389 N N   . THR A 1 49 ? 4.210   17.588  -2.348  1.00 17.40 ? 259 THR A N   1 
ATOM   390 C CA  . THR A 1 49 ? 4.954   17.543  -3.654  1.00 16.40 ? 259 THR A CA  1 
ATOM   391 C C   . THR A 1 49 ? 4.955   16.151  -4.230  1.00 15.41 ? 259 THR A C   1 
ATOM   392 O O   . THR A 1 49 ? 4.696   15.149  -3.553  1.00 15.02 ? 259 THR A O   1 
ATOM   393 C CB  . THR A 1 49 ? 6.440   18.060  -3.545  1.00 16.20 ? 259 THR A CB  1 
ATOM   394 O OG1 . THR A 1 49 ? 7.181   17.206  -2.667  1.00 17.77 ? 259 THR A OG1 1 
ATOM   395 C CG2 . THR A 1 49 ? 6.480   19.536  -3.038  1.00 18.63 ? 259 THR A CG2 1 
ATOM   396 N N   . VAL A 1 50 ? 5.213   16.073  -5.535  1.00 14.95 ? 260 VAL A N   1 
ATOM   397 C CA  . VAL A 1 50 ? 5.427   14.812  -6.216  1.00 16.67 ? 260 VAL A CA  1 
ATOM   398 C C   . VAL A 1 50 ? 6.507   14.000  -5.489  1.00 16.50 ? 260 VAL A C   1 
ATOM   399 O O   . VAL A 1 50 ? 6.374   12.796  -5.226  1.00 16.50 ? 260 VAL A O   1 
ATOM   400 C CB  . VAL A 1 50 ? 5.772   15.116  -7.703  1.00 17.78 ? 260 VAL A CB  1 
ATOM   401 C CG1 . VAL A 1 50 ? 6.416   13.923  -8.372  1.00 19.42 ? 260 VAL A CG1 1 
ATOM   402 C CG2 . VAL A 1 50 ? 4.508   15.567  -8.436  1.00 16.83 ? 260 VAL A CG2 1 
ATOM   403 N N   . GLU A 1 51 ? 7.591   14.679  -5.125  1.00 17.08 ? 261 GLU A N   1 
ATOM   404 C CA  . GLU A 1 51 ? 8.633   13.984  -4.375  1.00 17.99 ? 261 GLU A CA  1 
ATOM   405 C C   . GLU A 1 51 ? 8.133   13.493  -2.994  1.00 16.38 ? 261 GLU A C   1 
ATOM   406 O O   . GLU A 1 51 ? 8.413   12.417  -2.585  1.00 15.22 ? 261 GLU A O   1 
ATOM   407 C CB  . GLU A 1 51 ? 9.865   14.867  -4.182  1.00 19.86 ? 261 GLU A CB  1 
ATOM   408 C CG  . GLU A 1 51 ? 11.132  14.030  -3.737  1.00 24.03 ? 261 GLU A CG  1 
ATOM   409 C CD  . GLU A 1 51 ? 11.509  12.871  -4.692  0.50 25.22 ? 261 GLU A CD  1 
ATOM   410 O OE1 . GLU A 1 51 ? 12.012  11.850  -4.194  0.50 26.85 ? 261 GLU A OE1 1 
ATOM   411 O OE2 . GLU A 1 51 ? 11.285  12.951  -5.917  0.50 28.14 ? 261 GLU A OE2 1 
ATOM   412 N N   . GLN A 1 52 ? 7.388   14.274  -2.287  1.00 17.15 ? 262 GLN A N   1 
ATOM   413 C CA  . GLN A 1 52 ? 6.826   13.767  -1.015  1.00 16.66 ? 262 GLN A CA  1 
ATOM   414 C C   . GLN A 1 52 ? 5.903   12.580  -1.161  1.00 15.75 ? 262 GLN A C   1 
ATOM   415 O O   . GLN A 1 52 ? 5.921   11.668  -0.370  1.00 16.36 ? 262 GLN A O   1 
ATOM   416 C CB  . GLN A 1 52 ? 6.063   14.870  -0.289  1.00 17.60 ? 262 GLN A CB  1 
ATOM   417 C CG  . GLN A 1 52 ? 6.950   15.871  0.483   1.00 19.96 ? 262 GLN A CG  1 
ATOM   418 C CD  . GLN A 1 52 ? 6.174   17.070  0.930   1.00 20.11 ? 262 GLN A CD  1 
ATOM   419 O OE1 . GLN A 1 52 ? 5.272   17.553  0.255   1.00 19.85 ? 262 GLN A OE1 1 
ATOM   420 N NE2 . GLN A 1 52 ? 6.501   17.552  2.113   1.00 25.35 ? 262 GLN A NE2 1 
ATOM   421 N N   . ALA A 1 53 ? 5.056   12.619  -2.171  1.00 15.06 ? 263 ALA A N   1 
ATOM   422 C CA  . ALA A 1 53 ? 4.164   11.495  -2.515  1.00 15.26 ? 263 ALA A CA  1 
ATOM   423 C C   . ALA A 1 53 ? 4.935   10.200  -2.802  1.00 15.62 ? 263 ALA A C   1 
ATOM   424 O O   . ALA A 1 53 ? 4.593   9.104   -2.325  1.00 15.27 ? 263 ALA A O   1 
ATOM   425 C CB  . ALA A 1 53 ? 3.308   11.933  -3.708  1.00 13.54 ? 263 ALA A CB  1 
ATOM   426 N N   . HIS A 1 54 ? 6.034   10.340  -3.568  1.00 16.94 ? 264 HIS A N   1 
ATOM   427 C CA  . HIS A 1 54 ? 6.985   9.275   -3.792  1.00 16.14 ? 264 HIS A CA  1 
ATOM   428 C C   . HIS A 1 54 ? 7.552   8.684   -2.482  1.00 16.14 ? 264 HIS A C   1 
ATOM   429 O O   . HIS A 1 54 ? 7.563   7.471   -2.328  1.00 14.92 ? 264 HIS A O   1 
ATOM   430 C CB  . HIS A 1 54 ? 8.126   9.705   -4.687  1.00 17.88 ? 264 HIS A CB  1 
ATOM   431 C CG  . HIS A 1 54 ? 9.146   8.635   -4.921  1.00 21.24 ? 264 HIS A CG  1 
ATOM   432 N ND1 . HIS A 1 54 ? 8.825   7.429   -5.495  1.00 24.96 ? 264 HIS A ND1 1 
ATOM   433 C CD2 . HIS A 1 54 ? 10.461  8.576   -4.635  1.00 25.49 ? 264 HIS A CD2 1 
ATOM   434 C CE1 . HIS A 1 54 ? 9.898   6.660   -5.545  1.00 25.50 ? 264 HIS A CE1 1 
ATOM   435 N NE2 . HIS A 1 54 ? 10.905  7.338   -5.036  1.00 30.93 ? 264 HIS A NE2 1 
ATOM   436 N N   . GLU A 1 55 ? 8.006   9.528   -1.569  1.00 15.66 ? 265 GLU A N   1 
ATOM   437 C CA  . GLU A 1 55 ? 8.491   9.094   -0.278  1.00 17.01 ? 265 GLU A CA  1 
ATOM   438 C C   . GLU A 1 55 ? 7.431   8.345   0.557   1.00 16.47 ? 265 GLU A C   1 
ATOM   439 O O   . GLU A 1 55 ? 7.714   7.341   1.213   1.00 15.81 ? 265 GLU A O   1 
ATOM   440 C CB  . GLU A 1 55 ? 8.965   10.312  0.503   1.00 18.21 ? 265 GLU A CB  1 
ATOM   441 C CG  . GLU A 1 55 ? 10.237  10.887  -0.088  1.00 21.50 ? 265 GLU A CG  1 
ATOM   442 C CD  . GLU A 1 55 ? 10.585  12.248  0.433   1.00 28.04 ? 265 GLU A CD  1 
ATOM   443 O OE1 . GLU A 1 55 ? 9.859   12.761  1.330   1.00 27.13 ? 265 GLU A OE1 1 
ATOM   444 O OE2 . GLU A 1 55 ? 11.554  12.853  -0.124  1.00 29.80 ? 265 GLU A OE2 1 
ATOM   445 N N   . ILE A 1 56 ? 6.206   8.833   0.540   1.00 15.58 ? 266 ILE A N   1 
ATOM   446 C CA  . ILE A 1 56 ? 5.091   8.140   1.234   1.00 15.16 ? 266 ILE A CA  1 
ATOM   447 C C   . ILE A 1 56 ? 4.864   6.763   0.634   1.00 15.78 ? 266 ILE A C   1 
ATOM   448 O O   . ILE A 1 56 ? 4.809   5.799   1.345   1.00 14.32 ? 266 ILE A O   1 
ATOM   449 C CB  . ILE A 1 56 ? 3.754   8.983   1.172   1.00 15.19 ? 266 ILE A CB  1 
ATOM   450 C CG1 . ILE A 1 56 ? 3.959   10.346  1.843   1.00 17.61 ? 266 ILE A CG1 1 
ATOM   451 C CG2 . ILE A 1 56 ? 2.540   8.213   1.926   1.00 15.68 ? 266 ILE A CG2 1 
ATOM   452 C CD1 . ILE A 1 56 ? 2.770   11.416  1.716   1.00 14.15 ? 266 ILE A CD1 1 
ATOM   453 N N   . CYS A 1 57 ? 4.814   6.669   -0.699  1.00 17.32 ? 267 CYS A N   1 
ATOM   454 C CA  . CYS A 1 57 ? 4.704   5.387   -1.370  1.00 17.06 ? 267 CYS A CA  1 
ATOM   455 C C   . CYS A 1 57 ? 5.782   4.369   -0.976  1.00 17.59 ? 267 CYS A C   1 
ATOM   456 O O   . CYS A 1 57 ? 5.489   3.212   -0.672  1.00 17.69 ? 267 CYS A O   1 
ATOM   457 C CB  . CYS A 1 57 ? 4.699   5.579   -2.887  1.00 16.72 ? 267 CYS A CB  1 
ATOM   458 S SG  . CYS A 1 57 ? 3.214   6.307   -3.557  1.00 17.59 ? 267 CYS A SG  1 
ATOM   459 N N   . GLU A 1 58 ? 7.014   4.807   -0.999  1.00 17.99 ? 268 GLU A N   1 
ATOM   460 C CA  . GLU A 1 58 ? 8.113   4.007   -0.496  1.00 19.38 ? 268 GLU A CA  1 
ATOM   461 C C   . GLU A 1 58 ? 7.982   3.570   0.929   1.00 17.73 ? 268 GLU A C   1 
ATOM   462 O O   . GLU A 1 58 ? 8.340   2.431   1.281   1.00 18.06 ? 268 GLU A O   1 
ATOM   463 C CB  . GLU A 1 58 ? 9.397   4.771   -0.622  1.00 21.17 ? 268 GLU A CB  1 
ATOM   464 C CG  . GLU A 1 58 ? 9.780   5.059   -2.014  1.00 28.10 ? 268 GLU A CG  1 
ATOM   465 C CD  . GLU A 1 58 ? 10.749  4.046   -2.465  1.00 41.44 ? 268 GLU A CD  1 
ATOM   466 O OE1 . GLU A 1 58 ? 10.288  2.947   -2.899  1.00 44.88 ? 268 GLU A OE1 1 
ATOM   467 O OE2 . GLU A 1 58 ? 11.977  4.352   -2.312  1.00 46.06 ? 268 GLU A OE2 1 
ATOM   468 N N   . ALA A 1 59 ? 7.533   4.476   1.774   1.00 16.65 ? 269 ALA A N   1 
ATOM   469 C CA  . ALA A 1 59 ? 7.334   4.159   3.170   1.00 15.90 ? 269 ALA A CA  1 
ATOM   470 C C   . ALA A 1 59 ? 6.258   3.105   3.338   1.00 15.14 ? 269 ALA A C   1 
ATOM   471 O O   . ALA A 1 59 ? 6.420   2.212   4.139   1.00 15.98 ? 269 ALA A O   1 
ATOM   472 C CB  . ALA A 1 59 ? 6.980   5.444   3.938   1.00 15.84 ? 269 ALA A CB  1 
ATOM   473 N N   . VAL A 1 60 ? 5.184   3.197   2.567   1.00 13.76 ? 270 VAL A N   1 
ATOM   474 C CA  . VAL A 1 60 ? 4.062   2.211   2.604   1.00 13.52 ? 270 VAL A CA  1 
ATOM   475 C C   . VAL A 1 60 ? 4.581   0.861   2.132   1.00 15.14 ? 270 VAL A C   1 
ATOM   476 O O   . VAL A 1 60 ? 4.359   -0.142  2.740   1.00 14.92 ? 270 VAL A O   1 
ATOM   477 C CB  . VAL A 1 60 ? 2.877   2.648   1.747   1.00 12.03 ? 270 VAL A CB  1 
ATOM   478 C CG1 . VAL A 1 60 ? 1.858   1.469   1.500   1.00 12.76 ? 270 VAL A CG1 1 
ATOM   479 C CG2 . VAL A 1 60 ? 2.105   3.919   2.395   1.00 13.42 ? 270 VAL A CG2 1 
ATOM   480 N N   . GLN A 1 61 ? 5.366   0.863   1.065   1.00 16.60 ? 271 GLN A N   1 
ATOM   481 C CA  . GLN A 1 61 ? 5.925   -0.396  0.562   1.00 19.25 ? 271 GLN A CA  1 
ATOM   482 C C   . GLN A 1 61 ? 6.741   -1.131  1.592   1.00 19.64 ? 271 GLN A C   1 
ATOM   483 O O   . GLN A 1 61 ? 6.571   -2.334  1.779   1.00 20.90 ? 271 GLN A O   1 
ATOM   484 C CB  . GLN A 1 61 ? 6.802   -0.103  -0.639  1.00 21.50 ? 271 GLN A CB  1 
ATOM   485 C CG  . GLN A 1 61 ? 6.509   -1.041  -1.737  1.00 28.57 ? 271 GLN A CG  1 
ATOM   486 C CD  . GLN A 1 61 ? 7.693   -1.313  -2.491  1.00 36.05 ? 271 GLN A CD  1 
ATOM   487 O OE1 . GLN A 1 61 ? 8.318   -0.381  -2.974  1.00 41.90 ? 271 GLN A OE1 1 
ATOM   488 N NE2 . GLN A 1 61 ? 8.069   -2.593  -2.592  1.00 39.70 ? 271 GLN A NE2 1 
ATOM   489 N N   . ALA A 1 62 ? 7.614   -0.405  2.256   1.00 19.47 ? 272 ALA A N   1 
ATOM   490 C CA  . ALA A 1 62 ? 8.453   -0.941  3.302   1.00 20.85 ? 272 ALA A CA  1 
ATOM   491 C C   . ALA A 1 62 ? 7.649   -1.408  4.538   1.00 20.42 ? 272 ALA A C   1 
ATOM   492 O O   . ALA A 1 62 ? 7.897   -2.506  5.055   1.00 18.72 ? 272 ALA A O   1 
ATOM   493 C CB  . ALA A 1 62 ? 9.519   0.064   3.681   1.00 22.05 ? 272 ALA A CB  1 
ATOM   494 N N   . ALA A 1 63 ? 6.681   -0.601  4.970   1.00 19.53 ? 273 ALA A N   1 
ATOM   495 C CA  . ALA A 1 63 ? 5.796   -0.910  6.117   1.00 20.01 ? 273 ALA A CA  1 
ATOM   496 C C   . ALA A 1 63 ? 4.964   -2.180  5.857   1.00 19.49 ? 273 ALA A C   1 
ATOM   497 O O   . ALA A 1 63 ? 4.926   -3.133  6.708   1.00 19.39 ? 273 ALA A O   1 
ATOM   498 C CB  . ALA A 1 63 ? 4.848   0.316   6.407   1.00 19.18 ? 273 ALA A CB  1 
ATOM   499 N N   . VAL A 1 64 ? 4.299   -2.199  4.694   1.00 19.19 ? 274 VAL A N   1 
ATOM   500 C CA  . VAL A 1 64 ? 3.433   -3.332  4.329   1.00 18.65 ? 274 VAL A CA  1 
ATOM   501 C C   . VAL A 1 64 ? 4.275   -4.629  4.173   1.00 19.87 ? 274 VAL A C   1 
ATOM   502 O O   . VAL A 1 64 ? 3.937   -5.698  4.732   1.00 20.53 ? 274 VAL A O   1 
ATOM   503 C CB  . VAL A 1 64 ? 2.575   -3.019  3.078   1.00 18.95 ? 274 VAL A CB  1 
ATOM   504 C CG1 . VAL A 1 64 ? 1.872   -4.275  2.544   1.00 19.60 ? 274 VAL A CG1 1 
ATOM   505 C CG2 . VAL A 1 64 ? 1.579   -1.919  3.373   1.00 15.02 ? 274 VAL A CG2 1 
ATOM   506 N N   . CYS A 1 65 ? 5.337   -4.552  3.388   1.00 18.95 ? 275 CYS A N   1 
ATOM   507 C CA  . CYS A 1 65 ? 6.194   -5.741  3.186   1.00 22.04 ? 275 CYS A CA  1 
ATOM   508 C C   . CYS A 1 65 ? 6.810   -6.210  4.501   1.00 22.65 ? 275 CYS A C   1 
ATOM   509 O O   . CYS A 1 65 ? 6.955   -7.405  4.718   1.00 23.90 ? 275 CYS A O   1 
ATOM   510 C CB  . CYS A 1 65 ? 7.264   -5.471  2.134   1.00 22.02 ? 275 CYS A CB  1 
ATOM   511 S SG  . CYS A 1 65 ? 6.626   -5.461  0.398   1.00 33.44 ? 275 CYS A SG  1 
ATOM   512 N N   . GLY A 1 66 ? 7.150   -5.312  5.402   1.00 23.50 ? 276 GLY A N   1 
ATOM   513 C CA  . GLY A 1 66 ? 7.698   -5.733  6.683   1.00 25.60 ? 276 GLY A CA  1 
ATOM   514 C C   . GLY A 1 66 ? 6.720   -6.442  7.616   1.00 25.94 ? 276 GLY A C   1 
ATOM   515 O O   . GLY A 1 66 ? 7.151   -7.226  8.480   1.00 26.48 ? 276 GLY A O   1 
ATOM   516 N N   . LYS A 1 67 ? 5.417   -6.177  7.453   1.00 24.50 ? 277 LYS A N   1 
ATOM   517 C CA  . LYS A 1 67 ? 4.381   -6.720  8.325   1.00 24.57 ? 277 LYS A CA  1 
ATOM   518 C C   . LYS A 1 67 ? 3.738   -7.979  7.738   1.00 23.93 ? 277 LYS A C   1 
ATOM   519 O O   . LYS A 1 67 ? 3.342   -8.876  8.473   1.00 23.38 ? 277 LYS A O   1 
ATOM   520 C CB  . LYS A 1 67 ? 3.283   -5.640  8.595   1.00 24.73 ? 277 LYS A CB  1 
ATOM   521 C CG  . LYS A 1 67 ? 3.654   -4.685  9.751   1.00 29.12 ? 277 LYS A CG  1 
ATOM   522 C CD  . LYS A 1 67 ? 2.779   -3.429  9.789   1.00 29.59 ? 277 LYS A CD  1 
ATOM   523 C CE  . LYS A 1 67 ? 3.088   -2.434  10.898  1.00 29.75 ? 277 LYS A CE  1 
ATOM   524 N NZ  . LYS A 1 67 ? 1.829   -1.577  11.100  1.00 27.43 ? 277 LYS A NZ  1 
ATOM   525 N N   . ILE A 1 68 ? 3.675   -8.062  6.412   1.00 22.95 ? 278 ILE A N   1 
ATOM   526 C CA  . ILE A 1 68 ? 2.973   -9.134  5.741   1.00 22.26 ? 278 ILE A CA  1 
ATOM   527 C C   . ILE A 1 68 ? 4.026   -9.924  4.934   1.00 23.41 ? 278 ILE A C   1 
ATOM   528 O O   . ILE A 1 68 ? 4.395   -9.555  3.823   1.00 21.65 ? 278 ILE A O   1 
ATOM   529 C CB  . ILE A 1 68 ? 1.761   -8.673  4.874   1.00 21.76 ? 278 ILE A CB  1 
ATOM   530 C CG1 . ILE A 1 68 ? 0.625   -7.936  5.677   1.00 22.98 ? 278 ILE A CG1 1 
ATOM   531 C CG2 . ILE A 1 68 ? 1.093   -9.942  4.268   1.00 18.47 ? 278 ILE A CG2 1 
ATOM   532 C CD1 . ILE A 1 68 ? 0.418   -6.448  5.499   1.00 23.75 ? 278 ILE A CD1 1 
ATOM   533 N N   . ARG A 1 69 ? 4.545   -10.995 5.523   1.00 23.71 ? 279 ARG A N   1 
ATOM   534 C CA  . ARG A 1 69 ? 5.796   -11.579 5.026   1.00 24.87 ? 279 ARG A CA  1 
ATOM   535 C C   . ARG A 1 69 ? 5.609   -12.397 3.757   1.00 22.23 ? 279 ARG A C   1 
ATOM   536 O O   . ARG A 1 69 ? 6.572   -12.625 3.064   1.00 21.67 ? 279 ARG A O   1 
ATOM   537 C CB  . ARG A 1 69 ? 6.500   -12.459 6.091   1.00 28.53 ? 279 ARG A CB  1 
ATOM   538 C CG  . ARG A 1 69 ? 6.779   -11.780 7.471   1.00 35.09 ? 279 ARG A CG  1 
ATOM   539 C CD  . ARG A 1 69 ? 7.738   -10.613 7.452   1.00 42.36 ? 279 ARG A CD  1 
ATOM   540 N NE  . ARG A 1 69 ? 8.475   -10.458 6.189   1.00 49.38 ? 279 ARG A NE  1 
ATOM   541 C CZ  . ARG A 1 69 ? 9.489   -9.617  6.015   0.50 52.81 ? 279 ARG A CZ  1 
ATOM   542 N NH1 . ARG A 1 69 ? 10.079  -9.527  4.826   1.00 54.17 ? 279 ARG A NH1 1 
ATOM   543 N NH2 . ARG A 1 69 ? 9.944   -8.902  7.034   1.00 57.66 ? 279 ARG A NH2 1 
ATOM   544 N N   . ARG A 1 70 ? 4.382   -12.814 3.463   1.00 18.86 ? 280 ARG A N   1 
ATOM   545 C CA  . ARG A 1 70 ? 4.055   -13.580 2.250   1.00 18.86 ? 280 ARG A CA  1 
ATOM   546 C C   . ARG A 1 70 ? 4.083   -12.758 0.966   1.00 17.80 ? 280 ARG A C   1 
ATOM   547 O O   . ARG A 1 70 ? 4.002   -13.298 -0.128  1.00 17.63 ? 280 ARG A O   1 
ATOM   548 C CB  . ARG A 1 70 ? 2.716   -14.318 2.393   1.00 17.99 ? 280 ARG A CB  1 
ATOM   549 C CG  . ARG A 1 70 ? 1.450   -13.483 2.191   1.00 18.44 ? 280 ARG A CG  1 
ATOM   550 C CD  . ARG A 1 70 ? 0.150   -14.205 2.567   1.00 21.05 ? 280 ARG A CD  1 
ATOM   551 N NE  . ARG A 1 70 ? 0.085   -14.430 4.003   1.00 23.22 ? 280 ARG A NE  1 
ATOM   552 C CZ  . ARG A 1 70 ? -0.722  -15.296 4.594   1.00 25.87 ? 280 ARG A CZ  1 
ATOM   553 N NH1 . ARG A 1 70 ? -0.672  -15.409 5.915   1.00 24.70 ? 280 ARG A NH1 1 
ATOM   554 N NH2 . ARG A 1 70 ? -1.568  -16.032 3.866   1.00 25.13 ? 280 ARG A NH2 1 
ATOM   555 N N   . ILE A 1 71 ? 4.094   -11.433 1.103   1.00 17.18 ? 281 ILE A N   1 
ATOM   556 C CA  . ILE A 1 71 ? 4.128   -10.550 -0.079  1.00 17.09 ? 281 ILE A CA  1 
ATOM   557 C C   . ILE A 1 71 ? 5.525   -10.548 -0.724  1.00 17.85 ? 281 ILE A C   1 
ATOM   558 O O   . ILE A 1 71 ? 6.515   -10.211 -0.050  1.00 18.02 ? 281 ILE A O   1 
ATOM   559 C CB  . ILE A 1 71 ? 3.761   -9.089  0.280   1.00 16.55 ? 281 ILE A CB  1 
ATOM   560 C CG1 . ILE A 1 71 ? 2.380   -9.072  0.911   1.00 15.93 ? 281 ILE A CG1 1 
ATOM   561 C CG2 . ILE A 1 71 ? 3.846   -8.165  -1.017  1.00 15.48 ? 281 ILE A CG2 1 
ATOM   562 C CD1 . ILE A 1 71 ? 1.970   -7.657  1.459   1.00 17.30 ? 281 ILE A CD1 1 
ATOM   563 N N   . GLU A 1 72 ? 5.573   -10.868 -2.023  1.00 19.10 ? 282 GLU A N   1 
ATOM   564 C CA  . GLU A 1 72 ? 6.849   -10.886 -2.773  1.00 20.00 ? 282 GLU A CA  1 
ATOM   565 C C   . GLU A 1 72 ? 6.909   -9.864  -3.928  1.00 21.40 ? 282 GLU A C   1 
ATOM   566 O O   . GLU A 1 72 ? 7.948   -9.635  -4.524  1.00 22.70 ? 282 GLU A O   1 
ATOM   567 C CB  . GLU A 1 72 ? 7.120   -12.304 -3.198  1.00 20.51 ? 282 GLU A CB  1 
ATOM   568 C CG  . GLU A 1 72 ? 7.498   -13.233 -2.040  1.00 20.74 ? 282 GLU A CG  1 
ATOM   569 C CD  . GLU A 1 72 ? 8.772   -12.894 -1.352  1.00 23.43 ? 282 GLU A CD  1 
ATOM   570 O OE1 . GLU A 1 72 ? 9.569   -12.069 -1.894  1.00 24.55 ? 282 GLU A OE1 1 
ATOM   571 O OE2 . GLU A 1 72 ? 9.008   -13.501 -0.269  1.00 27.12 ? 282 GLU A OE2 1 
ATOM   572 N N   . SER A 1 73 ? 5.804   -9.175  -4.149  1.00 22.64 ? 283 SER A N   1 
ATOM   573 C CA  . SER A 1 73 ? 5.756   -8.042  -5.047  1.00 23.74 ? 283 SER A CA  1 
ATOM   574 C C   . SER A 1 73 ? 4.704   -7.069  -4.552  1.00 22.47 ? 283 SER A C   1 
ATOM   575 O O   . SER A 1 73 ? 3.592   -7.473  -4.262  1.00 21.52 ? 283 SER A O   1 
ATOM   576 C CB  . SER A 1 73 ? 5.445   -8.498  -6.491  1.00 25.21 ? 283 SER A CB  1 
ATOM   577 O OG  . SER A 1 73 ? 5.552   -7.401  -7.392  1.00 26.93 ? 283 SER A OG  1 
ATOM   578 N N   . LEU A 1 74 ? 5.070   -5.791  -4.423  1.00 21.80 ? 284 LEU A N   1 
ATOM   579 C CA  . LEU A 1 74 ? 4.138   -4.730  -4.060  1.00 22.54 ? 284 LEU A CA  1 
ATOM   580 C C   . LEU A 1 74 ? 4.456   -3.429  -4.789  1.00 23.46 ? 284 LEU A C   1 
ATOM   581 O O   . LEU A 1 74 ? 5.605   -2.953  -4.726  1.00 25.69 ? 284 LEU A O   1 
ATOM   582 C CB  . LEU A 1 74 ? 4.151   -4.417  -2.544  1.00 21.04 ? 284 LEU A CB  1 
ATOM   583 C CG  . LEU A 1 74 ? 3.161   -3.390  -2.024  1.00 22.19 ? 284 LEU A CG  1 
ATOM   584 C CD1 . LEU A 1 74 ? 1.683   -3.744  -2.359  1.00 19.47 ? 284 LEU A CD1 1 
ATOM   585 C CD2 . LEU A 1 74 ? 3.350   -3.239  -0.516  1.00 20.26 ? 284 LEU A CD2 1 
ATOM   586 N N   . HIS A 1 75 ? 3.484   -2.898  -5.511  1.00 22.46 ? 285 HIS A N   1 
ATOM   587 C CA  . HIS A 1 75 ? 3.629   -1.595  -6.159  1.00 23.88 ? 285 HIS A CA  1 
ATOM   588 C C   . HIS A 1 75 ? 2.630   -0.651  -5.560  1.00 21.49 ? 285 HIS A C   1 
ATOM   589 O O   . HIS A 1 75 ? 1.470   -1.020  -5.381  1.00 22.22 ? 285 HIS A O   1 
ATOM   590 C CB  . HIS A 1 75 ? 3.419   -1.692  -7.684  1.00 25.54 ? 285 HIS A CB  1 
ATOM   591 C CG  . HIS A 1 75 ? 4.269   -2.751  -8.336  1.00 33.95 ? 285 HIS A CG  1 
ATOM   592 N ND1 . HIS A 1 75 ? 5.577   -2.983  -7.956  1.00 43.17 ? 285 HIS A ND1 1 
ATOM   593 C CD2 . HIS A 1 75 ? 4.000   -3.643  -9.324  1.00 42.82 ? 285 HIS A CD2 1 
ATOM   594 C CE1 . HIS A 1 75 ? 6.073   -3.982  -8.671  1.00 45.23 ? 285 HIS A CE1 1 
ATOM   595 N NE2 . HIS A 1 75 ? 5.139   -4.397  -9.515  1.00 44.88 ? 285 HIS A NE2 1 
ATOM   596 N N   . VAL A 1 76 ? 3.087   0.568   -5.247  1.00 19.71 ? 286 VAL A N   1 
ATOM   597 C CA  . VAL A 1 76 ? 2.300   1.550   -4.558  1.00 17.99 ? 286 VAL A CA  1 
ATOM   598 C C   . VAL A 1 76 ? 2.384   2.812   -5.401  1.00 19.52 ? 286 VAL A C   1 
ATOM   599 O O   . VAL A 1 76 ? 3.490   3.253   -5.761  1.00 19.31 ? 286 VAL A O   1 
ATOM   600 C CB  . VAL A 1 76 ? 2.813   1.822   -3.072  1.00 18.66 ? 286 VAL A CB  1 
ATOM   601 C CG1 . VAL A 1 76 ? 1.815   2.736   -2.297  1.00 15.01 ? 286 VAL A CG1 1 
ATOM   602 C CG2 . VAL A 1 76 ? 3.038   0.493   -2.251  1.00 16.99 ? 286 VAL A CG2 1 
ATOM   603 N N   . SER A 1 77 ? 1.235   3.385   -5.748  1.00 18.95 ? 287 SER A N   1 
ATOM   604 C CA  . SER A 1 77 ? 1.198   4.745   -6.370  1.00 19.75 ? 287 SER A CA  1 
ATOM   605 C C   . SER A 1 77 ? 0.265   5.641   -5.555  1.00 18.63 ? 287 SER A C   1 
ATOM   606 O O   . SER A 1 77 ? -0.413  5.180   -4.650  1.00 18.03 ? 287 SER A O   1 
ATOM   607 C CB  . SER A 1 77 ? 0.806   4.649   -7.852  1.00 19.09 ? 287 SER A CB  1 
ATOM   608 O OG  . SER A 1 77 ? -0.480  4.132   -7.962  1.00 21.89 ? 287 SER A OG  1 
ATOM   609 N N   . ALA A 1 78 ? 0.273   6.935   -5.871  1.00 19.12 ? 288 ALA A N   1 
ATOM   610 C CA  . ALA A 1 78 ? -0.469  7.955   -5.087  1.00 18.68 ? 288 ALA A CA  1 
ATOM   611 C C   . ALA A 1 78 ? -1.284  8.811   -6.021  1.00 19.77 ? 288 ALA A C   1 
ATOM   612 O O   . ALA A 1 78 ? -0.835  9.149   -7.189  1.00 20.73 ? 288 ALA A O   1 
ATOM   613 C CB  . ALA A 1 78 ? 0.524   8.852   -4.280  1.00 16.75 ? 288 ALA A CB  1 
ATOM   614 N N   . GLU A 1 79 ? -2.459  9.155   -5.523  1.00 20.48 ? 289 GLU A N   1 
ATOM   615 C CA  . GLU A 1 79 ? -3.360  10.110  -6.127  1.00 22.56 ? 289 GLU A CA  1 
ATOM   616 C C   . GLU A 1 79 ? -3.830  11.089  -5.029  1.00 23.00 ? 289 GLU A C   1 
ATOM   617 O O   . GLU A 1 79 ? -3.879  10.774  -3.829  1.00 22.31 ? 289 GLU A O   1 
ATOM   618 C CB  . GLU A 1 79 ? -4.583  9.416   -6.776  1.00 24.76 ? 289 GLU A CB  1 
ATOM   619 C CG  . GLU A 1 79 ? -4.242  8.580   -8.048  1.00 28.10 ? 289 GLU A CG  1 
ATOM   620 C CD  . GLU A 1 79 ? -5.349  7.680   -8.606  1.00 33.76 ? 289 GLU A CD  1 
ATOM   621 O OE1 . GLU A 1 79 ? -4.913  6.818   -9.436  1.00 39.23 ? 289 GLU A OE1 1 
ATOM   622 O OE2 . GLU A 1 79 ? -6.577  7.816   -8.266  1.00 30.88 ? 289 GLU A OE2 1 
ATOM   623 N N   . ALA A 1 80 ? -4.193  12.293  -5.459  1.00 24.08 ? 290 ALA A N   1 
ATOM   624 C CA  . ALA A 1 80 ? -4.774  13.279  -4.579  1.00 25.52 ? 290 ALA A CA  1 
ATOM   625 C C   . ALA A 1 80 ? -6.026  12.745  -3.911  1.00 29.15 ? 290 ALA A C   1 
ATOM   626 O O   . ALA A 1 80 ? -6.872  12.143  -4.581  1.00 29.20 ? 290 ALA A O   1 
ATOM   627 C CB  . ALA A 1 80 ? -5.154  14.479  -5.364  1.00 25.30 ? 290 ALA A CB  1 
ATOM   628 N N   . ARG A 1 81 ? -6.158  13.018  -2.610  1.00 32.18 ? 291 ARG A N   1 
ATOM   629 C CA  . ARG A 1 81 ? -7.431  12.795  -1.877  1.00 36.61 ? 291 ARG A CA  1 
ATOM   630 C C   . ARG A 1 81 ? -7.475  13.655  -0.602  1.00 37.95 ? 291 ARG A C   1 
ATOM   631 O O   . ARG A 1 81 ? -8.508  14.298  -0.330  1.00 42.81 ? 291 ARG A O   1 
ATOM   632 C CB  . ARG A 1 81 ? -7.624  11.321  -1.559  1.00 36.50 ? 291 ARG A CB  1 
ATOM   633 C CG  . ARG A 1 81 ? -9.110  10.729  -1.820  1.00 41.35 ? 291 ARG A CG  1 
ATOM   634 C CD  . ARG A 1 81 ? -9.812  11.017  -3.233  1.00 47.40 ? 291 ARG A CD  1 
ATOM   635 N NE  . ARG A 1 81 ? -9.504  10.102  -4.385  1.00 48.90 ? 291 ARG A NE  1 
ATOM   636 C CZ  . ARG A 1 81 ? -10.137 8.941   -4.669  1.00 50.94 ? 291 ARG A CZ  1 
ATOM   637 N NH1 . ARG A 1 81 ? -11.091 8.467   -3.869  1.00 54.39 ? 291 ARG A NH1 1 
ATOM   638 N NH2 . ARG A 1 81 ? -9.822  8.223   -5.756  1.00 47.22 ? 291 ARG A NH2 1 
HETATM 639 S S   . SO4 B 2 .  ? 2.500   -13.553 6.889   1.00 26.38 ? 301 SO4 A S   1 
HETATM 640 O O1  . SO4 B 2 .  ? 2.271   -13.156 5.537   1.00 21.11 ? 301 SO4 A O1  1 
HETATM 641 O O2  . SO4 B 2 .  ? 3.414   -14.675 6.934   1.00 29.53 ? 301 SO4 A O2  1 
HETATM 642 O O3  . SO4 B 2 .  ? 3.018   -12.391 7.603   1.00 24.45 ? 301 SO4 A O3  1 
HETATM 643 O O4  . SO4 B 2 .  ? 1.257   -13.972 7.509   1.00 25.35 ? 301 SO4 A O4  1 
HETATM 644 S S   . SO4 C 2 .  ? -2.520  -18.466 6.133   0.50 30.78 ? 302 SO4 A S   1 
HETATM 645 O O1  . SO4 C 2 .  ? -1.855  -17.551 7.039   0.50 24.38 ? 302 SO4 A O1  1 
HETATM 646 O O2  . SO4 C 2 .  ? -3.624  -17.769 5.414   0.50 24.84 ? 302 SO4 A O2  1 
HETATM 647 O O3  . SO4 C 2 .  ? -1.486  -19.043 5.249   0.50 28.20 ? 302 SO4 A O3  1 
HETATM 648 O O4  . SO4 C 2 .  ? -3.063  -19.587 6.898   0.50 28.08 ? 302 SO4 A O4  1 
HETATM 649 O O   . HOH D 3 .  ? -1.210  -5.073  9.280   1.00 27.22 ? 401 HOH A O   1 
HETATM 650 O O   . HOH D 3 .  ? -7.568  -8.216  -4.555  1.00 26.09 ? 402 HOH A O   1 
HETATM 651 O O   . HOH D 3 .  ? 7.042   -9.235  2.481   1.00 24.56 ? 403 HOH A O   1 
HETATM 652 O O   . HOH D 3 .  ? 0.412   -15.140 9.708   1.00 23.29 ? 404 HOH A O   1 
HETATM 653 O O   . HOH D 3 .  ? -5.717  6.626   6.021   1.00 31.16 ? 405 HOH A O   1 
HETATM 654 O O   . HOH D 3 .  ? -0.056  -7.504  9.887   1.00 22.95 ? 406 HOH A O   1 
HETATM 655 O O   . HOH D 3 .  ? -8.271  3.259   3.777   1.00 33.31 ? 407 HOH A O   1 
HETATM 656 O O   . HOH D 3 .  ? -0.059  1.104   -7.609  1.00 26.57 ? 408 HOH A O   1 
HETATM 657 O O   . HOH D 3 .  ? 7.581   12.573  2.854   1.00 26.90 ? 409 HOH A O   1 
HETATM 658 O O   . HOH D 3 .  ? 7.884   -5.100  -4.607  1.00 35.44 ? 410 HOH A O   1 
HETATM 659 O O   . HOH D 3 .  ? 0.092   11.510  11.736  1.00 21.29 ? 411 HOH A O   1 
HETATM 660 O O   . HOH D 3 .  ? 2.434   0.179   8.914   1.00 19.22 ? 412 HOH A O   1 
HETATM 661 O O   . HOH D 3 .  ? -0.653  -2.705  10.975  1.00 27.76 ? 413 HOH A O   1 
HETATM 662 O O   . HOH D 3 .  ? 10.716  13.239  5.791   1.00 25.16 ? 414 HOH A O   1 
HETATM 663 O O   . HOH D 3 .  ? -10.882 -11.287 -0.409  1.00 35.75 ? 415 HOH A O   1 
HETATM 664 O O   . HOH D 3 .  ? -4.591  -3.362  -9.926  1.00 31.37 ? 416 HOH A O   1 
HETATM 665 O O   . HOH D 3 .  ? -7.627  -2.844  7.697   1.00 39.27 ? 417 HOH A O   1 
HETATM 666 O O   . HOH D 3 .  ? 8.026   2.498   6.315   1.00 20.90 ? 418 HOH A O   1 
HETATM 667 O O   . HOH D 3 .  ? 7.140   10.549  4.228   1.00 31.75 ? 419 HOH A O   1 
HETATM 668 O O   . HOH D 3 .  ? 10.255  6.923   2.160   1.00 19.08 ? 420 HOH A O   1 
HETATM 669 O O   . HOH D 3 .  ? 10.853  4.546   3.240   1.00 24.46 ? 421 HOH A O   1 
HETATM 670 O O   . HOH D 3 .  ? 10.478  1.105   0.331   1.00 26.34 ? 422 HOH A O   1 
HETATM 671 O O   . HOH D 3 .  ? 8.593   -7.379  -1.755  1.00 40.53 ? 423 HOH A O   1 
HETATM 672 O O   . HOH D 3 .  ? 2.734   -6.567  -7.778  1.00 32.44 ? 424 HOH A O   1 
HETATM 673 O O   . HOH D 3 .  ? 6.131   0.793   -4.748  1.00 33.18 ? 425 HOH A O   1 
HETATM 674 O O   . HOH D 3 .  ? 4.108   2.053   9.812   1.00 28.19 ? 426 HOH A O   1 
HETATM 675 O O   . HOH D 3 .  ? 5.261   10.847  -7.139  1.00 18.35 ? 427 HOH A O   1 
HETATM 676 O O   . HOH D 3 .  ? 7.425   10.180  -8.683  1.00 22.04 ? 428 HOH A O   1 
HETATM 677 O O   . HOH D 3 .  ? 4.256   8.674   -5.967  1.00 26.45 ? 429 HOH A O   1 
HETATM 678 O O   . HOH D 3 .  ? 6.064   6.934   -6.376  1.00 30.12 ? 430 HOH A O   1 
HETATM 679 O O   . HOH D 3 .  ? 2.301   7.834   -7.806  1.00 20.83 ? 431 HOH A O   1 
HETATM 680 O O   . HOH D 3 .  ? 3.488   11.646  -9.224  1.00 39.54 ? 432 HOH A O   1 
HETATM 681 O O   . HOH D 3 .  ? -1.848  -8.826  -8.178  1.00 35.01 ? 433 HOH A O   1 
HETATM 682 O O   . HOH D 3 .  ? -11.126 -0.984  -8.585  1.00 25.36 ? 434 HOH A O   1 
HETATM 683 O O   . HOH D 3 .  ? -12.443 0.445   -10.704 1.00 36.12 ? 435 HOH A O   1 
HETATM 684 O O   . HOH D 3 .  ? -15.072 1.920   -8.610  1.00 29.86 ? 436 HOH A O   1 
HETATM 685 O O   . HOH D 3 .  ? -6.585  -9.758  9.113   1.00 34.98 ? 437 HOH A O   1 
HETATM 686 O O   . HOH D 3 .  ? -7.735  -0.586  8.726   1.00 35.03 ? 438 HOH A O   1 
HETATM 687 O O   . HOH D 3 .  ? -9.730  1.299   6.917   1.00 42.77 ? 439 HOH A O   1 
HETATM 688 O O   . HOH D 3 .  ? -10.205 1.223   3.412   1.00 43.85 ? 440 HOH A O   1 
HETATM 689 O O   . HOH D 3 .  ? -0.838  7.808   9.747   1.00 25.42 ? 441 HOH A O   1 
HETATM 690 O O   . HOH D 3 .  ? 5.543   8.768   5.300   1.00 30.44 ? 442 HOH A O   1 
HETATM 691 O O   . HOH D 3 .  ? 9.979   8.673   4.165   1.00 29.24 ? 443 HOH A O   1 
HETATM 692 O O   . HOH D 3 .  ? 8.619   16.212  3.960   1.00 29.47 ? 444 HOH A O   1 
HETATM 693 O O   . HOH D 3 .  ? 9.916   4.026   5.767   1.00 28.54 ? 445 HOH A O   1 
HETATM 694 O O   . HOH D 3 .  ? 6.663   3.633   -5.059  1.00 42.76 ? 446 HOH A O   1 
HETATM 695 O O   . HOH D 3 .  ? 3.276   1.119   -9.108  1.00 46.25 ? 447 HOH A O   1 
HETATM 696 O O   . HOH D 3 .  ? -0.902  -19.547 -8.109  1.00 37.50 ? 448 HOH A O   1 
HETATM 697 O O   . HOH D 3 .  ? -1.854  -20.253 -5.142  1.00 38.36 ? 449 HOH A O   1 
HETATM 698 O O   . HOH D 3 .  ? -3.221  -18.393 -7.778  1.00 43.64 ? 450 HOH A O   1 
HETATM 699 O O   . HOH D 3 .  ? -5.678  -14.972 -5.624  1.00 29.87 ? 451 HOH A O   1 
HETATM 700 O O   . HOH D 3 .  ? -4.212  -19.848 -0.830  1.00 45.60 ? 452 HOH A O   1 
HETATM 701 O O   . HOH D 3 .  ? -4.962  -15.314 5.915   1.00 27.19 ? 453 HOH A O   1 
HETATM 702 O O   . HOH D 3 .  ? 2.295   -17.200 6.536   1.00 22.81 ? 454 HOH A O   1 
HETATM 703 O O   . HOH D 3 .  ? 5.353   -15.823 4.930   1.00 31.90 ? 455 HOH A O   1 
HETATM 704 O O   . HOH D 3 .  ? 7.380   -14.863 1.519   1.00 26.45 ? 456 HOH A O   1 
HETATM 705 O O   . HOH D 3 .  ? -9.226  -9.852  9.097   1.00 42.29 ? 457 HOH A O   1 
HETATM 706 O O   . HOH D 3 .  ? -9.567  -3.173  5.624   1.00 38.86 ? 458 HOH A O   1 
HETATM 707 O O   . HOH D 3 .  ? -1.179  22.836  -5.886  1.00 26.93 ? 459 HOH A O   1 
HETATM 708 O O   . HOH D 3 .  ? -4.284  20.337  1.251   1.00 23.12 ? 460 HOH A O   1 
HETATM 709 O O   . HOH D 3 .  ? 6.644   -3.163  8.531   1.00 32.68 ? 461 HOH A O   1 
HETATM 710 O O   . HOH D 3 .  ? 2.239   3.118   13.163  1.00 29.53 ? 462 HOH A O   1 
HETATM 711 O O   . HOH D 3 .  ? 9.538   0.388   7.009   1.00 30.15 ? 463 HOH A O   1 
HETATM 712 O O   . HOH D 3 .  ? 12.096  2.473   1.829   1.00 34.14 ? 464 HOH A O   1 
HETATM 713 O O   . HOH D 3 .  ? 13.064  11.701  -1.842  1.00 38.64 ? 465 HOH A O   1 
HETATM 714 O O   . HOH D 3 .  ? 10.795  15.212  2.120   1.00 23.54 ? 466 HOH A O   1 
HETATM 715 O O   . HOH D 3 .  ? 7.155   7.621   7.368   1.00 23.59 ? 467 HOH A O   1 
HETATM 716 O O   . HOH D 3 .  ? -4.069  7.189   7.766   1.00 33.97 ? 468 HOH A O   1 
HETATM 717 O O   . HOH D 3 .  ? -7.579  9.732   6.295   1.00 41.55 ? 469 HOH A O   1 
HETATM 718 O O   . HOH D 3 .  ? 12.018  7.278   0.372   1.00 37.93 ? 470 HOH A O   1 
HETATM 719 O O   . HOH D 3 .  ? 8.596   -1.843  -6.818  1.00 55.00 ? 471 HOH A O   1 
HETATM 720 O O   . HOH D 3 .  ? 8.890   -3.658  -10.043 1.00 50.46 ? 472 HOH A O   1 
HETATM 721 O O   . HOH D 3 .  ? -8.564  -5.197  -1.783  1.00 36.69 ? 473 HOH A O   1 
HETATM 722 O O   . HOH D 3 .  ? -9.504  -2.930  -1.620  1.00 35.32 ? 474 HOH A O   1 
HETATM 723 O O   . HOH D 3 .  ? -11.459 6.528   -2.473  1.00 40.14 ? 475 HOH A O   1 
HETATM 724 O O   . HOH D 3 .  ? 13.376  13.424  -8.292  1.00 47.84 ? 476 HOH A O   1 
HETATM 725 O O   . HOH D 3 .  ? -12.766 -5.146  6.339   1.00 43.84 ? 477 HOH A O   1 
HETATM 726 O O   . HOH D 3 .  ? -11.037 -17.600 8.069   1.00 36.37 ? 478 HOH A O   1 
HETATM 727 O O   . HOH D 3 .  ? -7.017  -18.233 8.930   1.00 39.84 ? 479 HOH A O   1 
HETATM 728 O O   . HOH D 3 .  ? 6.719   7.547   -9.187  1.00 39.12 ? 480 HOH A O   1 
HETATM 729 O O   . HOH D 3 .  ? 9.053   5.947   -9.566  1.00 48.02 ? 481 HOH A O   1 
HETATM 730 O O   . HOH D 3 .  ? -8.591  8.508   -0.277  1.00 44.41 ? 482 HOH A O   1 
HETATM 731 O O   . HOH D 3 .  ? -0.724  10.539  8.985   1.00 42.30 ? 483 HOH A O   1 
HETATM 732 O O   . HOH D 3 .  ? -7.659  -6.090  -10.259 1.00 32.81 ? 484 HOH A O   1 
HETATM 733 O O   . HOH D 3 .  ? 0.544   -7.321  -9.269  1.00 49.19 ? 485 HOH A O   1 
HETATM 734 O O   . HOH D 3 .  ? -8.524  -10.525 -3.686  1.00 45.24 ? 486 HOH A O   1 
HETATM 735 O O   . HOH D 3 .  ? -3.051  -0.193  -9.380  1.00 45.05 ? 487 HOH A O   1 
HETATM 736 O O   . HOH D 3 .  ? -4.967  21.454  -3.681  1.00 43.42 ? 488 HOH A O   1 
HETATM 737 O O   . HOH D 3 .  ? 2.029   19.094  1.603   1.00 33.92 ? 489 HOH A O   1 
HETATM 738 O O   . HOH D 3 .  ? -2.009  11.466  7.441   1.00 43.73 ? 490 HOH A O   1 
# 
loop_
_atom_site_anisotrop.id 
_atom_site_anisotrop.type_symbol 
_atom_site_anisotrop.pdbx_label_atom_id 
_atom_site_anisotrop.pdbx_label_alt_id 
_atom_site_anisotrop.pdbx_label_comp_id 
_atom_site_anisotrop.pdbx_label_asym_id 
_atom_site_anisotrop.pdbx_label_seq_id 
_atom_site_anisotrop.pdbx_PDB_ins_code 
_atom_site_anisotrop.U[1][1] 
_atom_site_anisotrop.U[2][2] 
_atom_site_anisotrop.U[3][3] 
_atom_site_anisotrop.U[1][2] 
_atom_site_anisotrop.U[1][3] 
_atom_site_anisotrop.U[2][3] 
_atom_site_anisotrop.pdbx_auth_seq_id 
_atom_site_anisotrop.pdbx_auth_comp_id 
_atom_site_anisotrop.pdbx_auth_asym_id 
_atom_site_anisotrop.pdbx_auth_atom_id 
1   N N   . HIS A 3  ? 0.5645 0.5628 0.7564 -0.0713 0.0031  0.0623  213 HIS A N   
2   C CA  . HIS A 3  ? 0.5606 0.5423 0.7171 -0.0649 -0.0009 0.0532  213 HIS A CA  
3   C C   . HIS A 3  ? 0.5154 0.5032 0.6626 -0.0568 -0.0031 0.0462  213 HIS A C   
4   O O   . HIS A 3  ? 0.5145 0.5007 0.6467 -0.0496 0.0039  0.0428  213 HIS A O   
5   C CB  . HIS A 3  ? 0.5819 0.5469 0.7274 -0.0704 -0.0142 0.0509  213 HIS A CB  
6   C CG  . HIS A 3  ? 0.6020 0.5522 0.7200 -0.0636 -0.0194 0.0420  213 HIS A CG  
7   N ND1 . HIS A 3  ? 0.6251 0.5666 0.7260 -0.0569 -0.0139 0.0394  213 HIS A ND1 
8   C CD2 . HIS A 3  ? 0.6220 0.5625 0.7278 -0.0627 -0.0293 0.0358  213 HIS A CD2 
9   C CE1 . HIS A 3  ? 0.6299 0.5612 0.7158 -0.0513 -0.0192 0.0324  213 HIS A CE1 
10  N NE2 . HIS A 3  ? 0.6409 0.5700 0.7271 -0.0545 -0.0266 0.0296  213 HIS A NE2 
11  N N   . MET A 4  ? 0.4836 0.4757 0.6382 -0.0592 -0.0139 0.0447  214 MET A N   
12  C CA  . MET A 4  ? 0.4351 0.4340 0.5852 -0.0534 -0.0144 0.0400  214 MET A CA  
13  C C   . MET A 4  ? 0.3844 0.3999 0.5517 -0.0498 -0.0035 0.0444  214 MET A C   
14  O O   . MET A 4  ? 0.3497 0.3671 0.5057 -0.0432 0.0017  0.0403  214 MET A O   
15  C CB  . MET A 4  ? 0.4547 0.4491 0.6051 -0.0578 -0.0294 0.0386  214 MET A CB  
16  C CG  . MET A 4  ? 0.4657 0.4638 0.6085 -0.0527 -0.0301 0.0341  214 MET A CG  
17  S SD  . MET A 4  ? 0.4841 0.4716 0.5975 -0.0441 -0.0234 0.0243  214 MET A SD  
18  C CE  . MET A 4  ? 0.4873 0.4494 0.5788 -0.0489 -0.0357 0.0196  214 MET A CE  
19  N N   . GLU A 5  ? 0.3552 0.3820 0.5506 -0.0539 0.0011  0.0528  215 GLU A N   
20  C CA  . GLU A 5  ? 0.3423 0.3827 0.5542 -0.0490 0.0143  0.0569  215 GLU A CA  
21  C C   . GLU A 5  ? 0.3226 0.3545 0.5112 -0.0425 0.0300  0.0543  215 GLU A C   
22  O O   . GLU A 5  ? 0.2868 0.3216 0.4703 -0.0365 0.0370  0.0527  215 GLU A O   
23  C CB  . GLU A 5  ? 0.3579 0.4116 0.6084 -0.0536 0.0204  0.0674  215 GLU A CB  
24  C CG  . GLU A 5  ? 0.3831 0.4507 0.6548 -0.0474 0.0327  0.0716  215 GLU A CG  
25  C CD  . GLU A 5  ? 0.4091 0.4886 0.7192 -0.0494 0.0480  0.0826  215 GLU A CD  
26  O OE1 . GLU A 5  ? 0.4100 0.4923 0.7406 -0.0577 0.0440  0.0885  215 GLU A OE1 
27  O OE2 . GLU A 5  ? 0.4709 0.5557 0.7913 -0.0423 0.0653  0.0856  215 GLU A OE2 
28  N N   . ALA A 6  ? 0.3126 0.3309 0.4847 -0.0444 0.0337  0.0542  216 ALA A N   
29  C CA  . ALA A 6  ? 0.3085 0.3122 0.4523 -0.0399 0.0435  0.0519  216 ALA A CA  
30  C C   . ALA A 6  ? 0.2892 0.2897 0.4121 -0.0343 0.0359  0.0441  216 ALA A C   
31  O O   . ALA A 6  ? 0.2852 0.2795 0.3922 -0.0302 0.0425  0.0428  216 ALA A O   
32  C CB  . ALA A 6  ? 0.3325 0.3197 0.4618 -0.0438 0.0438  0.0536  216 ALA A CB  
33  N N   . VAL A 7  ? 0.2547 0.2568 0.3765 -0.0347 0.0227  0.0390  217 VAL A N   
34  C CA  . VAL A 7  ? 0.2480 0.2497 0.3573 -0.0300 0.0173  0.0324  217 VAL A CA  
35  C C   . VAL A 7  ? 0.2212 0.2342 0.3382 -0.0275 0.0194  0.0317  217 VAL A C   
36  O O   . VAL A 7  ? 0.2013 0.2132 0.3074 -0.0236 0.0223  0.0290  217 VAL A O   
37  C CB  . VAL A 7  ? 0.2471 0.2446 0.3533 -0.0306 0.0066  0.0275  217 VAL A CB  
38  C CG1 . VAL A 7  ? 0.2471 0.2453 0.3443 -0.0254 0.0046  0.0212  217 VAL A CG1 
39  C CG2 . VAL A 7  ? 0.2951 0.2796 0.3928 -0.0317 0.0041  0.0280  217 VAL A CG2 
40  N N   . GLN A 8  ? 0.2060 0.2284 0.3419 -0.0302 0.0164  0.0345  218 GLN A N   
41  C CA  . GLN A 8  ? 0.2259 0.2571 0.3691 -0.0274 0.0178  0.0347  218 GLN A CA  
42  C C   . GLN A 8  ? 0.2305 0.2624 0.3721 -0.0232 0.0314  0.0373  218 GLN A C   
43  O O   . GLN A 8  ? 0.2039 0.2359 0.3368 -0.0192 0.0333  0.0345  218 GLN A O   
44  C CB  . GLN A 8  ? 0.2285 0.2688 0.3958 -0.0314 0.0101  0.0393  218 GLN A CB  
45  C CG  . GLN A 8  ? 0.2811 0.3136 0.4394 -0.0357 -0.0047 0.0353  218 GLN A CG  
46  C CD  . GLN A 8  ? 0.3672 0.4039 0.5460 -0.0414 -0.0170 0.0405  218 GLN A CD  
47  O OE1 . GLN A 8  ? 0.4461 0.4815 0.6368 -0.0478 -0.0236 0.0446  218 GLN A OE1 
48  N NE2 . GLN A 8  ? 0.4714 0.5118 0.6540 -0.0396 -0.0219 0.0409  218 GLN A NE2 
49  N N   . ASN A 9  ? 0.2398 0.2689 0.3869 -0.0243 0.0420  0.0427  219 ASN A N   
50  C CA  . ASN A 9  ? 0.2474 0.2692 0.3854 -0.0202 0.0581  0.0451  219 ASN A CA  
51  C C   . ASN A 9  ? 0.2509 0.2567 0.3551 -0.0178 0.0577  0.0399  219 ASN A C   
52  O O   . ASN A 9  ? 0.2653 0.2657 0.3577 -0.0142 0.0637  0.0388  219 ASN A O   
53  C CB  . ASN A 9  ? 0.2745 0.2900 0.4182 -0.0225 0.0719  0.0517  219 ASN A CB  
54  C CG  . ASN A 9  ? 0.2689 0.3013 0.4527 -0.0240 0.0778  0.0594  219 ASN A CG  
55  O OD1 . ASN A 9  ? 0.3230 0.3688 0.5270 -0.0211 0.0754  0.0606  219 ASN A OD1 
56  N ND2 . ASN A 9  ? 0.2925 0.3240 0.4898 -0.0288 0.0847  0.0653  219 ASN A ND2 
57  N N   . ARG A 10 ? 0.2344 0.2315 0.3241 -0.0201 0.0496  0.0372  220 ARG A N   
58  C CA  . ARG A 10 ? 0.2376 0.2213 0.3015 -0.0188 0.0447  0.0334  220 ARG A CA  
59  C C   . ARG A 10 ? 0.2024 0.1946 0.2669 -0.0164 0.0377  0.0284  220 ARG A C   
60  O O   . ARG A 10 ? 0.2255 0.2083 0.2726 -0.0152 0.0378  0.0269  220 ARG A O   
61  C CB  . ARG A 10 ? 0.2324 0.2090 0.2898 -0.0211 0.0352  0.0324  220 ARG A CB  
62  C CG  . ARG A 10 ? 0.2575 0.2177 0.3033 -0.0239 0.0419  0.0373  220 ARG A CG  
63  C CD  . ARG A 10 ? 0.2671 0.2209 0.3100 -0.0258 0.0315  0.0369  220 ARG A CD  
64  N NE  . ARG A 10 ? 0.2832 0.2297 0.3133 -0.0236 0.0195  0.0337  220 ARG A NE  
65  C CZ  . ARG A 10 ? 0.2755 0.2225 0.3109 -0.0227 0.0086  0.0318  220 ARG A CZ  
66  N NH1 . ARG A 10 ? 0.3087 0.2513 0.3390 -0.0205 -0.0013 0.0305  220 ARG A NH1 
67  N NH2 . ARG A 10 ? 0.2952 0.2467 0.3427 -0.0238 0.0072  0.0316  220 ARG A NH2 
68  N N   . ILE A 11 ? 0.1843 0.1907 0.2656 -0.0167 0.0313  0.0260  221 ILE A N   
69  C CA  . ILE A 11 ? 0.1778 0.1905 0.2592 -0.0150 0.0270  0.0217  221 ILE A CA  
70  C C   . ILE A 11 ? 0.1888 0.2019 0.2679 -0.0125 0.0341  0.0229  221 ILE A C   
71  O O   . ILE A 11 ? 0.1755 0.1837 0.2417 -0.0113 0.0335  0.0204  221 ILE A O   
72  C CB  . ILE A 11 ? 0.1662 0.1866 0.2591 -0.0164 0.0198  0.0192  221 ILE A CB  
73  C CG1 . ILE A 11 ? 0.1765 0.1923 0.2666 -0.0172 0.0144  0.0166  221 ILE A CG1 
74  C CG2 . ILE A 11 ? 0.1326 0.1557 0.2217 -0.0151 0.0176  0.0150  221 ILE A CG2 
75  C CD1 . ILE A 11 ? 0.1841 0.1991 0.2777 -0.0191 0.0086  0.0139  221 ILE A CD1 
76  N N   . VAL A 12 ? 0.1918 0.2103 0.2857 -0.0116 0.0405  0.0274  222 VAL A N   
77  C CA  . VAL A 12 ? 0.2007 0.2192 0.2959 -0.0079 0.0487  0.0294  222 VAL A CA  
78  C C   . VAL A 12 ? 0.2280 0.2286 0.2983 -0.0061 0.0584  0.0295  222 VAL A C   
79  O O   . VAL A 12 ? 0.2395 0.2330 0.2959 -0.0040 0.0600  0.0274  222 VAL A O   
80  C CB  . VAL A 12 ? 0.2004 0.2301 0.3248 -0.0066 0.0547  0.0360  222 VAL A CB  
81  C CG1 . VAL A 12 ? 0.2084 0.2359 0.3356 -0.0009 0.0662  0.0387  222 VAL A CG1 
82  C CG2 . VAL A 12 ? 0.1959 0.2383 0.3403 -0.0097 0.0405  0.0362  222 VAL A CG2 
83  N N   . GLU A 13 ? 0.2635 0.2525 0.3242 -0.0076 0.0643  0.0321  223 GLU A N   
84  C CA  A GLU A 13 ? 0.2919 0.2559 0.3206 -0.0069 0.0722  0.0323  223 GLU A CA  
85  C CA  B GLU A 13 ? 0.3026 0.2656 0.3299 -0.0077 0.0709  0.0323  223 GLU A CA  
86  C C   . GLU A 13 ? 0.2923 0.2471 0.2993 -0.0092 0.0595  0.0277  223 GLU A C   
87  O O   . GLU A 13 ? 0.3309 0.2685 0.3146 -0.0084 0.0628  0.0270  223 GLU A O   
88  C CB  A GLU A 13 ? 0.3006 0.2481 0.3168 -0.0090 0.0810  0.0362  223 GLU A CB  
89  C CB  B GLU A 13 ? 0.3177 0.2694 0.3352 -0.0115 0.0699  0.0343  223 GLU A CB  
90  C CG  A GLU A 13 ? 0.3540 0.2673 0.3264 -0.0103 0.0836  0.0358  223 GLU A CG  
91  C CG  B GLU A 13 ? 0.3732 0.3071 0.3799 -0.0116 0.0870  0.0397  223 GLU A CG  
92  C CD  A GLU A 13 ? 0.4206 0.3141 0.3744 -0.0062 0.1024  0.0377  223 GLU A CD  
93  C CD  B GLU A 13 ? 0.3609 0.2900 0.3661 -0.0161 0.0827  0.0418  223 GLU A CD  
94  O OE1 A GLU A 13 ? 0.4432 0.3056 0.3560 -0.0076 0.1018  0.0363  223 GLU A OE1 
95  O OE1 B GLU A 13 ? 0.3420 0.2573 0.3258 -0.0188 0.0699  0.0398  223 GLU A OE1 
96  O OE2 A GLU A 13 ? 0.4612 0.3686 0.4414 -0.0017 0.1172  0.0409  223 GLU A OE2 
97  O OE2 B GLU A 13 ? 0.3584 0.2986 0.3873 -0.0171 0.0905  0.0458  223 GLU A OE2 
98  N N   . ALA A 14 ? 0.2591 0.2240 0.2745 -0.0119 0.0457  0.0251  224 ALA A N   
99  C CA  . ALA A 14 ? 0.2530 0.2133 0.2575 -0.0140 0.0339  0.0220  224 ALA A CA  
100 C C   . ALA A 14 ? 0.2481 0.2154 0.2554 -0.0129 0.0334  0.0193  224 ALA A C   
101 O O   . ALA A 14 ? 0.2597 0.2145 0.2493 -0.0147 0.0298  0.0184  224 ALA A O   
102 C CB  . ALA A 14 ? 0.2345 0.2071 0.2554 -0.0153 0.0228  0.0203  224 ALA A CB  
103 N N   . ALA A 15 ? 0.2211 0.2053 0.2481 -0.0107 0.0359  0.0183  225 ALA A N   
104 C CA  . ALA A 15 ? 0.2022 0.1903 0.2294 -0.0097 0.0360  0.0160  225 ALA A CA  
105 C C   . ALA A 15 ? 0.2156 0.1883 0.2249 -0.0072 0.0449  0.0176  225 ALA A C   
106 O O   . ALA A 15 ? 0.2064 0.1705 0.2014 -0.0083 0.0426  0.0156  225 ALA A O   
107 C CB  . ALA A 15 ? 0.1834 0.1872 0.2309 -0.0083 0.0355  0.0157  225 ALA A CB  
108 N N   . GLU A 16 ? 0.2248 0.1923 0.2352 -0.0039 0.0564  0.0213  226 GLU A N   
109 C CA  . GLU A 16 ? 0.2612 0.2111 0.2548 0.0002  0.0692  0.0231  226 GLU A CA  
110 C C   . GLU A 16 ? 0.2938 0.2136 0.2483 -0.0026 0.0689  0.0220  226 GLU A C   
111 O O   . GLU A 16 ? 0.3119 0.2137 0.2462 -0.0004 0.0757  0.0216  226 GLU A O   
112 C CB  . GLU A 16 ? 0.2815 0.2336 0.2901 0.0048  0.0843  0.0281  226 GLU A CB  
113 C CG  . GLU A 16 ? 0.2864 0.2649 0.3336 0.0073  0.0820  0.0304  226 GLU A CG  
114 C CD  . GLU A 16 ? 0.3680 0.3515 0.4386 0.0113  0.0971  0.0371  226 GLU A CD  
115 O OE1 . GLU A 16 ? 0.4317 0.4009 0.4899 0.0108  0.1089  0.0394  226 GLU A OE1 
116 O OE2 . GLU A 16 ? 0.3870 0.3879 0.4892 0.0144  0.0966  0.0407  226 GLU A OE2 
117 N N   . ARG A 17 ? 0.2896 0.2024 0.2331 -0.0080 0.0587  0.0214  227 ARG A N   
118 C CA  . ARG A 17 ? 0.3421 0.2244 0.2483 -0.0125 0.0528  0.0212  227 ARG A CA  
119 C C   . ARG A 17 ? 0.3435 0.2268 0.2459 -0.0171 0.0381  0.0184  227 ARG A C   
120 O O   . ARG A 17 ? 0.3681 0.2250 0.2403 -0.0222 0.0301  0.0188  227 ARG A O   
121 C CB  . ARG A 17 ? 0.3642 0.2365 0.2609 -0.0164 0.0458  0.0231  227 ARG A CB  
122 C CG  . ARG A 17 ? 0.4403 0.3060 0.3357 -0.0131 0.0619  0.0265  227 ARG A CG  
123 C CD  . ARG A 17 ? 0.5307 0.3597 0.3879 -0.0115 0.0783  0.0285  227 ARG A CD  
124 N NE  . ARG A 17 ? 0.5833 0.4089 0.4380 -0.0061 0.0911  0.0276  227 ARG A NE  
125 C CZ  . ARG A 17 ? 0.5528 0.3940 0.4334 0.0011  0.1087  0.0295  227 ARG A CZ  
126 N NH1 . ARG A 17 ? 0.5220 0.3575 0.3983 0.0060  0.1172  0.0287  227 ARG A NH1 
127 N NH2 . ARG A 17 ? 0.5930 0.4552 0.5056 0.0032  0.1166  0.0329  227 ARG A NH2 
128 N N   . VAL A 18 ? 0.2897 0.2001 0.2207 -0.0164 0.0343  0.0163  228 VAL A N   
129 C CA  . VAL A 18 ? 0.2831 0.1960 0.2145 -0.0212 0.0231  0.0142  228 VAL A CA  
130 C C   . VAL A 18 ? 0.2870 0.1869 0.2015 -0.0192 0.0304  0.0132  228 VAL A C   
131 O O   . VAL A 18 ? 0.2484 0.1568 0.1732 -0.0131 0.0412  0.0131  228 VAL A O   
132 C CB  . VAL A 18 ? 0.2541 0.1972 0.2195 -0.0214 0.0186  0.0123  228 VAL A CB  
133 C CG1 . VAL A 18 ? 0.2491 0.1959 0.2184 -0.0261 0.0112  0.0106  228 VAL A CG1 
134 C CG2 . VAL A 18 ? 0.2459 0.1990 0.2271 -0.0224 0.0118  0.0132  228 VAL A CG2 
135 N N   . PRO A 19 ? 0.3050 0.1819 0.1932 -0.0249 0.0228  0.0130  229 PRO A N   
136 C CA  . PRO A 19 ? 0.3262 0.1869 0.1950 -0.0236 0.0287  0.0118  229 PRO A CA  
137 C C   . PRO A 19 ? 0.3036 0.1897 0.1990 -0.0209 0.0313  0.0100  229 PRO A C   
138 O O   . PRO A 19 ? 0.2878 0.1956 0.2067 -0.0250 0.0230  0.0089  229 PRO A O   
139 C CB  . PRO A 19 ? 0.3616 0.1993 0.2056 -0.0334 0.0137  0.0121  229 PRO A CB  
140 C CG  . PRO A 19 ? 0.3678 0.1975 0.2061 -0.0380 0.0025  0.0145  229 PRO A CG  
141 C CD  . PRO A 19 ? 0.3333 0.1952 0.2078 -0.0330 0.0069  0.0146  229 PRO A CD  
142 N N   . GLY A 20 ? 0.2994 0.1819 0.1920 -0.0136 0.0434  0.0101  230 GLY A N   
143 C CA  . GLY A 20 ? 0.2979 0.1973 0.2090 -0.0109 0.0445  0.0090  230 GLY A CA  
144 C C   . GLY A 20 ? 0.2594 0.1817 0.1993 -0.0048 0.0492  0.0104  230 GLY A C   
145 O O   . GLY A 20 ? 0.2634 0.1946 0.2147 -0.0020 0.0493  0.0103  230 GLY A O   
146 N N   . VAL A 21 ? 0.2493 0.1798 0.2004 -0.0039 0.0506  0.0118  231 VAL A N   
147 C CA  . VAL A 21 ? 0.2283 0.1785 0.2069 0.0007  0.0537  0.0139  231 VAL A CA  
148 C C   . VAL A 21 ? 0.2651 0.2093 0.2476 0.0091  0.0665  0.0176  231 VAL A C   
149 O O   . VAL A 21 ? 0.3084 0.2367 0.2775 0.0118  0.0773  0.0194  231 VAL A O   
150 C CB  . VAL A 21 ? 0.2266 0.1874 0.2172 -0.0019 0.0505  0.0144  231 VAL A CB  
151 C CG1 . VAL A 21 ? 0.1909 0.1694 0.2090 0.0017  0.0525  0.0171  231 VAL A CG1 
152 C CG2 . VAL A 21 ? 0.1843 0.1535 0.1781 -0.0083 0.0391  0.0110  231 VAL A CG2 
153 N N   . ARG A 22 ? 0.2574 0.2130 0.2592 0.0132  0.0654  0.0194  232 ARG A N   
154 C CA  . ARG A 22 ? 0.2837 0.2396 0.3019 0.0222  0.0765  0.0245  232 ARG A CA  
155 C C   . ARG A 22 ? 0.2755 0.2548 0.3299 0.0228  0.0715  0.0284  232 ARG A C   
156 O O   . ARG A 22 ? 0.2978 0.2871 0.3710 0.0246  0.0634  0.0307  232 ARG A O   
157 C CB  . ARG A 22 ? 0.2854 0.2336 0.2990 0.0265  0.0763  0.0248  232 ARG A CB  
158 C CG  . ARG A 22 ? 0.3834 0.3045 0.3599 0.0259  0.0813  0.0215  232 ARG A CG  
159 C CD  . ARG A 22 ? 0.4918 0.4058 0.4675 0.0314  0.0811  0.0228  232 ARG A CD  
160 N NE  . ARG A 22 ? 0.5659 0.4507 0.5051 0.0313  0.0862  0.0201  232 ARG A NE  
161 C CZ  . ARG A 22 ? 0.5400 0.4111 0.4711 0.0369  0.0891  0.0210  232 ARG A CZ  
162 N NH1 . ARG A 22 ? 0.5022 0.3861 0.4610 0.0440  0.0868  0.0251  232 ARG A NH1 
163 N NH2 . ARG A 22 ? 0.6146 0.4561 0.5085 0.0352  0.0930  0.0181  232 ARG A NH2 
164 N N   . GLY A 23 ? 0.2703 0.2554 0.3318 0.0206  0.0745  0.0294  233 GLY A N   
165 C CA  . GLY A 23 ? 0.2550 0.2594 0.3481 0.0194  0.0696  0.0333  233 GLY A CA  
166 C C   . GLY A 23 ? 0.2350 0.2489 0.3289 0.0122  0.0534  0.0296  233 GLY A C   
167 O O   . GLY A 23 ? 0.2269 0.2362 0.3039 0.0090  0.0453  0.0249  233 GLY A O   
168 N N   . VAL A 24 ? 0.2270 0.2528 0.3415 0.0097  0.0500  0.0324  234 VAL A N   
169 C CA  . VAL A 24 ? 0.2142 0.2466 0.3323 0.0038  0.0352  0.0301  234 VAL A CA  
170 C C   . VAL A 24 ? 0.2200 0.2605 0.3628 0.0044  0.0251  0.0353  234 VAL A C   
171 O O   . VAL A 24 ? 0.2288 0.2797 0.4009 0.0059  0.0268  0.0420  234 VAL A O   
172 C CB  . VAL A 24 ? 0.2243 0.2598 0.3443 -0.0003 0.0351  0.0294  234 VAL A CB  
173 C CG1 . VAL A 24 ? 0.1961 0.2333 0.3151 -0.0058 0.0212  0.0265  234 VAL A CG1 
174 C CG2 . VAL A 24 ? 0.2354 0.2600 0.3305 -0.0009 0.0420  0.0254  234 VAL A CG2 
175 N N   . ILE A 25 ? 0.1994 0.2337 0.3300 0.0026  0.0138  0.0327  235 ILE A N   
176 C CA  . ILE A 25 ? 0.1941 0.2300 0.3403 0.0018  -0.0005 0.0374  235 ILE A CA  
177 C C   . ILE A 25 ? 0.1961 0.2343 0.3506 -0.0052 -0.0137 0.0386  235 ILE A C   
178 O O   . ILE A 25 ? 0.1795 0.2249 0.3612 -0.0064 -0.0240 0.0456  235 ILE A O   
179 C CB  . ILE A 25 ? 0.2117 0.2328 0.3320 0.0012  -0.0076 0.0336  235 ILE A CB  
180 C CG1 . ILE A 25 ? 0.2267 0.2448 0.3435 0.0083  0.0037  0.0343  235 ILE A CG1 
181 C CG2 . ILE A 25 ? 0.2108 0.2262 0.3373 -0.0019 -0.0274 0.0379  235 ILE A CG2 
182 C CD1 . ILE A 25 ? 0.2137 0.2153 0.2997 0.0073  0.0010  0.0296  235 ILE A CD1 
183 N N   . HIS A 26 ? 0.2143 0.2454 0.3465 -0.0098 -0.0136 0.0320  236 HIS A N   
184 C CA  . HIS A 26 ? 0.2173 0.2426 0.3456 -0.0167 -0.0259 0.0311  236 HIS A CA  
185 C C   . HIS A 26 ? 0.2166 0.2403 0.3314 -0.0184 -0.0177 0.0253  236 HIS A C   
186 O O   . HIS A 26 ? 0.2069 0.2268 0.3036 -0.0164 -0.0084 0.0198  236 HIS A O   
187 C CB  . HIS A 26 ? 0.2259 0.2312 0.3281 -0.0209 -0.0392 0.0281  236 HIS A CB  
188 C CG  . HIS A 26 ? 0.2396 0.2309 0.3281 -0.0280 -0.0504 0.0260  236 HIS A CG  
189 N ND1 . HIS A 26 ? 0.1949 0.1897 0.3041 -0.0327 -0.0632 0.0320  236 HIS A ND1 
190 C CD2 . HIS A 26 ? 0.2637 0.2353 0.3191 -0.0313 -0.0489 0.0187  236 HIS A CD2 
191 C CE1 . HIS A 26 ? 0.2649 0.2400 0.3498 -0.0389 -0.0707 0.0280  236 HIS A CE1 
192 N NE2 . HIS A 26 ? 0.2818 0.2416 0.3332 -0.0375 -0.0614 0.0198  236 HIS A NE2 
193 N N   . LEU A 27 ? 0.2003 0.2266 0.3263 -0.0223 -0.0223 0.0275  237 LEU A N   
194 C CA  . LEU A 27 ? 0.1912 0.2128 0.3041 -0.0239 -0.0175 0.0225  237 LEU A CA  
195 C C   . LEU A 27 ? 0.2231 0.2356 0.3353 -0.0302 -0.0298 0.0233  237 LEU A C   
196 O O   . LEU A 27 ? 0.1988 0.2193 0.3344 -0.0333 -0.0357 0.0298  237 LEU A O   
197 C CB  . LEU A 27 ? 0.1801 0.2128 0.3053 -0.0209 -0.0053 0.0244  237 LEU A CB  
198 C CG  . LEU A 27 ? 0.1866 0.2147 0.3029 -0.0225 -0.0027 0.0211  237 LEU A CG  
199 C CD1 . LEU A 27 ? 0.2023 0.2218 0.2974 -0.0210 -0.0003 0.0140  237 LEU A CD1 
200 C CD2 . LEU A 27 ? 0.2085 0.2432 0.3348 -0.0208 0.0070  0.0247  237 LEU A CD2 
201 N N   . ARG A 28 ? 0.2225 0.2167 0.3072 -0.0325 -0.0325 0.0170  238 ARG A N   
202 C CA  . ARG A 28 ? 0.2716 0.2501 0.3454 -0.0380 -0.0414 0.0157  238 ARG A CA  
203 C C   . ARG A 28 ? 0.2802 0.2574 0.3467 -0.0353 -0.0303 0.0109  238 ARG A C   
204 O O   . ARG A 28 ? 0.2911 0.2659 0.3452 -0.0310 -0.0201 0.0056  238 ARG A O   
205 C CB  . ARG A 28 ? 0.3011 0.2523 0.3425 -0.0417 -0.0500 0.0117  238 ARG A CB  
206 C CG  . ARG A 28 ? 0.4018 0.3303 0.4266 -0.0483 -0.0610 0.0108  238 ARG A CG  
207 C CD  . ARG A 28 ? 0.5139 0.4076 0.4950 -0.0500 -0.0606 0.0038  238 ARG A CD  
208 N NE  . ARG A 28 ? 0.6083 0.4768 0.5717 -0.0571 -0.0725 0.0035  238 ARG A NE  
209 C CZ  . ARG A 28 ? 0.6998 0.5328 0.6229 -0.0586 -0.0694 -0.0031 238 ARG A CZ  
210 N NH1 . ARG A 28 ? 0.7154 0.5235 0.6216 -0.0657 -0.0818 -0.0027 238 ARG A NH1 
211 N NH2 . ARG A 28 ? 0.7521 0.5719 0.6507 -0.0535 -0.0531 -0.0097 238 ARG A NH2 
212 N N   . ALA A 29 ? 0.2669 0.2441 0.3421 -0.0384 -0.0333 0.0131  239 ALA A N   
213 C CA  . ALA A 29 ? 0.3000 0.2742 0.3695 -0.0355 -0.0249 0.0094  239 ALA A CA  
214 C C   . ALA A 29 ? 0.3148 0.2723 0.3766 -0.0411 -0.0338 0.0097  239 ALA A C   
215 O O   . ALA A 29 ? 0.3557 0.3156 0.4309 -0.0474 -0.0444 0.0154  239 ALA A O   
216 C CB  . ALA A 29 ? 0.2455 0.2383 0.3344 -0.0323 -0.0166 0.0129  239 ALA A CB  
217 N N   . ARG A 30 ? 0.3292 0.2681 0.3696 -0.0392 -0.0297 0.0036  240 ARG A N   
218 C CA  A ARG A 30 ? 0.3441 0.2617 0.3711 -0.0442 -0.0374 0.0030  240 ARG A CA  
219 C CA  B ARG A 30 ? 0.3508 0.2670 0.3762 -0.0441 -0.0373 0.0026  240 ARG A CA  
220 C C   . ARG A 30 ? 0.3514 0.2610 0.3707 -0.0381 -0.0267 -0.0018 240 ARG A C   
221 O O   . ARG A 30 ? 0.3055 0.2215 0.3258 -0.0305 -0.0145 -0.0054 240 ARG A O   
222 C CB  A ARG A 30 ? 0.3783 0.2663 0.3756 -0.0500 -0.0479 0.0003  240 ARG A CB  
223 C CB  B ARG A 30 ? 0.3899 0.2753 0.3831 -0.0488 -0.0455 -0.0010 240 ARG A CB  
224 C CG  A ARG A 30 ? 0.3713 0.2655 0.3772 -0.0556 -0.0615 0.0057  240 ARG A CG  
225 C CG  B ARG A 30 ? 0.4238 0.2885 0.3884 -0.0428 -0.0321 -0.0093 240 ARG A CG  
226 C CD  A ARG A 30 ? 0.3532 0.2633 0.3904 -0.0627 -0.0749 0.0149  240 ARG A CD  
227 C CD  B ARG A 30 ? 0.4882 0.3192 0.4161 -0.0482 -0.0398 -0.0120 240 ARG A CD  
228 N NE  A ARG A 30 ? 0.3249 0.2502 0.3835 -0.0649 -0.0841 0.0213  240 ARG A NE  
229 N NE  B ARG A 30 ? 0.5297 0.3551 0.4424 -0.0431 -0.0263 -0.0168 240 ARG A NE  
230 C CZ  A ARG A 30 ? 0.3379 0.2441 0.3800 -0.0705 -0.1002 0.0223  240 ARG A CZ  
231 C CZ  B ARG A 30 ? 0.5903 0.3871 0.4724 -0.0396 -0.0123 -0.0236 240 ARG A CZ  
232 N NH1 A ARG A 30 ? 0.2156 0.1356 0.2804 -0.0718 -0.1101 0.0291  240 ARG A NH1 
233 N NH1 B ARG A 30 ? 0.6232 0.4179 0.4960 -0.0357 0.0012  -0.0268 240 ARG A NH1 
234 N NH2 A ARG A 30 ? 0.4097 0.2784 0.4094 -0.0746 -0.1064 0.0165  240 ARG A NH2 
235 N NH2 B ARG A 30 ? 0.6051 0.3744 0.4661 -0.0398 -0.0102 -0.0269 240 ARG A NH2 
236 N N   . TYR A 31 ? 0.3626 0.2587 0.3771 -0.0416 -0.0319 -0.0010 241 TYR A N   
237 C CA  . TYR A 31 ? 0.3621 0.2464 0.3684 -0.0355 -0.0233 -0.0049 241 TYR A CA  
238 C C   . TYR A 31 ? 0.3993 0.2509 0.3738 -0.0335 -0.0186 -0.0120 241 TYR A C   
239 O O   . TYR A 31 ? 0.4450 0.2716 0.3947 -0.0406 -0.0282 -0.0130 241 TYR A O   
240 C CB  . TYR A 31 ? 0.3555 0.2366 0.3684 -0.0396 -0.0297 -0.0009 241 TYR A CB  
241 C CG  . TYR A 31 ? 0.3337 0.2410 0.3729 -0.0381 -0.0268 0.0047  241 TYR A CG  
242 C CD1 . TYR A 31 ? 0.3697 0.2912 0.4266 -0.0454 -0.0328 0.0117  241 TYR A CD1 
243 C CD2 . TYR A 31 ? 0.3379 0.2529 0.3837 -0.0298 -0.0180 0.0035  241 TYR A CD2 
244 C CE1 . TYR A 31 ? 0.3630 0.3019 0.4374 -0.0440 -0.0271 0.0166  241 TYR A CE1 
245 C CE2 . TYR A 31 ? 0.3357 0.2678 0.3974 -0.0292 -0.0162 0.0087  241 TYR A CE2 
246 C CZ  . TYR A 31 ? 0.3390 0.2809 0.4117 -0.0361 -0.0193 0.0148  241 TYR A CZ  
247 O OH  . TYR A 31 ? 0.3439 0.2958 0.4254 -0.0354 -0.0147 0.0194  241 TYR A OH  
248 N N   . VAL A 32 ? 0.3837 0.2344 0.3589 -0.0237 -0.0040 -0.0163 242 VAL A N   
249 C CA  . VAL A 32 ? 0.4176 0.2355 0.3654 -0.0190 0.0064  -0.0229 242 VAL A CA  
250 C C   . VAL A 32 ? 0.3858 0.2060 0.3479 -0.0120 0.0116  -0.0224 242 VAL A C   
251 O O   . VAL A 32 ? 0.3560 0.1986 0.3438 -0.0046 0.0189  -0.0210 242 VAL A O   
252 C CB  . VAL A 32 ? 0.4177 0.2371 0.3626 -0.0130 0.0215  -0.0268 242 VAL A CB  
253 C CG1 . VAL A 32 ? 0.4706 0.2525 0.3842 -0.0086 0.0357  -0.0335 242 VAL A CG1 
254 C CG2 . VAL A 32 ? 0.4449 0.2697 0.3822 -0.0203 0.0131  -0.0254 242 VAL A CG2 
255 N N   . GLY A 33 ? 0.3971 0.1952 0.3444 -0.0157 0.0045  -0.0222 243 GLY A N   
256 C CA  . GLY A 33 ? 0.3916 0.1923 0.3531 -0.0103 0.0060  -0.0203 243 GLY A CA  
257 C C   . GLY A 33 ? 0.3681 0.2031 0.3598 -0.0129 -0.0018 -0.0134 243 GLY A C   
258 O O   . GLY A 33 ? 0.3615 0.2071 0.3564 -0.0223 -0.0121 -0.0094 243 GLY A O   
259 N N   . GLN A 34 ? 0.3379 0.1880 0.3511 -0.0047 0.0030  -0.0115 244 GLN A N   
260 C CA  . GLN A 34 ? 0.3269 0.2027 0.3617 -0.0064 -0.0028 -0.0053 244 GLN A CA  
261 C C   . GLN A 34 ? 0.2935 0.1947 0.3436 -0.0051 0.0005  -0.0045 244 GLN A C   
262 O O   . GLN A 34 ? 0.2708 0.1894 0.3337 -0.0065 -0.0032 0.0002  244 GLN A O   
263 C CB  . GLN A 34 ? 0.3471 0.2210 0.3929 0.0007  -0.0029 -0.0031 244 GLN A CB  
264 C CG  . GLN A 34 ? 0.3795 0.2648 0.4449 0.0116  0.0050  -0.0042 244 GLN A CG  
265 C CD  . GLN A 34 ? 0.4531 0.3382 0.5344 0.0190  0.0014  -0.0004 244 GLN A CD  
266 O OE1 . GLN A 34 ? 0.3979 0.2999 0.5026 0.0247  0.0013  0.0021  244 GLN A OE1 
267 N NE2 . GLN A 34 ? 0.4326 0.2977 0.5019 0.0182  -0.0033 0.0007  244 GLN A NE2 
268 N N   . ASP A 35 ? 0.2912 0.1904 0.3364 -0.0022 0.0085  -0.0092 245 ASP A N   
269 C CA  . ASP A 35 ? 0.2659 0.1859 0.3239 -0.0006 0.0125  -0.0089 245 ASP A CA  
270 C C   . ASP A 35 ? 0.2588 0.1833 0.3080 -0.0084 0.0077  -0.0082 245 ASP A C   
271 O O   . ASP A 35 ? 0.3078 0.2155 0.3391 -0.0134 0.0041  -0.0099 245 ASP A O   
272 C CB  . ASP A 35 ? 0.2607 0.1766 0.3206 0.0066  0.0257  -0.0136 245 ASP A CB  
273 C CG  . ASP A 35 ? 0.2788 0.1934 0.3562 0.0161  0.0319  -0.0134 245 ASP A CG  
274 O OD1 . ASP A 35 ? 0.2718 0.1955 0.3652 0.0181  0.0242  -0.0088 245 ASP A OD1 
275 O OD2 . ASP A 35 ? 0.2891 0.1898 0.3624 0.0220  0.0452  -0.0177 245 ASP A OD2 
276 N N   . ILE A 36 ? 0.2479 0.1932 0.3096 -0.0093 0.0069  -0.0055 246 ILE A N   
277 C CA  . ILE A 36 ? 0.2468 0.1971 0.3033 -0.0146 0.0041  -0.0048 246 ILE A CA  
278 C C   . ILE A 36 ? 0.2600 0.2102 0.3114 -0.0119 0.0119  -0.0089 246 ILE A C   
279 O O   . ILE A 36 ? 0.2340 0.1954 0.2978 -0.0069 0.0184  -0.0093 246 ILE A O   
280 C CB  . ILE A 36 ? 0.2213 0.1912 0.2920 -0.0168 0.0011  0.0006  246 ILE A CB  
281 C CG1 . ILE A 36 ? 0.2706 0.2395 0.3454 -0.0210 -0.0043 0.0055  246 ILE A CG1 
282 C CG2 . ILE A 36 ? 0.2548 0.2325 0.3248 -0.0197 0.0000  0.0014  246 ILE A CG2 
283 C CD1 . ILE A 36 ? 0.2428 0.2083 0.3167 -0.0283 -0.0111 0.0080  246 ILE A CD1 
284 N N   . TRP A 37 ? 0.2659 0.2016 0.2981 -0.0160 0.0098  -0.0112 247 TRP A N   
285 C CA  . TRP A 37 ? 0.2879 0.2212 0.3106 -0.0158 0.0153  -0.0139 247 TRP A CA  
286 C C   . TRP A 37 ? 0.2695 0.2134 0.2951 -0.0206 0.0062  -0.0101 247 TRP A C   
287 O O   . TRP A 37 ? 0.2859 0.2238 0.3076 -0.0262 -0.0050 -0.0073 247 TRP A O   
288 C CB  . TRP A 37 ? 0.3442 0.2453 0.3360 -0.0170 0.0189  -0.0191 247 TRP A CB  
289 C CG  . TRP A 37 ? 0.3693 0.2590 0.3597 -0.0100 0.0330  -0.0232 247 TRP A CG  
290 C CD1 . TRP A 37 ? 0.4122 0.3102 0.4215 -0.0048 0.0352  -0.0220 247 TRP A CD1 
291 C CD2 . TRP A 37 ? 0.4608 0.3279 0.4310 -0.0070 0.0478  -0.0284 247 TRP A CD2 
292 N NE1 . TRP A 37 ? 0.4558 0.3393 0.4619 0.0020  0.0503  -0.0260 247 TRP A NE1 
293 C CE2 . TRP A 37 ? 0.4642 0.3292 0.4470 0.0011  0.0602  -0.0301 247 TRP A CE2 
294 C CE3 . TRP A 37 ? 0.5179 0.3641 0.4595 -0.0100 0.0528  -0.0315 247 TRP A CE3 
295 C CZ2 . TRP A 37 ? 0.5451 0.3884 0.5150 0.0067  0.0798  -0.0348 247 TRP A CZ2 
296 C CZ3 . TRP A 37 ? 0.5783 0.4005 0.5024 -0.0053 0.0726  -0.0366 247 TRP A CZ3 
297 C CH2 . TRP A 37 ? 0.5597 0.3816 0.4998 0.0033  0.0872  -0.0382 247 TRP A CH2 
298 N N   . ALA A 38 ? 0.2511 0.2102 0.2858 -0.0186 0.0104  -0.0093 248 ALA A N   
299 C CA  . ALA A 38 ? 0.2472 0.2160 0.2865 -0.0216 0.0041  -0.0055 248 ALA A CA  
300 C C   . ALA A 38 ? 0.2497 0.2155 0.2786 -0.0214 0.0076  -0.0074 248 ALA A C   
301 O O   . ALA A 38 ? 0.2700 0.2346 0.2954 -0.0186 0.0176  -0.0108 248 ALA A O   
302 C CB  . ALA A 38 ? 0.1977 0.1866 0.2575 -0.0200 0.0043  -0.0011 248 ALA A CB  
303 N N   . ASP A 39 ? 0.2424 0.2095 0.2709 -0.0242 -0.0008 -0.0041 249 ASP A N   
304 C CA  . ASP A 39 ? 0.2694 0.2330 0.2878 -0.0244 0.0001  -0.0047 249 ASP A CA  
305 C C   . ASP A 39 ? 0.2345 0.2154 0.2715 -0.0235 -0.0042 0.0009  249 ASP A C   
306 O O   . ASP A 39 ? 0.2331 0.2195 0.2838 -0.0252 -0.0125 0.0057  249 ASP A O   
307 C CB  . ASP A 39 ? 0.3189 0.2564 0.3107 -0.0290 -0.0079 -0.0062 249 ASP A CB  
308 C CG  . ASP A 39 ? 0.3669 0.2878 0.3350 -0.0286 0.0018  -0.0110 249 ASP A CG  
309 O OD1 . ASP A 39 ? 0.3950 0.3188 0.3612 -0.0285 0.0015  -0.0097 249 ASP A OD1 
310 O OD2 . ASP A 39 ? 0.4239 0.3284 0.3761 -0.0281 0.0114  -0.0158 249 ASP A OD2 
311 N N   . MET A 40 ? 0.2287 0.2172 0.2673 -0.0208 0.0022  0.0006  250 MET A N   
312 C CA  A MET A 40 ? 0.2096 0.2098 0.2618 -0.0187 0.0009  0.0054  250 MET A CA  
313 C CA  B MET A 40 ? 0.2166 0.2170 0.2691 -0.0187 0.0010  0.0055  250 MET A CA  
314 C C   . MET A 40 ? 0.2169 0.2133 0.2593 -0.0175 0.0028  0.0049  250 MET A C   
315 O O   . MET A 40 ? 0.2129 0.2020 0.2410 -0.0182 0.0084  0.0009  250 MET A O   
316 C CB  A MET A 40 ? 0.1991 0.2122 0.2653 -0.0160 0.0075  0.0073  250 MET A CB  
317 C CB  B MET A 40 ? 0.2109 0.2246 0.2783 -0.0160 0.0074  0.0076  250 MET A CB  
318 C CG  A MET A 40 ? 0.1902 0.2044 0.2514 -0.0149 0.0143  0.0041  250 MET A CG  
319 C CG  B MET A 40 ? 0.2309 0.2474 0.2942 -0.0139 0.0150  0.0061  250 MET A CG  
320 S SD  A MET A 40 ? 0.2003 0.2214 0.2707 -0.0134 0.0176  0.0069  250 MET A SD  
321 S SD  B MET A 40 ? 0.2279 0.2497 0.2979 -0.0112 0.0209  0.0104  250 MET A SD  
322 C CE  A MET A 40 ? 0.1261 0.1507 0.2049 -0.0114 0.0206  0.0129  250 MET A CE  
323 C CE  B MET A 40 ? 0.1800 0.2049 0.2609 -0.0122 0.0199  0.0128  250 MET A CE  
324 N N   . ILE A 41 ? 0.2016 0.2026 0.2543 -0.0155 -0.0009 0.0097  251 ILE A N   
325 C CA  . ILE A 41 ? 0.2065 0.2031 0.2514 -0.0135 0.0003  0.0103  251 ILE A CA  
326 C C   . ILE A 41 ? 0.1882 0.1956 0.2470 -0.0089 0.0080  0.0135  251 ILE A C   
327 O O   . ILE A 41 ? 0.1854 0.2018 0.2640 -0.0067 0.0083  0.0182  251 ILE A O   
328 C CB  . ILE A 41 ? 0.2193 0.2072 0.2632 -0.0143 -0.0120 0.0141  251 ILE A CB  
329 C CG1 . ILE A 41 ? 0.2113 0.1812 0.2352 -0.0201 -0.0213 0.0114  251 ILE A CG1 
330 C CG2 . ILE A 41 ? 0.2264 0.2073 0.2592 -0.0119 -0.0101 0.0143  251 ILE A CG2 
331 C CD1 . ILE A 41 ? 0.2645 0.2189 0.2816 -0.0229 -0.0395 0.0159  251 ILE A CD1 
332 N N   . ILE A 42 ? 0.1934 0.1973 0.2401 -0.0079 0.0151  0.0110  252 ILE A N   
333 C CA  . ILE A 42 ? 0.1980 0.2032 0.2475 -0.0037 0.0227  0.0135  252 ILE A CA  
334 C C   . ILE A 42 ? 0.1915 0.1889 0.2355 -0.0002 0.0229  0.0154  252 ILE A C   
335 O O   . ILE A 42 ? 0.1918 0.1807 0.2221 -0.0026 0.0179  0.0132  252 ILE A O   
336 C CB  . ILE A 42 ? 0.1851 0.1866 0.2219 -0.0056 0.0285  0.0103  252 ILE A CB  
337 C CG1 . ILE A 42 ? 0.1813 0.1766 0.2038 -0.0095 0.0272  0.0063  252 ILE A CG1 
338 C CG2 . ILE A 42 ? 0.2144 0.2223 0.2586 -0.0074 0.0284  0.0099  252 ILE A CG2 
339 C CD1 . ILE A 42 ? 0.1811 0.1728 0.1953 -0.0124 0.0294  0.0048  252 ILE A CD1 
340 N N   . GLY A 43 ? 0.1958 0.1935 0.2479 0.0056  0.0301  0.0193  253 GLY A N   
341 C CA  . GLY A 43 ? 0.2076 0.1958 0.2530 0.0103  0.0331  0.0209  253 GLY A CA  
342 C C   . GLY A 43 ? 0.2167 0.1913 0.2356 0.0084  0.0393  0.0168  253 GLY A C   
343 O O   . GLY A 43 ? 0.2198 0.1931 0.2326 0.0063  0.0438  0.0153  253 GLY A O   
344 N N   . VAL A 44 ? 0.2289 0.1917 0.2322 0.0082  0.0379  0.0155  254 VAL A N   
345 C CA  . VAL A 44 ? 0.2372 0.1842 0.2156 0.0057  0.0422  0.0127  254 VAL A CA  
346 C C   . VAL A 44 ? 0.2574 0.1886 0.2243 0.0112  0.0455  0.0144  254 VAL A C   
347 O O   . VAL A 44 ? 0.2824 0.2155 0.2597 0.0155  0.0416  0.0172  254 VAL A O   
348 C CB  . VAL A 44 ? 0.2172 0.1632 0.1836 -0.0033 0.0368  0.0083  254 VAL A CB  
349 C CG1 . VAL A 44 ? 0.1937 0.1534 0.1714 -0.0078 0.0346  0.0065  254 VAL A CG1 
350 C CG2 . VAL A 44 ? 0.2251 0.1683 0.1879 -0.0048 0.0317  0.0077  254 VAL A CG2 
351 N N   . ASP A 45 ? 0.2956 0.2087 0.2396 0.0106  0.0511  0.0130  255 ASP A N   
352 C CA  . ASP A 45 ? 0.3229 0.2158 0.2495 0.0150  0.0546  0.0137  255 ASP A CA  
353 C C   . ASP A 45 ? 0.3153 0.2074 0.2378 0.0109  0.0453  0.0127  255 ASP A C   
354 O O   . ASP A 45 ? 0.3149 0.2090 0.2294 0.0018  0.0402  0.0095  255 ASP A O   
355 C CB  . ASP A 45 ? 0.3455 0.2152 0.2413 0.0112  0.0591  0.0112  255 ASP A CB  
356 C CG  . ASP A 45 ? 0.4170 0.2596 0.2879 0.0150  0.0636  0.0114  255 ASP A CG  
357 O OD1 . ASP A 45 ? 0.3998 0.2406 0.2763 0.0207  0.0630  0.0135  255 ASP A OD1 
358 O OD2 . ASP A 45 ? 0.4782 0.2973 0.3203 0.0114  0.0666  0.0096  255 ASP A OD2 
359 N N   . PRO A 46 ? 0.3289 0.2179 0.2586 0.0179  0.0432  0.0162  256 PRO A N   
360 C CA  . PRO A 46 ? 0.3380 0.2204 0.2578 0.0139  0.0338  0.0157  256 PRO A CA  
361 C C   . PRO A 46 ? 0.3602 0.2232 0.2499 0.0070  0.0349  0.0123  256 PRO A C   
362 O O   . PRO A 46 ? 0.3244 0.1810 0.2031 0.0016  0.0292  0.0114  256 PRO A O   
363 C CB  . PRO A 46 ? 0.3439 0.2210 0.2749 0.0242  0.0312  0.0213  256 PRO A CB  
364 C CG  . PRO A 46 ? 0.3668 0.2556 0.3239 0.0336  0.0405  0.0250  256 PRO A CG  
365 C CD  . PRO A 46 ? 0.3417 0.2281 0.2860 0.0302  0.0506  0.0212  256 PRO A CD  
366 N N   . GLU A 47 ? 0.3700 0.2197 0.2445 0.0075  0.0421  0.0112  257 GLU A N   
367 C CA  A GLU A 47 ? 0.3975 0.2261 0.2433 -0.0001 0.0420  0.0087  257 GLU A CA  
368 C CA  B GLU A 47 ? 0.3961 0.2250 0.2418 -0.0004 0.0418  0.0086  257 GLU A CA  
369 C C   . GLU A 47 ? 0.3924 0.2289 0.2369 -0.0120 0.0396  0.0056  257 GLU A C   
370 O O   . GLU A 47 ? 0.4194 0.2425 0.2461 -0.0207 0.0376  0.0042  257 GLU A O   
371 C CB  A GLU A 47 ? 0.4338 0.2369 0.2590 0.0065  0.0494  0.0095  257 GLU A CB  
372 C CB  B GLU A 47 ? 0.4311 0.2341 0.2555 0.0056  0.0490  0.0093  257 GLU A CB  
373 C CG  A GLU A 47 ? 0.4524 0.2478 0.2847 0.0206  0.0537  0.0136  257 GLU A CG  
374 C CG  B GLU A 47 ? 0.4503 0.2389 0.2709 0.0157  0.0506  0.0124  257 GLU A CG  
375 C CD  A GLU A 47 ? 0.5287 0.2915 0.3333 0.0266  0.0629  0.0138  257 GLU A CD  
376 C CD  B GLU A 47 ? 0.4870 0.2629 0.2902 0.0092  0.0433  0.0118  257 GLU A CD  
377 O OE1 A GLU A 47 ? 0.5134 0.2695 0.3222 0.0375  0.0752  0.0157  257 GLU A OE1 
378 O OE1 B GLU A 47 ? 0.5439 0.2978 0.3190 0.0021  0.0436  0.0097  257 GLU A OE1 
379 O OE2 A GLU A 47 ? 0.5611 0.3023 0.3381 0.0201  0.0590  0.0120  257 GLU A OE2 
380 O OE2 B GLU A 47 ? 0.4739 0.2589 0.2894 0.0108  0.0365  0.0138  257 GLU A OE2 
381 N N   . ASN A 48 ? 0.3592 0.2173 0.2248 -0.0127 0.0389  0.0053  258 ASN A N   
382 C CA  . ASN A 48 ? 0.3409 0.2091 0.2120 -0.0233 0.0355  0.0033  258 ASN A CA  
383 C C   . ASN A 48 ? 0.3086 0.1807 0.1813 -0.0301 0.0338  0.0022  258 ASN A C   
384 O O   . ASN A 48 ? 0.2969 0.1685 0.1696 -0.0262 0.0336  0.0027  258 ASN A O   
385 C CB  . ASN A 48 ? 0.3030 0.1929 0.1968 -0.0219 0.0351  0.0032  258 ASN A CB  
386 C CG  . ASN A 48 ? 0.2953 0.1792 0.1844 -0.0186 0.0373  0.0042  258 ASN A CG  
387 O OD1 . ASN A 48 ? 0.3063 0.2048 0.2117 -0.0161 0.0378  0.0047  258 ASN A OD1 
388 N ND2 . ASN A 48 ? 0.3551 0.2144 0.2186 -0.0189 0.0389  0.0044  258 ASN A ND2 
389 N N   . THR A 49 ? 0.3041 0.1784 0.1786 -0.0404 0.0326  0.0012  259 THR A N   
390 C CA  . THR A 49 ? 0.2884 0.1671 0.1674 -0.0469 0.0354  0.0003  259 THR A CA  
391 C C   . THR A 49 ? 0.2628 0.1607 0.1621 -0.0449 0.0376  -0.0007 259 THR A C   
392 O O   . THR A 49 ? 0.2480 0.1596 0.1627 -0.0411 0.0358  -0.0006 259 THR A O   
393 C CB  . THR A 49 ? 0.2858 0.1626 0.1671 -0.0592 0.0357  0.0007  259 THR A CB  
394 O OG1 . THR A 49 ? 0.2931 0.1859 0.1962 -0.0626 0.0319  0.0015  259 THR A OG1 
395 C CG2 . THR A 49 ? 0.3332 0.1856 0.1891 -0.0629 0.0322  0.0018  259 THR A CG2 
396 N N   . VAL A 50 ? 0.2592 0.1539 0.1545 -0.0477 0.0423  -0.0018 260 VAL A N   
397 C CA  . VAL A 50 ? 0.2726 0.1791 0.1814 -0.0473 0.0464  -0.0033 260 VAL A CA  
398 C C   . VAL A 50 ? 0.2553 0.1809 0.1905 -0.0510 0.0485  -0.0033 260 VAL A C   
399 O O   . VAL A 50 ? 0.2452 0.1847 0.1967 -0.0472 0.0476  -0.0038 260 VAL A O   
400 C CB  . VAL A 50 ? 0.2978 0.1886 0.1890 -0.0518 0.0538  -0.0045 260 VAL A CB  
401 C CG1 . VAL A 50 ? 0.3122 0.2106 0.2150 -0.0534 0.0625  -0.0065 260 VAL A CG1 
402 C CG2 . VAL A 50 ? 0.2999 0.1723 0.1673 -0.0467 0.0472  -0.0038 260 VAL A CG2 
403 N N   . GLU A 51 ? 0.2609 0.1863 0.2016 -0.0589 0.0495  -0.0019 261 GLU A N   
404 C CA  . GLU A 51 ? 0.2568 0.2002 0.2264 -0.0628 0.0479  -0.0004 261 GLU A CA  
405 C C   . GLU A 51 ? 0.2333 0.1822 0.2069 -0.0584 0.0373  0.0005  261 GLU A C   
406 O O   . GLU A 51 ? 0.2072 0.1703 0.2008 -0.0568 0.0354  0.0009  261 GLU A O   
407 C CB  . GLU A 51 ? 0.2780 0.2200 0.2564 -0.0734 0.0478  0.0022  261 GLU A CB  
408 C CG  . GLU A 51 ? 0.3103 0.2740 0.3286 -0.0780 0.0469  0.0050  261 GLU A CG  
409 C CD  . GLU A 51 ? 0.3139 0.2910 0.3533 -0.0744 0.0606  0.0036  261 GLU A CD  
410 O OE1 . GLU A 51 ? 0.3190 0.3134 0.3875 -0.0726 0.0579  0.0051  261 GLU A OE1 
411 O OE2 . GLU A 51 ? 0.3595 0.3262 0.3832 -0.0730 0.0735  0.0009  261 GLU A OE2 
412 N N   . GLN A 52 ? 0.2548 0.1894 0.2071 -0.0562 0.0318  0.0009  262 GLN A N   
413 C CA  . GLN A 52 ? 0.2490 0.1838 0.1999 -0.0517 0.0252  0.0017  262 GLN A CA  
414 C C   . GLN A 52 ? 0.2310 0.1768 0.1905 -0.0432 0.0278  0.0007  262 GLN A C   
415 O O   . GLN A 52 ? 0.2326 0.1862 0.2025 -0.0416 0.0243  0.0016  262 GLN A O   
416 C CB  . GLN A 52 ? 0.2779 0.1904 0.2004 -0.0493 0.0230  0.0022  262 GLN A CB  
417 C CG  . GLN A 52 ? 0.3178 0.2139 0.2267 -0.0586 0.0158  0.0037  262 GLN A CG  
418 C CD  . GLN A 52 ? 0.3395 0.2087 0.2156 -0.0554 0.0169  0.0034  262 GLN A CD  
419 O OE1 . GLN A 52 ? 0.3411 0.2048 0.2080 -0.0485 0.0234  0.0025  262 GLN A OE1 
420 N NE2 . GLN A 52 ? 0.4193 0.2679 0.2757 -0.0603 0.0096  0.0046  262 GLN A NE2 
421 N N   . ALA A 53 ? 0.2246 0.1688 0.1784 -0.0383 0.0324  -0.0005 263 ALA A N   
422 C CA  . ALA A 53 ? 0.2209 0.1747 0.1842 -0.0318 0.0332  -0.0009 263 ALA A CA  
423 C C   . ALA A 53 ? 0.2139 0.1824 0.1969 -0.0338 0.0348  -0.0020 263 ALA A C   
424 O O   . ALA A 53 ? 0.2026 0.1804 0.1969 -0.0302 0.0328  -0.0017 263 ALA A O   
425 C CB  . ALA A 53 ? 0.2058 0.1509 0.1574 -0.0288 0.0342  -0.0012 263 ALA A CB  
426 N N   . HIS A 54 ? 0.2285 0.1981 0.2166 -0.0392 0.0398  -0.0031 264 HIS A N   
427 C CA  . HIS A 54 ? 0.2070 0.1892 0.2167 -0.0407 0.0439  -0.0037 264 HIS A CA  
428 C C   . HIS A 54 ? 0.1966 0.1906 0.2257 -0.0415 0.0367  -0.0013 264 HIS A C   
429 O O   . HIS A 54 ? 0.1735 0.1767 0.2165 -0.0382 0.0363  -0.0015 264 HIS A O   
430 C CB  . HIS A 54 ? 0.2279 0.2085 0.2429 -0.0466 0.0535  -0.0041 264 HIS A CB  
431 C CG  . HIS A 54 ? 0.2571 0.2507 0.2989 -0.0468 0.0606  -0.0042 264 HIS A CG  
432 N ND1 . HIS A 54 ? 0.3036 0.2979 0.3467 -0.0416 0.0656  -0.0065 264 HIS A ND1 
433 C CD2 . HIS A 54 ? 0.2971 0.3033 0.3679 -0.0513 0.0633  -0.0015 264 HIS A CD2 
434 C CE1 . HIS A 54 ? 0.2977 0.3035 0.3677 -0.0416 0.0728  -0.0058 264 HIS A CE1 
435 N NE2 . HIS A 54 ? 0.3567 0.3715 0.4471 -0.0473 0.0715  -0.0024 264 HIS A NE2 
436 N N   . GLU A 55 ? 0.1930 0.1825 0.2192 -0.0464 0.0298  0.0010  265 GLU A N   
437 C CA  . GLU A 55 ? 0.2053 0.1987 0.2423 -0.0482 0.0196  0.0038  265 GLU A CA  
438 C C   . GLU A 55 ? 0.2028 0.1931 0.2299 -0.0420 0.0158  0.0038  265 GLU A C   
439 O O   . GLU A 55 ? 0.1880 0.1848 0.2277 -0.0412 0.0104  0.0053  265 GLU A O   
440 C CB  . GLU A 55 ? 0.2289 0.2094 0.2537 -0.0555 0.0112  0.0062  265 GLU A CB  
441 C CG  . GLU A 55 ? 0.2622 0.2490 0.3057 -0.0636 0.0129  0.0079  265 GLU A CG  
442 C CD  . GLU A 55 ? 0.3558 0.3265 0.3829 -0.0719 0.0052  0.0099  265 GLU A CD  
443 O OE1 . GLU A 55 ? 0.3607 0.3120 0.3580 -0.0707 -0.0014 0.0096  265 GLU A OE1 
444 O OE2 . GLU A 55 ? 0.3717 0.3466 0.4139 -0.0797 0.0077  0.0118  265 GLU A OE2 
445 N N   . ILE A 56 ? 0.2019 0.1818 0.2080 -0.0375 0.0191  0.0027  266 ILE A N   
446 C CA  . ILE A 56 ? 0.1993 0.1770 0.1994 -0.0315 0.0191  0.0033  266 ILE A CA  
447 C C   . ILE A 56 ? 0.1964 0.1885 0.2143 -0.0279 0.0216  0.0023  266 ILE A C   
448 O O   . ILE A 56 ? 0.1748 0.1701 0.1989 -0.0265 0.0185  0.0035  266 ILE A O   
449 C CB  . ILE A 56 ? 0.2096 0.1759 0.1916 -0.0262 0.0244  0.0033  266 ILE A CB  
450 C CG1 . ILE A 56 ? 0.2542 0.2012 0.2137 -0.0291 0.0229  0.0039  266 ILE A CG1 
451 C CG2 . ILE A 56 ? 0.2159 0.1819 0.1979 -0.0199 0.0274  0.0051  266 ILE A CG2 
452 C CD1 . ILE A 56 ? 0.2205 0.1540 0.1631 -0.0232 0.0295  0.0042  266 ILE A CD1 
453 N N   . CYS A 57 ? 0.2129 0.2097 0.2354 -0.0271 0.0267  0.0002  267 CYS A N   
454 C CA  . CYS A 57 ? 0.2029 0.2080 0.2373 -0.0247 0.0288  -0.0013 267 CYS A CA  
455 C C   . CYS A 57 ? 0.2000 0.2145 0.2536 -0.0258 0.0272  -0.0008 267 CYS A C   
456 O O   . CYS A 57 ? 0.1975 0.2161 0.2582 -0.0230 0.0254  -0.0005 267 CYS A O   
457 C CB  . CYS A 57 ? 0.2021 0.2027 0.2303 -0.0253 0.0346  -0.0039 267 CYS A CB  
458 S SG  . CYS A 57 ? 0.2227 0.2125 0.2329 -0.0226 0.0326  -0.0034 267 CYS A SG  
459 N N   . GLU A 58 ? 0.2004 0.2183 0.2647 -0.0300 0.0276  -0.0002 268 GLU A N   
460 C CA  . GLU A 58 ? 0.2067 0.2346 0.2950 -0.0309 0.0239  0.0019  268 GLU A CA  
461 C C   . GLU A 58 ? 0.1870 0.2125 0.2741 -0.0309 0.0124  0.0049  268 GLU A C   
462 O O   . GLU A 58 ? 0.1841 0.2155 0.2865 -0.0287 0.0088  0.0062  268 GLU A O   
463 C CB  . GLU A 58 ? 0.2226 0.2550 0.3266 -0.0367 0.0242  0.0037  268 GLU A CB  
464 C CG  . GLU A 58 ? 0.3089 0.3421 0.4163 -0.0372 0.0381  0.0012  268 GLU A CG  
465 C CD  . GLU A 58 ? 0.4645 0.5087 0.6010 -0.0350 0.0458  0.0016  268 GLU A CD  
466 O OE1 . GLU A 58 ? 0.5097 0.5522 0.6433 -0.0292 0.0507  -0.0010 268 GLU A OE1 
467 O OE2 . GLU A 58 ? 0.5103 0.5647 0.6749 -0.0391 0.0460  0.0052  268 GLU A OE2 
468 N N   . ALA A 59 ? 0.1843 0.1977 0.2507 -0.0333 0.0070  0.0063  269 ALA A N   
469 C CA  . ALA A 59 ? 0.1820 0.1850 0.2372 -0.0338 -0.0024 0.0091  269 ALA A CA  
470 C C   . ALA A 59 ? 0.1739 0.1767 0.2244 -0.0282 0.0014  0.0085  269 ALA A C   
471 O O   . ALA A 59 ? 0.1846 0.1849 0.2375 -0.0279 -0.0050 0.0107  269 ALA A O   
472 C CB  . ALA A 59 ? 0.1970 0.1806 0.2239 -0.0370 -0.0054 0.0100  269 ALA A CB  
473 N N   . VAL A 60 ? 0.1575 0.1624 0.2027 -0.0244 0.0104  0.0062  270 VAL A N   
474 C CA  . VAL A 60 ? 0.1540 0.1603 0.1991 -0.0201 0.0138  0.0064  270 VAL A CA  
475 C C   . VAL A 60 ? 0.1653 0.1813 0.2285 -0.0189 0.0125  0.0056  270 VAL A C   
476 O O   . VAL A 60 ? 0.1623 0.1771 0.2275 -0.0178 0.0099  0.0071  270 VAL A O   
477 C CB  . VAL A 60 ? 0.1362 0.1436 0.1772 -0.0173 0.0204  0.0052  270 VAL A CB  
478 C CG1 . VAL A 60 ? 0.1410 0.1534 0.1902 -0.0145 0.0219  0.0060  270 VAL A CG1 
479 C CG2 . VAL A 60 ? 0.1636 0.1590 0.1871 -0.0161 0.0238  0.0069  270 VAL A CG2 
480 N N   . GLN A 61 ? 0.1773 0.2006 0.2527 -0.0194 0.0157  0.0032  271 GLN A N   
481 C CA  . GLN A 61 ? 0.2034 0.2329 0.2950 -0.0171 0.0172  0.0021  271 GLN A CA  
482 C C   . GLN A 61 ? 0.2033 0.2349 0.3078 -0.0171 0.0091  0.0052  271 GLN A C   
483 O O   . GLN A 61 ? 0.2179 0.2492 0.3271 -0.0144 0.0076  0.0057  271 GLN A O   
484 C CB  . GLN A 61 ? 0.2274 0.2607 0.3285 -0.0176 0.0251  -0.0005 271 GLN A CB  
485 C CG  . GLN A 61 ? 0.3188 0.3484 0.4180 -0.0146 0.0321  -0.0038 271 GLN A CG  
486 C CD  . GLN A 61 ? 0.4078 0.4398 0.5219 -0.0133 0.0412  -0.0052 271 GLN A CD  
487 O OE1 . GLN A 61 ? 0.4808 0.5137 0.5973 -0.0158 0.0473  -0.0056 271 GLN A OE1 
488 N NE2 . GLN A 61 ? 0.4501 0.4823 0.5760 -0.0094 0.0438  -0.0058 271 GLN A NE2 
489 N N   . ALA A 62 ? 0.1995 0.2313 0.3090 -0.0208 0.0023  0.0079  272 ALA A N   
490 C CA  . ALA A 62 ? 0.2134 0.2444 0.3344 -0.0220 -0.0098 0.0121  272 ALA A CA  
491 C C   . ALA A 62 ? 0.2201 0.2365 0.3191 -0.0222 -0.0169 0.0144  272 ALA A C   
492 O O   . ALA A 62 ? 0.1970 0.2114 0.3028 -0.0205 -0.0233 0.0167  272 ALA A O   
493 C CB  . ALA A 62 ? 0.2251 0.2573 0.3553 -0.0277 -0.0180 0.0152  272 ALA A CB  
494 N N   . ALA A 63 ? 0.2217 0.2260 0.2942 -0.0236 -0.0139 0.0140  273 ALA A N   
495 C CA  . ALA A 63 ? 0.2418 0.2286 0.2897 -0.0238 -0.0155 0.0162  273 ALA A CA  
496 C C   . ALA A 63 ? 0.2319 0.2233 0.2850 -0.0198 -0.0095 0.0156  273 ALA A C   
497 O O   . ALA A 63 ? 0.2359 0.2175 0.2830 -0.0200 -0.0148 0.0184  273 ALA A O   
498 C CB  . ALA A 63 ? 0.2440 0.2183 0.2664 -0.0245 -0.0080 0.0155  273 ALA A CB  
499 N N   . VAL A 64 ? 0.2215 0.2243 0.2831 -0.0172 -0.0002 0.0124  274 VAL A N   
500 C CA  . VAL A 64 ? 0.2120 0.2180 0.2785 -0.0150 0.0040  0.0122  274 VAL A CA  
501 C C   . VAL A 64 ? 0.2215 0.2308 0.3027 -0.0133 -0.0010 0.0120  274 VAL A C   
502 O O   . VAL A 64 ? 0.2328 0.2358 0.3113 -0.0130 -0.0033 0.0140  274 VAL A O   
503 C CB  . VAL A 64 ? 0.2119 0.2256 0.2823 -0.0138 0.0112  0.0095  274 VAL A CB  
504 C CG1 . VAL A 64 ? 0.2173 0.2330 0.2943 -0.0131 0.0121  0.0092  274 VAL A CG1 
505 C CG2 . VAL A 64 ? 0.1669 0.1770 0.2265 -0.0139 0.0162  0.0109  274 VAL A CG2 
506 N N   . CYS A 65 ? 0.2014 0.2196 0.2990 -0.0121 -0.0011 0.0099  275 CYS A N   
507 C CA  . CYS A 65 ? 0.2336 0.2548 0.3488 -0.0090 -0.0036 0.0100  275 CYS A CA  
508 C C   . CYS A 65 ? 0.2431 0.2573 0.3599 -0.0097 -0.0158 0.0148  275 CYS A C   
509 O O   . CYS A 65 ? 0.2583 0.2690 0.3808 -0.0071 -0.0193 0.0162  275 CYS A O   
510 C CB  . CYS A 65 ? 0.2235 0.2547 0.3585 -0.0070 0.0022  0.0076  275 CYS A CB  
511 S SG  . CYS A 65 ? 0.3715 0.4011 0.4979 -0.0056 0.0160  0.0016  275 CYS A SG  
512 N N   . GLY A 66 ? 0.2587 0.2672 0.3670 -0.0136 -0.0240 0.0178  276 GLY A N   
513 C CA  . GLY A 66 ? 0.2911 0.2869 0.3944 -0.0155 -0.0387 0.0230  276 GLY A CA  
514 C C   . GLY A 66 ? 0.3104 0.2876 0.3875 -0.0164 -0.0395 0.0249  276 GLY A C   
515 O O   . GLY A 66 ? 0.3225 0.2874 0.3960 -0.0168 -0.0512 0.0290  276 GLY A O   
516 N N   . LYS A 67 ? 0.2986 0.2732 0.3591 -0.0168 -0.0273 0.0228  277 LYS A N   
517 C CA  . LYS A 67 ? 0.3128 0.2703 0.3502 -0.0182 -0.0240 0.0252  277 LYS A CA  
518 C C   . LYS A 67 ? 0.2989 0.2628 0.3471 -0.0159 -0.0183 0.0243  277 LYS A C   
519 O O   . LYS A 67 ? 0.3006 0.2506 0.3370 -0.0170 -0.0196 0.0272  277 LYS A O   
520 C CB  . LYS A 67 ? 0.3239 0.2744 0.3412 -0.0198 -0.0126 0.0248  277 LYS A CB  
521 C CG  . LYS A 67 ? 0.3967 0.3241 0.3856 -0.0235 -0.0184 0.0273  277 LYS A CG  
522 C CD  . LYS A 67 ? 0.4094 0.3317 0.3827 -0.0235 -0.0057 0.0260  277 LYS A CD  
523 C CE  . LYS A 67 ? 0.4327 0.3263 0.3712 -0.0273 -0.0099 0.0277  277 LYS A CE  
524 N NZ  . LYS A 67 ? 0.4127 0.2961 0.3333 -0.0252 0.0087  0.0274  277 LYS A NZ  
525 N N   . ILE A 68 ? 0.2745 0.2555 0.3417 -0.0133 -0.0126 0.0202  278 ILE A N   
526 C CA  . ILE A 68 ? 0.2628 0.2466 0.3363 -0.0124 -0.0081 0.0190  278 ILE A CA  
527 C C   . ILE A 68 ? 0.2697 0.2590 0.3608 -0.0082 -0.0114 0.0164  278 ILE A C   
528 O O   . ILE A 68 ? 0.2405 0.2394 0.3423 -0.0062 -0.0068 0.0126  278 ILE A O   
529 C CB  . ILE A 68 ? 0.2534 0.2452 0.3282 -0.0138 0.0008  0.0171  278 ILE A CB  
530 C CG1 . ILE A 68 ? 0.2743 0.2613 0.3374 -0.0162 0.0072  0.0205  278 ILE A CG1 
531 C CG2 . ILE A 68 ? 0.2105 0.2008 0.2903 -0.0145 0.0013  0.0168  278 ILE A CG2 
532 C CD1 . ILE A 68 ? 0.2833 0.2753 0.3436 -0.0157 0.0120  0.0195  278 ILE A CD1 
533 N N   . ARG A 69 ? 0.2756 0.2564 0.3687 -0.0066 -0.0184 0.0189  279 ARG A N   
534 C CA  . ARG A 69 ? 0.2818 0.2672 0.3956 -0.0011 -0.0216 0.0179  279 ARG A CA  
535 C C   . ARG A 69 ? 0.2464 0.2323 0.3658 0.0021  -0.0132 0.0133  279 ARG A C   
536 O O   . ARG A 69 ? 0.2323 0.2224 0.3686 0.0074  -0.0099 0.0113  279 ARG A O   
537 C CB  . ARG A 69 ? 0.3311 0.3054 0.4472 0.0005  -0.0340 0.0228  279 ARG A CB  
538 C CG  . ARG A 69 ? 0.4219 0.3864 0.5247 -0.0037 -0.0460 0.0280  279 ARG A CG  
539 C CD  . ARG A 69 ? 0.5060 0.4808 0.6226 -0.0043 -0.0511 0.0286  279 ARG A CD  
540 N NE  . ARG A 69 ? 0.5782 0.5728 0.7251 0.0004  -0.0432 0.0251  279 ARG A NE  
541 C CZ  . ARG A 69 ? 0.6106 0.6172 0.7786 0.0004  -0.0463 0.0262  279 ARG A CZ  
542 N NH1 . ARG A 69 ? 0.6144 0.6362 0.8075 0.0047  -0.0350 0.0229  279 ARG A NH1 
543 N NH2 . ARG A 69 ? 0.6759 0.6763 0.8386 -0.0046 -0.0608 0.0309  279 ARG A NH2 
544 N N   . ARG A 70 ? 0.2104 0.1901 0.3157 -0.0014 -0.0097 0.0123  280 ARG A N   
545 C CA  . ARG A 70 ? 0.2132 0.1871 0.3162 -0.0004 -0.0042 0.0081  280 ARG A CA  
546 C C   . ARG A 70 ? 0.1981 0.1772 0.3008 -0.0002 0.0035  0.0034  280 ARG A C   
547 O O   . ARG A 70 ? 0.2017 0.1707 0.2975 0.0007  0.0080  -0.0005 280 ARG A O   
548 C CB  . ARG A 70 ? 0.2096 0.1743 0.2997 -0.0060 -0.0061 0.0098  280 ARG A CB  
549 C CG  . ARG A 70 ? 0.2147 0.1860 0.3000 -0.0120 -0.0041 0.0107  280 ARG A CG  
550 C CD  . ARG A 70 ? 0.2512 0.2163 0.3322 -0.0182 -0.0060 0.0147  280 ARG A CD  
551 N NE  . ARG A 70 ? 0.2812 0.2422 0.3585 -0.0191 -0.0067 0.0196  280 ARG A NE  
552 C CZ  . ARG A 70 ? 0.3194 0.2713 0.3922 -0.0237 -0.0071 0.0238  280 ARG A CZ  
553 N NH1 . ARG A 70 ? 0.3104 0.2538 0.3740 -0.0244 -0.0066 0.0281  280 ARG A NH1 
554 N NH2 . ARG A 70 ? 0.3101 0.2588 0.3856 -0.0284 -0.0085 0.0238  280 ARG A NH2 
555 N N   . ILE A 71 ? 0.1859 0.1761 0.2905 -0.0020 0.0045  0.0038  281 ILE A N   
556 C CA  . ILE A 71 ? 0.1848 0.1779 0.2863 -0.0022 0.0113  -0.0002 281 ILE A CA  
557 C C   . ILE A 71 ? 0.1899 0.1843 0.3040 0.0032  0.0188  -0.0030 281 ILE A C   
558 O O   . ILE A 71 ? 0.1827 0.1871 0.3147 0.0056  0.0168  -0.0004 281 ILE A O   
559 C CB  . ILE A 71 ? 0.1752 0.1785 0.2750 -0.0054 0.0106  0.0013  281 ILE A CB  
560 C CG1 . ILE A 71 ? 0.1702 0.1728 0.2623 -0.0097 0.0070  0.0047  281 ILE A CG1 
561 C CG2 . ILE A 71 ? 0.1634 0.1667 0.2577 -0.0059 0.0173  -0.0027 281 ILE A CG2 
562 C CD1 . ILE A 71 ? 0.1862 0.1956 0.2755 -0.0114 0.0079  0.0068  281 ILE A CD1 
563 N N   . GLU A 72 ? 0.2132 0.1953 0.3171 0.0047  0.0274  -0.0077 282 GLU A N   
564 C CA  . GLU A 72 ? 0.2215 0.2017 0.3366 0.0105  0.0398  -0.0105 282 GLU A CA  
565 C C   . GLU A 72 ? 0.2450 0.2206 0.3475 0.0085  0.0499  -0.0142 282 GLU A C   
566 O O   . GLU A 72 ? 0.2582 0.2334 0.3708 0.0124  0.0629  -0.0159 282 GLU A O   
567 C CB  . GLU A 72 ? 0.2348 0.1979 0.3465 0.0157  0.0449  -0.0127 282 GLU A CB  
568 C CG  . GLU A 72 ? 0.2297 0.1982 0.3599 0.0194  0.0364  -0.0083 282 GLU A CG  
569 C CD  . GLU A 72 ? 0.2468 0.2330 0.4104 0.0243  0.0357  -0.0043 282 GLU A CD  
570 O OE1 . GLU A 72 ? 0.2533 0.2483 0.4312 0.0259  0.0455  -0.0053 282 GLU A OE1 
571 O OE2 . GLU A 72 ? 0.2882 0.2776 0.4645 0.0259  0.0246  0.0003  282 GLU A OE2 
572 N N   . SER A 73 ? 0.2678 0.2410 0.3513 0.0023  0.0438  -0.0145 283 SER A N   
573 C CA  . SER A 73 ? 0.2875 0.2566 0.3579 -0.0004 0.0497  -0.0168 283 SER A CA  
574 C C   . SER A 73 ? 0.2695 0.2484 0.3356 -0.0056 0.0389  -0.0140 283 SER A C   
575 O O   . SER A 73 ? 0.2603 0.2372 0.3202 -0.0085 0.0295  -0.0121 283 SER A O   
576 C CB  . SER A 73 ? 0.3260 0.2662 0.3656 -0.0015 0.0561  -0.0217 283 SER A CB  
577 O OG  . SER A 73 ? 0.3555 0.2879 0.3796 -0.0041 0.0629  -0.0238 283 SER A OG  
578 N N   . LEU A 74 ? 0.2559 0.2451 0.3272 -0.0067 0.0413  -0.0131 284 LEU A N   
579 C CA  . LEU A 74 ? 0.2650 0.2605 0.3310 -0.0103 0.0339  -0.0107 284 LEU A CA  
580 C C   . LEU A 74 ? 0.2804 0.2732 0.3375 -0.0122 0.0395  -0.0123 284 LEU A C   
581 O O   . LEU A 74 ? 0.3027 0.3018 0.3714 -0.0112 0.0469  -0.0127 284 LEU A O   
582 C CB  . LEU A 74 ? 0.2359 0.2467 0.3168 -0.0101 0.0278  -0.0064 284 LEU A CB  
583 C CG  . LEU A 74 ? 0.2511 0.2658 0.3262 -0.0125 0.0231  -0.0037 284 LEU A CG  
584 C CD1 . LEU A 74 ? 0.2204 0.2305 0.2886 -0.0142 0.0183  -0.0024 284 LEU A CD1 
585 C CD2 . LEU A 74 ? 0.2219 0.2435 0.3044 -0.0122 0.0192  -0.0001 284 LEU A CD2 
586 N N   . HIS A 75 ? 0.2774 0.2599 0.3159 -0.0151 0.0355  -0.0126 285 HIS A N   
587 C CA  . HIS A 75 ? 0.3010 0.2783 0.3276 -0.0171 0.0391  -0.0136 285 HIS A CA  
588 C C   . HIS A 75 ? 0.2678 0.2531 0.2957 -0.0182 0.0303  -0.0100 285 HIS A C   
589 O O   . HIS A 75 ? 0.2764 0.2623 0.3053 -0.0186 0.0218  -0.0075 285 HIS A O   
590 C CB  . HIS A 75 ? 0.3403 0.2917 0.3381 -0.0194 0.0419  -0.0169 285 HIS A CB  
591 C CG  . HIS A 75 ? 0.4538 0.3908 0.4452 -0.0175 0.0532  -0.0208 285 HIS A CG  
592 N ND1 . HIS A 75 ? 0.5597 0.5079 0.5725 -0.0137 0.0655  -0.0215 285 HIS A ND1 
593 C CD2 . HIS A 75 ? 0.5834 0.4939 0.5494 -0.0184 0.0541  -0.0239 285 HIS A CD2 
594 C CE1 . HIS A 75 ? 0.5946 0.5254 0.5983 -0.0111 0.0759  -0.0248 285 HIS A CE1 
595 N NE2 . HIS A 75 ? 0.6093 0.5147 0.5810 -0.0142 0.0697  -0.0269 285 HIS A NE2 
596 N N   . VAL A 76 ? 0.2428 0.2335 0.2725 -0.0188 0.0333  -0.0093 286 VAL A N   
597 C CA  . VAL A 76 ? 0.2187 0.2151 0.2495 -0.0184 0.0280  -0.0061 286 VAL A CA  
598 C C   . VAL A 76 ? 0.2469 0.2330 0.2617 -0.0204 0.0301  -0.0070 286 VAL A C   
599 O O   . VAL A 76 ? 0.2461 0.2293 0.2580 -0.0223 0.0379  -0.0092 286 VAL A O   
600 C CB  . VAL A 76 ? 0.2188 0.2273 0.2627 -0.0175 0.0282  -0.0039 286 VAL A CB  
601 C CG1 . VAL A 76 ? 0.1735 0.1825 0.2141 -0.0163 0.0253  -0.0007 286 VAL A CG1 
602 C CG2 . VAL A 76 ? 0.1909 0.2063 0.2481 -0.0161 0.0264  -0.0030 286 VAL A CG2 
603 N N   . SER A 77 ? 0.2444 0.2245 0.2511 -0.0201 0.0233  -0.0049 287 SER A N   
604 C CA  . SER A 77 ? 0.2634 0.2326 0.2542 -0.0213 0.0235  -0.0049 287 SER A CA  
605 C C   . SER A 77 ? 0.2449 0.2203 0.2428 -0.0181 0.0192  -0.0008 287 SER A C   
606 O O   . SER A 77 ? 0.2284 0.2147 0.2417 -0.0152 0.0173  0.0019  287 SER A O   
607 C CB  . SER A 77 ? 0.2694 0.2177 0.2380 -0.0239 0.0191  -0.0061 287 SER A CB  
608 O OG  . SER A 77 ? 0.3032 0.2513 0.2771 -0.0230 0.0071  -0.0027 287 SER A OG  
609 N N   . ALA A 78 ? 0.2582 0.2245 0.2435 -0.0185 0.0196  -0.0004 288 ALA A N   
610 C CA  . ALA A 78 ? 0.2505 0.2191 0.2400 -0.0145 0.0184  0.0031  288 ALA A CA  
611 C C   . ALA A 78 ? 0.2722 0.2279 0.2510 -0.0132 0.0117  0.0054  288 ALA A C   
612 O O   . ALA A 78 ? 0.2967 0.2364 0.2546 -0.0173 0.0103  0.0032  288 ALA A O   
613 C CB  . ALA A 78 ? 0.2286 0.1959 0.2118 -0.0160 0.0251  0.0016  288 ALA A CB  
614 N N   . GLU A 79 ? 0.2747 0.2354 0.2676 -0.0076 0.0084  0.0101  289 GLU A N   
615 C CA  . GLU A 79 ? 0.3053 0.2564 0.2954 -0.0044 0.0012  0.0140  289 GLU A CA  
616 C C   . GLU A 79 ? 0.3072 0.2609 0.3057 0.0025  0.0084  0.0169  289 GLU A C   
617 O O   . GLU A 79 ? 0.2914 0.2548 0.3013 0.0053  0.0169  0.0173  289 GLU A O   
618 C CB  . GLU A 79 ? 0.3267 0.2807 0.3333 -0.0034 -0.0120 0.0190  289 GLU A CB  
619 C CG  . GLU A 79 ? 0.3796 0.3203 0.3677 -0.0107 -0.0212 0.0162  289 GLU A CG  
620 C CD  . GLU A 79 ? 0.4461 0.3878 0.4487 -0.0122 -0.0369 0.0211  289 GLU A CD  
621 O OE1 . GLU A 79 ? 0.5264 0.4546 0.5093 -0.0184 -0.0414 0.0175  289 GLU A OE1 
622 O OE2 . GLU A 79 ? 0.3956 0.3492 0.4281 -0.0076 -0.0442 0.0283  289 GLU A OE2 
623 N N   . ALA A 80 ? 0.3282 0.2692 0.3174 0.0055  0.0054  0.0190  290 ALA A N   
624 C CA  . ALA A 80 ? 0.3452 0.2839 0.3404 0.0134  0.0126  0.0221  290 ALA A CA  
625 C C   . ALA A 80 ? 0.3748 0.3289 0.4037 0.0207  0.0151  0.0280  290 ALA A C   
626 O O   . ALA A 80 ? 0.3655 0.3281 0.4157 0.0211  0.0042  0.0325  290 ALA A O   
627 C CB  . ALA A 80 ? 0.3514 0.2740 0.3356 0.0161  0.0061  0.0247  290 ALA A CB  
628 N N   . ARG A 81 ? 0.4121 0.3664 0.4440 0.0262  0.0295  0.0285  291 ARG A N   
629 C CA  . ARG A 81 ? 0.4539 0.4191 0.5179 0.0350  0.0375  0.0349  291 ARG A CA  
630 C C   . ARG A 81 ? 0.4796 0.4310 0.5312 0.0419  0.0557  0.0347  291 ARG A C   
631 O O   . ARG A 81 ? 0.5359 0.4852 0.6055 0.0521  0.0639  0.0403  291 ARG A O   
632 C CB  . ARG A 81 ? 0.4399 0.4227 0.5240 0.0317  0.0375  0.0359  291 ARG A CB  
633 C CG  . ARG A 81 ? 0.4800 0.4810 0.6099 0.0361  0.0329  0.0447  291 ARG A CG  
634 C CD  . ARG A 81 ? 0.5509 0.5534 0.6967 0.0360  0.0124  0.0500  291 ARG A CD  
635 N NE  . ARG A 81 ? 0.5720 0.5752 0.7107 0.0260  -0.0068 0.0480  291 ARG A NE  
636 C CZ  . ARG A 81 ? 0.5851 0.6010 0.7491 0.0222  -0.0167 0.0522  291 ARG A CZ  
637 N NH1 . ARG A 81 ? 0.6097 0.6436 0.8130 0.0266  -0.0088 0.0588  291 ARG A NH1 
638 N NH2 . ARG A 81 ? 0.5455 0.5542 0.6945 0.0133  -0.0339 0.0499  291 ARG A NH2 
649 O O   . HOH D .  ? 0.3662 0.3049 0.3631 -0.0188 0.0344  0.0303  401 HOH A O   
650 O O   . HOH D .  ? 0.2901 0.2854 0.4157 -0.0488 -0.0533 0.0293  402 HOH A O   
651 O O   . HOH D .  ? 0.2585 0.2739 0.4006 0.0017  -0.0027 0.0089  403 HOH A O   
652 O O   . HOH D .  ? 0.3236 0.2238 0.3374 -0.0251 -0.0129 0.0388  404 HOH A O   
653 O O   . HOH D .  ? 0.4053 0.3553 0.4234 0.0194  0.0975  0.0292  405 HOH A O   
654 O O   . HOH D .  ? 0.3178 0.2437 0.3105 -0.0220 0.0154  0.0323  406 HOH A O   
656 O O   . HOH D .  ? 0.3550 0.3102 0.3441 -0.0236 0.0094  -0.0061 408 HOH A O   
657 O O   . HOH D .  ? 0.3841 0.3066 0.3313 -0.0571 -0.0010 0.0074  409 HOH A O   
658 O O   . HOH D .  ? 0.4113 0.4150 0.5200 -0.0014 0.0617  -0.0135 410 HOH A O   
659 O O   . HOH D .  ? 0.4538 0.1769 0.1782 -0.0137 0.0699  0.0139  411 HOH A O   
660 O O   . HOH D .  ? 0.2818 0.2065 0.2417 -0.0227 0.0079  0.0207  412 HOH A O   
661 O O   . HOH D .  ? 0.4080 0.3018 0.3449 -0.0196 0.0390  0.0305  413 HOH A O   
663 O O   . HOH D .  ? 0.3597 0.4022 0.5961 -0.0624 -0.0316 0.0589  415 HOH A O   
664 O O   . HOH D .  ? 0.4364 0.3413 0.4139 -0.0438 -0.0571 0.0057  416 HOH A O   
665 O O   . HOH D .  ? 0.4649 0.4596 0.5673 -0.0061 0.0959  0.0469  417 HOH A O   
666 O O   . HOH D .  ? 0.2582 0.2355 0.3003 -0.0381 -0.0322 0.0181  418 HOH A O   
667 O O   . HOH D .  ? 0.4414 0.3693 0.3956 -0.0511 -0.0069 0.0092  419 HOH A O   
668 O O   . HOH D .  ? 0.2103 0.2206 0.2939 -0.0521 -0.0075 0.0122  420 HOH A O   
669 O O   . HOH D .  ? 0.2631 0.2866 0.3796 -0.0472 -0.0209 0.0166  421 HOH A O   
670 O O   . HOH D .  ? 0.2619 0.3163 0.4225 -0.0264 0.0158  0.0078  422 HOH A O   
671 O O   . HOH D .  ? 0.4530 0.4773 0.6096 0.0059  0.0389  -0.0043 423 HOH A O   
672 O O   . HOH D .  ? 0.4394 0.3620 0.4311 -0.0166 0.0336  -0.0202 424 HOH A O   
673 O O   . HOH D .  ? 0.3980 0.4042 0.4584 -0.0188 0.0498  -0.0106 425 HOH A O   
674 O O   . HOH D .  ? 0.4169 0.3115 0.3429 -0.0317 -0.0109 0.0212  426 HOH A O   
675 O O   . HOH D .  ? 0.2723 0.2081 0.2167 -0.0399 0.0518  -0.0074 427 HOH A O   
676 O O   . HOH D .  ? 0.3190 0.2491 0.2692 -0.0480 0.0771  -0.0107 428 HOH A O   
677 O O   . HOH D .  ? 0.3572 0.3174 0.3304 -0.0312 0.0427  -0.0067 429 HOH A O   
678 O O   . HOH D .  ? 0.3912 0.3635 0.3895 -0.0335 0.0560  -0.0097 430 HOH A O   
679 O O   . HOH D .  ? 0.3013 0.2399 0.2499 -0.0277 0.0325  -0.0068 431 HOH A O   
680 O O   . HOH D .  ? 0.5709 0.4662 0.4651 -0.0379 0.0431  -0.0070 432 HOH A O   
681 O O   . HOH D .  ? 0.4857 0.3818 0.4624 -0.0369 -0.0220 -0.0087 433 HOH A O   
682 O O   . HOH D .  ? 0.2695 0.2624 0.4314 -0.0430 -0.1155 0.0538  434 HOH A O   
683 O O   . HOH D .  ? 0.4178 0.3807 0.5739 -0.0486 -0.1618 0.0651  435 HOH A O   
684 O O   . HOH D .  ? 0.2608 0.3049 0.5689 -0.0293 -0.1479 0.0912  436 HOH A O   
685 O O   . HOH D .  ? 0.4292 0.3924 0.5073 -0.0310 0.0699  0.0513  437 HOH A O   
686 O O   . HOH D .  ? 0.4307 0.3989 0.5010 0.0033  0.1182  0.0463  438 HOH A O   
687 O O   . HOH D .  ? 0.4909 0.4992 0.6350 0.0154  0.1237  0.0536  439 HOH A O   
688 O O   . HOH D .  ? 0.4678 0.5242 0.6741 0.0103  0.0764  0.0546  440 HOH A O   
689 O O   . HOH D .  ? 0.4253 0.2623 0.2782 -0.0069 0.0687  0.0175  441 HOH A O   
690 O O   . HOH D .  ? 0.4281 0.3537 0.3745 -0.0393 -0.0003 0.0096  442 HOH A O   
692 O O   . HOH D .  ? 0.4611 0.3173 0.3410 -0.0777 -0.0175 0.0100  444 HOH A O   
694 O O   . HOH D .  ? 0.5256 0.5269 0.5719 -0.0260 0.0537  -0.0095 446 HOH A O   
695 O O   . HOH D .  ? 0.6222 0.5520 0.5829 -0.0252 0.0442  -0.0172 447 HOH A O   
696 O O   . HOH D .  ? 0.5956 0.3414 0.4878 -0.0399 -0.0259 -0.0213 448 HOH A O   
697 O O   . HOH D .  ? 0.5633 0.3691 0.5250 -0.0430 -0.0361 -0.0069 449 HOH A O   
698 O O   . HOH D .  ? 0.6512 0.4321 0.5748 -0.0585 -0.0557 -0.0089 450 HOH A O   
699 O O   . HOH D .  ? 0.4021 0.2966 0.4360 -0.0638 -0.0655 0.0127  451 HOH A O   
700 O O   . HOH D .  ? 0.5981 0.4862 0.6483 -0.0550 -0.0405 0.0187  452 HOH A O   
701 O O   . HOH D .  ? 0.3268 0.2862 0.4198 -0.0432 0.0116  0.0415  453 HOH A O   
702 O O   . HOH D .  ? 0.2948 0.2151 0.3565 -0.0114 -0.0254 0.0269  454 HOH A O   
703 O O   . HOH D .  ? 0.3844 0.3352 0.4921 0.0051  -0.0257 0.0190  455 HOH A O   
704 O O   . HOH D .  ? 0.2944 0.2680 0.4425 0.0191  0.0018  0.0059  456 HOH A O   
705 O O   . HOH D .  ? 0.4961 0.4805 0.6300 -0.0349 0.0942  0.0643  457 HOH A O   
706 O O   . HOH D .  ? 0.4174 0.4583 0.6007 -0.0075 0.0846  0.0552  458 HOH A O   
707 O O   . HOH D .  ? 0.4805 0.2603 0.2821 -0.0012 0.0227  0.0135  459 HOH A O   
708 O O   . HOH D .  ? 0.4017 0.2096 0.2670 0.0397  0.0785  0.0182  460 HOH A O   
709 O O   . HOH D .  ? 0.4161 0.3738 0.4515 -0.0262 -0.0415 0.0252  461 HOH A O   
710 O O   . HOH D .  ? 0.5102 0.2987 0.3131 -0.0328 0.0124  0.0257  462 HOH A O   
711 O O   . HOH D .  ? 0.3587 0.3463 0.4403 -0.0376 -0.0529 0.0246  463 HOH A O   
712 O O   . HOH D .  ? 0.3523 0.4100 0.5348 -0.0384 -0.0068 0.0167  464 HOH A O   
713 O O   . HOH D .  ? 0.4517 0.4611 0.5551 -0.0802 0.0289  0.0129  465 HOH A O   
714 O O   . HOH D .  ? 0.3381 0.2531 0.3029 -0.0884 -0.0163 0.0133  466 HOH A O   
715 O O   . HOH D .  ? 0.3497 0.2567 0.2899 -0.0504 -0.0284 0.0158  467 HOH A O   
716 O O   . HOH D .  ? 0.4803 0.3824 0.4277 0.0126  0.0972  0.0239  468 HOH A O   
717 O O   . HOH D .  ? 0.5464 0.4689 0.5633 0.0408  0.1293  0.0352  469 HOH A O   
718 O O   . HOH D .  ? 0.4250 0.4592 0.5569 -0.0574 0.0075  0.0131  470 HOH A O   
719 O O   . HOH D .  ? 0.6739 0.6628 0.7529 -0.0105 0.0857  -0.0175 471 HOH A O   
720 O O   . HOH D .  ? 0.6612 0.5788 0.6771 -0.0055 0.1226  -0.0291 472 HOH A O   
721 O O   . HOH D .  ? 0.3871 0.4353 0.5714 -0.0316 -0.0181 0.0406  473 HOH A O   
722 O O   . HOH D .  ? 0.3566 0.4197 0.5657 -0.0226 -0.0107 0.0471  474 HOH A O   
723 O O   . HOH D .  ? 0.4115 0.4681 0.6454 0.0232  0.0069  0.0609  475 HOH A O   
724 O O   . HOH D .  ? 0.6059 0.5645 0.6472 -0.0852 0.1148  0.0024  476 HOH A O   
725 O O   . HOH D .  ? 0.4404 0.5084 0.7167 -0.0157 0.1073  0.0785  477 HOH A O   
728 O O   . HOH D .  ? 0.5331 0.4651 0.4879 -0.0396 0.0769  -0.0143 480 HOH A O   
729 O O   . HOH D .  ? 0.6284 0.5731 0.6229 -0.0390 0.1060  -0.0164 481 HOH A O   
730 O O   . HOH D .  ? 0.5131 0.5282 0.6461 0.0289  0.0468  0.0414  482 HOH A O   
731 O O   . HOH D .  ? 0.6519 0.4712 0.4837 -0.0042 0.0713  0.0140  483 HOH A O   
732 O O   . HOH D .  ? 0.4460 0.3417 0.4586 -0.0634 -0.1077 0.0216  484 HOH A O   
733 O O   . HOH D .  ? 0.6800 0.5611 0.6276 -0.0281 0.0083  -0.0190 485 HOH A O   
734 O O   . HOH D .  ? 0.5249 0.5207 0.6733 -0.0588 -0.0584 0.0364  486 HOH A O   
735 O O   . HOH D .  ? 0.6040 0.5286 0.5792 -0.0325 -0.0297 0.0018  487 HOH A O   
736 O O   . HOH D .  ? 0.6461 0.4673 0.5361 0.0376  0.0345  0.0254  488 HOH A O   
737 O O   . HOH D .  ? 0.5518 0.3671 0.3699 -0.0216 0.0396  0.0038  489 HOH A O   
738 O O   . HOH D .  ? 0.6490 0.4947 0.5176 0.0074  0.0832  0.0148  490 HOH A O   
# 
loop_
_pdbx_poly_seq_scheme.asym_id 
_pdbx_poly_seq_scheme.entity_id 
_pdbx_poly_seq_scheme.seq_id 
_pdbx_poly_seq_scheme.mon_id 
_pdbx_poly_seq_scheme.ndb_seq_num 
_pdbx_poly_seq_scheme.pdb_seq_num 
_pdbx_poly_seq_scheme.auth_seq_num 
_pdbx_poly_seq_scheme.pdb_mon_id 
_pdbx_poly_seq_scheme.auth_mon_id 
_pdbx_poly_seq_scheme.pdb_strand_id 
_pdbx_poly_seq_scheme.pdb_ins_code 
_pdbx_poly_seq_scheme.hetero 
A 1 1  GLY 1  211 ?   ?   ?   A . n 
A 1 2  SER 2  212 ?   ?   ?   A . n 
A 1 3  HIS 3  213 213 HIS HIS A . n 
A 1 4  MET 4  214 214 MET MET A . n 
A 1 5  GLU 5  215 215 GLU GLU A . n 
A 1 6  ALA 6  216 216 ALA ALA A . n 
A 1 7  VAL 7  217 217 VAL VAL A . n 
A 1 8  GLN 8  218 218 GLN GLN A . n 
A 1 9  ASN 9  219 219 ASN ASN A . n 
A 1 10 ARG 10 220 220 ARG ARG A . n 
A 1 11 ILE 11 221 221 ILE ILE A . n 
A 1 12 VAL 12 222 222 VAL VAL A . n 
A 1 13 GLU 13 223 223 GLU GLU A . n 
A 1 14 ALA 14 224 224 ALA ALA A . n 
A 1 15 ALA 15 225 225 ALA ALA A . n 
A 1 16 GLU 16 226 226 GLU GLU A . n 
A 1 17 ARG 17 227 227 ARG ARG A . n 
A 1 18 VAL 18 228 228 VAL VAL A . n 
A 1 19 PRO 19 229 229 PRO PRO A . n 
A 1 20 GLY 20 230 230 GLY GLY A . n 
A 1 21 VAL 21 231 231 VAL VAL A . n 
A 1 22 ARG 22 232 232 ARG ARG A . n 
A 1 23 GLY 23 233 233 GLY GLY A . n 
A 1 24 VAL 24 234 234 VAL VAL A . n 
A 1 25 ILE 25 235 235 ILE ILE A . n 
A 1 26 HIS 26 236 236 HIS HIS A . n 
A 1 27 LEU 27 237 237 LEU LEU A . n 
A 1 28 ARG 28 238 238 ARG ARG A . n 
A 1 29 ALA 29 239 239 ALA ALA A . n 
A 1 30 ARG 30 240 240 ARG ARG A . n 
A 1 31 TYR 31 241 241 TYR TYR A . n 
A 1 32 VAL 32 242 242 VAL VAL A . n 
A 1 33 GLY 33 243 243 GLY GLY A . n 
A 1 34 GLN 34 244 244 GLN GLN A . n 
A 1 35 ASP 35 245 245 ASP ASP A . n 
A 1 36 ILE 36 246 246 ILE ILE A . n 
A 1 37 TRP 37 247 247 TRP TRP A . n 
A 1 38 ALA 38 248 248 ALA ALA A . n 
A 1 39 ASP 39 249 249 ASP ASP A . n 
A 1 40 MET 40 250 250 MET MET A . n 
A 1 41 ILE 41 251 251 ILE ILE A . n 
A 1 42 ILE 42 252 252 ILE ILE A . n 
A 1 43 GLY 43 253 253 GLY GLY A . n 
A 1 44 VAL 44 254 254 VAL VAL A . n 
A 1 45 ASP 45 255 255 ASP ASP A . n 
A 1 46 PRO 46 256 256 PRO PRO A . n 
A 1 47 GLU 47 257 257 GLU GLU A . n 
A 1 48 ASN 48 258 258 ASN ASN A . n 
A 1 49 THR 49 259 259 THR THR A . n 
A 1 50 VAL 50 260 260 VAL VAL A . n 
A 1 51 GLU 51 261 261 GLU GLU A . n 
A 1 52 GLN 52 262 262 GLN GLN A . n 
A 1 53 ALA 53 263 263 ALA ALA A . n 
A 1 54 HIS 54 264 264 HIS HIS A . n 
A 1 55 GLU 55 265 265 GLU GLU A . n 
A 1 56 ILE 56 266 266 ILE ILE A . n 
A 1 57 CYS 57 267 267 CYS CYS A . n 
A 1 58 GLU 58 268 268 GLU GLU A . n 
A 1 59 ALA 59 269 269 ALA ALA A . n 
A 1 60 VAL 60 270 270 VAL VAL A . n 
A 1 61 GLN 61 271 271 GLN GLN A . n 
A 1 62 ALA 62 272 272 ALA ALA A . n 
A 1 63 ALA 63 273 273 ALA ALA A . n 
A 1 64 VAL 64 274 274 VAL VAL A . n 
A 1 65 CYS 65 275 275 CYS CYS A . n 
A 1 66 GLY 66 276 276 GLY GLY A . n 
A 1 67 LYS 67 277 277 LYS LYS A . n 
A 1 68 ILE 68 278 278 ILE ILE A . n 
A 1 69 ARG 69 279 279 ARG ARG A . n 
A 1 70 ARG 70 280 280 ARG ARG A . n 
A 1 71 ILE 71 281 281 ILE ILE A . n 
A 1 72 GLU 72 282 282 GLU GLU A . n 
A 1 73 SER 73 283 283 SER SER A . n 
A 1 74 LEU 74 284 284 LEU LEU A . n 
A 1 75 HIS 75 285 285 HIS HIS A . n 
A 1 76 VAL 76 286 286 VAL VAL A . n 
A 1 77 SER 77 287 287 SER SER A . n 
A 1 78 ALA 78 288 288 ALA ALA A . n 
A 1 79 GLU 79 289 289 GLU GLU A . n 
A 1 80 ALA 80 290 290 ALA ALA A . n 
A 1 81 ARG 81 291 291 ARG ARG A . n 
A 1 82 GLU 82 292 ?   ?   ?   A . n 
A 1 83 ILE 83 293 ?   ?   ?   A . n 
# 
loop_
_pdbx_nonpoly_scheme.asym_id 
_pdbx_nonpoly_scheme.entity_id 
_pdbx_nonpoly_scheme.mon_id 
_pdbx_nonpoly_scheme.ndb_seq_num 
_pdbx_nonpoly_scheme.pdb_seq_num 
_pdbx_nonpoly_scheme.auth_seq_num 
_pdbx_nonpoly_scheme.pdb_mon_id 
_pdbx_nonpoly_scheme.auth_mon_id 
_pdbx_nonpoly_scheme.pdb_strand_id 
_pdbx_nonpoly_scheme.pdb_ins_code 
B 2 SO4 1  301 1  SO4 SO4 A . 
C 2 SO4 1  302 4  SO4 SO4 A . 
D 3 HOH 1  401 1  HOH HOH A . 
D 3 HOH 2  402 2  HOH HOH A . 
D 3 HOH 3  403 3  HOH HOH A . 
D 3 HOH 4  404 4  HOH HOH A . 
D 3 HOH 5  405 5  HOH HOH A . 
D 3 HOH 6  406 6  HOH HOH A . 
D 3 HOH 7  407 7  HOH HOH A . 
D 3 HOH 8  408 8  HOH HOH A . 
D 3 HOH 9  409 9  HOH HOH A . 
D 3 HOH 10 410 10 HOH HOH A . 
D 3 HOH 11 411 11 HOH HOH A . 
D 3 HOH 12 412 12 HOH HOH A . 
D 3 HOH 13 413 13 HOH HOH A . 
D 3 HOH 14 414 14 HOH HOH A . 
D 3 HOH 15 415 15 HOH HOH A . 
D 3 HOH 16 416 16 HOH HOH A . 
D 3 HOH 17 417 17 HOH HOH A . 
D 3 HOH 18 418 18 HOH HOH A . 
D 3 HOH 19 419 19 HOH HOH A . 
D 3 HOH 20 420 20 HOH HOH A . 
D 3 HOH 21 421 21 HOH HOH A . 
D 3 HOH 22 422 22 HOH HOH A . 
D 3 HOH 23 423 23 HOH HOH A . 
D 3 HOH 24 424 24 HOH HOH A . 
D 3 HOH 25 425 25 HOH HOH A . 
D 3 HOH 26 426 26 HOH HOH A . 
D 3 HOH 27 427 27 HOH HOH A . 
D 3 HOH 28 428 28 HOH HOH A . 
D 3 HOH 29 429 29 HOH HOH A . 
D 3 HOH 30 430 30 HOH HOH A . 
D 3 HOH 31 431 31 HOH HOH A . 
D 3 HOH 32 432 32 HOH HOH A . 
D 3 HOH 33 433 33 HOH HOH A . 
D 3 HOH 34 434 34 HOH HOH A . 
D 3 HOH 35 435 35 HOH HOH A . 
D 3 HOH 36 436 36 HOH HOH A . 
D 3 HOH 37 437 37 HOH HOH A . 
D 3 HOH 38 438 38 HOH HOH A . 
D 3 HOH 39 439 39 HOH HOH A . 
D 3 HOH 40 440 40 HOH HOH A . 
D 3 HOH 41 441 41 HOH HOH A . 
D 3 HOH 42 442 42 HOH HOH A . 
D 3 HOH 43 443 43 HOH HOH A . 
D 3 HOH 44 444 44 HOH HOH A . 
D 3 HOH 45 445 45 HOH HOH A . 
D 3 HOH 46 446 46 HOH HOH A . 
D 3 HOH 47 447 47 HOH HOH A . 
D 3 HOH 48 448 48 HOH HOH A . 
D 3 HOH 49 449 49 HOH HOH A . 
D 3 HOH 50 450 50 HOH HOH A . 
D 3 HOH 51 451 51 HOH HOH A . 
D 3 HOH 52 452 52 HOH HOH A . 
D 3 HOH 53 453 53 HOH HOH A . 
D 3 HOH 54 454 54 HOH HOH A . 
D 3 HOH 55 455 55 HOH HOH A . 
D 3 HOH 56 456 56 HOH HOH A . 
D 3 HOH 57 457 57 HOH HOH A . 
D 3 HOH 58 458 58 HOH HOH A . 
D 3 HOH 59 459 59 HOH HOH A . 
D 3 HOH 60 460 60 HOH HOH A . 
D 3 HOH 61 461 61 HOH HOH A . 
D 3 HOH 62 462 62 HOH HOH A . 
D 3 HOH 63 463 63 HOH HOH A . 
D 3 HOH 64 464 64 HOH HOH A . 
D 3 HOH 65 465 65 HOH HOH A . 
D 3 HOH 66 466 66 HOH HOH A . 
D 3 HOH 67 467 67 HOH HOH A . 
D 3 HOH 68 468 68 HOH HOH A . 
D 3 HOH 69 469 69 HOH HOH A . 
D 3 HOH 70 470 70 HOH HOH A . 
D 3 HOH 71 471 71 HOH HOH A . 
D 3 HOH 72 472 72 HOH HOH A . 
D 3 HOH 73 473 73 HOH HOH A . 
D 3 HOH 74 474 74 HOH HOH A . 
D 3 HOH 75 475 75 HOH HOH A . 
D 3 HOH 76 476 76 HOH HOH A . 
D 3 HOH 77 477 77 HOH HOH A . 
D 3 HOH 78 478 78 HOH HOH A . 
D 3 HOH 79 479 79 HOH HOH A . 
D 3 HOH 80 480 80 HOH HOH A . 
D 3 HOH 81 481 81 HOH HOH A . 
D 3 HOH 82 482 82 HOH HOH A . 
D 3 HOH 83 483 83 HOH HOH A . 
D 3 HOH 84 484 84 HOH HOH A . 
D 3 HOH 85 485 85 HOH HOH A . 
D 3 HOH 86 486 86 HOH HOH A . 
D 3 HOH 87 487 87 HOH HOH A . 
D 3 HOH 88 488 88 HOH HOH A . 
D 3 HOH 89 489 89 HOH HOH A . 
D 3 HOH 90 490 90 HOH HOH A . 
# 
_pdbx_struct_assembly.id                   1 
_pdbx_struct_assembly.details              author_and_software_defined_assembly 
_pdbx_struct_assembly.method_details       PISA 
_pdbx_struct_assembly.oligomeric_details   dimeric 
_pdbx_struct_assembly.oligomeric_count     2 
# 
_pdbx_struct_assembly_gen.assembly_id       1 
_pdbx_struct_assembly_gen.oper_expression   1,2 
_pdbx_struct_assembly_gen.asym_id_list      A,B,C,D 
# 
loop_
_pdbx_struct_assembly_prop.biol_id 
_pdbx_struct_assembly_prop.type 
_pdbx_struct_assembly_prop.value 
_pdbx_struct_assembly_prop.details 
1 'ABSA (A^2)' 680  ? 
1 MORE         -6   ? 
1 'SSA (A^2)'  9100 ? 
# 
loop_
_pdbx_struct_oper_list.id 
_pdbx_struct_oper_list.type 
_pdbx_struct_oper_list.name 
_pdbx_struct_oper_list.symmetry_operation 
_pdbx_struct_oper_list.matrix[1][1] 
_pdbx_struct_oper_list.matrix[1][2] 
_pdbx_struct_oper_list.matrix[1][3] 
_pdbx_struct_oper_list.vector[1] 
_pdbx_struct_oper_list.matrix[2][1] 
_pdbx_struct_oper_list.matrix[2][2] 
_pdbx_struct_oper_list.matrix[2][3] 
_pdbx_struct_oper_list.vector[2] 
_pdbx_struct_oper_list.matrix[3][1] 
_pdbx_struct_oper_list.matrix[3][2] 
_pdbx_struct_oper_list.matrix[3][3] 
_pdbx_struct_oper_list.vector[3] 
1 'identity operation'         1_555 x,y,z       1.0000000000  0.0000000000 0.0000000000 0.0000000000 0.0000000000 1.0000000000 0.0000000000 0.0000000000  0.0000000000 0.0000000000 1.0000000000  0.0000000000   
2 'crystal symmetry operation' 3_554 -x,y,-z-1/2 -0.9052674680 0.3768930797 0.1960673811 0.8785838608 0.3768930797 0.4994679278 0.7800534569 11.7249727187 0.1960673811 0.7800534569 -0.5942004598 -22.9629810181 
# 
loop_
_pdbx_audit_revision_history.ordinal 
_pdbx_audit_revision_history.data_content_type 
_pdbx_audit_revision_history.major_revision 
_pdbx_audit_revision_history.minor_revision 
_pdbx_audit_revision_history.revision_date 
1 'Structure model' 1 0 2014-04-16 
2 'Structure model' 1 1 2017-11-22 
3 'Structure model' 1 2 2023-11-08 
# 
_pdbx_audit_revision_details.ordinal             1 
_pdbx_audit_revision_details.revision_ordinal    1 
_pdbx_audit_revision_details.data_content_type   'Structure model' 
_pdbx_audit_revision_details.provider            repository 
_pdbx_audit_revision_details.type                'Initial release' 
_pdbx_audit_revision_details.description         ? 
_pdbx_audit_revision_details.details             ? 
# 
loop_
_pdbx_audit_revision_group.ordinal 
_pdbx_audit_revision_group.revision_ordinal 
_pdbx_audit_revision_group.data_content_type 
_pdbx_audit_revision_group.group 
1 2 'Structure model' 'Refinement description' 
2 3 'Structure model' 'Data collection'        
3 3 'Structure model' 'Database references'    
4 3 'Structure model' 'Derived calculations'   
5 3 'Structure model' 'Refinement description' 
# 
loop_
_pdbx_audit_revision_category.ordinal 
_pdbx_audit_revision_category.revision_ordinal 
_pdbx_audit_revision_category.data_content_type 
_pdbx_audit_revision_category.category 
1 2 'Structure model' software                      
2 3 'Structure model' chem_comp_atom                
3 3 'Structure model' chem_comp_bond                
4 3 'Structure model' database_2                    
5 3 'Structure model' pdbx_initial_refinement_model 
6 3 'Structure model' struct_ref_seq_dif            
7 3 'Structure model' struct_site                   
# 
loop_
_pdbx_audit_revision_item.ordinal 
_pdbx_audit_revision_item.revision_ordinal 
_pdbx_audit_revision_item.data_content_type 
_pdbx_audit_revision_item.item 
1  2 'Structure model' '_software.classification'            
2  2 'Structure model' '_software.contact_author'            
3  2 'Structure model' '_software.contact_author_email'      
4  2 'Structure model' '_software.date'                      
5  2 'Structure model' '_software.language'                  
6  2 'Structure model' '_software.location'                  
7  2 'Structure model' '_software.name'                      
8  2 'Structure model' '_software.type'                      
9  2 'Structure model' '_software.version'                   
10 3 'Structure model' '_database_2.pdbx_DOI'                
11 3 'Structure model' '_database_2.pdbx_database_accession' 
12 3 'Structure model' '_struct_ref_seq_dif.details'         
13 3 'Structure model' '_struct_site.pdbx_auth_asym_id'      
14 3 'Structure model' '_struct_site.pdbx_auth_comp_id'      
15 3 'Structure model' '_struct_site.pdbx_auth_seq_id'       
# 
_pdbx_refine_tls.pdbx_refine_id   'X-RAY DIFFRACTION' 
_pdbx_refine_tls.id               1 
_pdbx_refine_tls.details          ? 
_pdbx_refine_tls.method           refined 
_pdbx_refine_tls.origin_x         -0.0071 
_pdbx_refine_tls.origin_y         -0.5871 
_pdbx_refine_tls.origin_z         -0.0507 
_pdbx_refine_tls.T[1][1]          0.0249 
_pdbx_refine_tls.T[2][2]          0.0456 
_pdbx_refine_tls.T[3][3]          0.0915 
_pdbx_refine_tls.T[1][2]          -0.0129 
_pdbx_refine_tls.T[1][3]          0.0201 
_pdbx_refine_tls.T[2][3]          0.0066 
_pdbx_refine_tls.L[1][1]          0.3421 
_pdbx_refine_tls.L[2][2]          4.1530 
_pdbx_refine_tls.L[3][3]          1.4034 
_pdbx_refine_tls.L[1][2]          0.3691 
_pdbx_refine_tls.L[1][3]          0.0571 
_pdbx_refine_tls.L[2][3]          -0.7179 
_pdbx_refine_tls.S[1][1]          0.0197 
_pdbx_refine_tls.S[2][2]          0.0566 
_pdbx_refine_tls.S[3][3]          -0.0763 
_pdbx_refine_tls.S[1][2]          0.0008 
_pdbx_refine_tls.S[1][3]          -0.1072 
_pdbx_refine_tls.S[2][3]          0.0867 
_pdbx_refine_tls.S[2][1]          -0.0069 
_pdbx_refine_tls.S[3][1]          -0.0329 
_pdbx_refine_tls.S[3][2]          -0.0264 
# 
_pdbx_refine_tls_group.pdbx_refine_id      'X-RAY DIFFRACTION' 
_pdbx_refine_tls_group.id                  1 
_pdbx_refine_tls_group.refine_tls_id       1 
_pdbx_refine_tls_group.beg_auth_asym_id    A 
_pdbx_refine_tls_group.beg_auth_seq_id     213 
_pdbx_refine_tls_group.end_auth_asym_id    A 
_pdbx_refine_tls_group.end_auth_seq_id     291 
_pdbx_refine_tls_group.selection_details   ? 
_pdbx_refine_tls_group.beg_label_asym_id   . 
_pdbx_refine_tls_group.beg_label_seq_id    . 
_pdbx_refine_tls_group.end_label_asym_id   . 
_pdbx_refine_tls_group.end_label_seq_id    . 
_pdbx_refine_tls_group.selection           ? 
# 
_phasing.method   MR 
# 
loop_
_software.pdbx_ordinal 
_software.name 
_software.version 
_software.date 
_software.type 
_software.contact_author 
_software.contact_author_email 
_software.classification 
_software.location 
_software.language 
_software.citation_id 
1 DENZO       .    ?                package 'Zbyszek Otwinowski' hkl@hkl-xray.com            'data reduction'  
http://www.hkl-xray.com/                     ?          ? 
2 SCALEPACK   .    ?                package 'Zbyszek Otwinowski' hkl@hkl-xray.com            'data scaling'    
http://www.hkl-xray.com/                     ?          ? 
3 PHASER      .    ?                program 'Randy J. Read'      cimr-phaser@lists.cam.ac.uk phasing           
http://www-structmed.cimr.cam.ac.uk/phaser/  ?          ? 
4 REFMAC      .    ?                program 'Garib N. Murshudov' garib@ysbl.york.ac.uk       refinement        
http://www.ccp4.ac.uk/dist/html/refmac5.html Fortran_77 ? 
5 PDB_EXTRACT 3.11 'April 22, 2011' package PDB                  deposit@deposit.rcsb.org    'data extraction' 
http://sw-tools.pdb.org/apps/PDB_EXTRACT/    C++        ? 
6 HKL-2000    .    ?                ?       ?                    ?                           'data reduction'  ? ?          ? 
# 
_pdbx_validate_close_contact.id               1 
_pdbx_validate_close_contact.PDB_model_num    1 
_pdbx_validate_close_contact.auth_atom_id_1   OE2 
_pdbx_validate_close_contact.auth_asym_id_1   A 
_pdbx_validate_close_contact.auth_comp_id_1   GLU 
_pdbx_validate_close_contact.auth_seq_id_1    226 
_pdbx_validate_close_contact.PDB_ins_code_1   ? 
_pdbx_validate_close_contact.label_alt_id_1   ? 
_pdbx_validate_close_contact.auth_atom_id_2   O 
_pdbx_validate_close_contact.auth_asym_id_2   A 
_pdbx_validate_close_contact.auth_comp_id_2   HOH 
_pdbx_validate_close_contact.auth_seq_id_2    407 
_pdbx_validate_close_contact.PDB_ins_code_2   ? 
_pdbx_validate_close_contact.label_alt_id_2   ? 
_pdbx_validate_close_contact.dist             1.97 
# 
loop_
_pdbx_validate_rmsd_angle.id 
_pdbx_validate_rmsd_angle.PDB_model_num 
_pdbx_validate_rmsd_angle.auth_atom_id_1 
_pdbx_validate_rmsd_angle.auth_asym_id_1 
_pdbx_validate_rmsd_angle.auth_comp_id_1 
_pdbx_validate_rmsd_angle.auth_seq_id_1 
_pdbx_validate_rmsd_angle.PDB_ins_code_1 
_pdbx_validate_rmsd_angle.label_alt_id_1 
_pdbx_validate_rmsd_angle.auth_atom_id_2 
_pdbx_validate_rmsd_angle.auth_asym_id_2 
_pdbx_validate_rmsd_angle.auth_comp_id_2 
_pdbx_validate_rmsd_angle.auth_seq_id_2 
_pdbx_validate_rmsd_angle.PDB_ins_code_2 
_pdbx_validate_rmsd_angle.label_alt_id_2 
_pdbx_validate_rmsd_angle.auth_atom_id_3 
_pdbx_validate_rmsd_angle.auth_asym_id_3 
_pdbx_validate_rmsd_angle.auth_comp_id_3 
_pdbx_validate_rmsd_angle.auth_seq_id_3 
_pdbx_validate_rmsd_angle.PDB_ins_code_3 
_pdbx_validate_rmsd_angle.label_alt_id_3 
_pdbx_validate_rmsd_angle.angle_value 
_pdbx_validate_rmsd_angle.angle_target_value 
_pdbx_validate_rmsd_angle.angle_deviation 
_pdbx_validate_rmsd_angle.angle_standard_deviation 
_pdbx_validate_rmsd_angle.linker_flag 
1 1 NE A ARG 240 ? A CZ A ARG 240 ? A NH2 A ARG 240 ? A 116.99 120.30 -3.31 0.50 N 
2 1 CB A ASP 255 ? ? CG A ASP 255 ? ? OD1 A ASP 255 ? ? 124.22 118.30 5.92  0.90 N 
# 
_pdbx_validate_torsion.id              1 
_pdbx_validate_torsion.PDB_model_num   1 
_pdbx_validate_torsion.auth_comp_id    ARG 
_pdbx_validate_torsion.auth_asym_id    A 
_pdbx_validate_torsion.auth_seq_id     232 
_pdbx_validate_torsion.PDB_ins_code    ? 
_pdbx_validate_torsion.label_alt_id    ? 
_pdbx_validate_torsion.phi             -114.74 
_pdbx_validate_torsion.psi             72.51 
# 
loop_
_pdbx_unobs_or_zero_occ_residues.id 
_pdbx_unobs_or_zero_occ_residues.PDB_model_num 
_pdbx_unobs_or_zero_occ_residues.polymer_flag 
_pdbx_unobs_or_zero_occ_residues.occupancy_flag 
_pdbx_unobs_or_zero_occ_residues.auth_asym_id 
_pdbx_unobs_or_zero_occ_residues.auth_comp_id 
_pdbx_unobs_or_zero_occ_residues.auth_seq_id 
_pdbx_unobs_or_zero_occ_residues.PDB_ins_code 
_pdbx_unobs_or_zero_occ_residues.label_asym_id 
_pdbx_unobs_or_zero_occ_residues.label_comp_id 
_pdbx_unobs_or_zero_occ_residues.label_seq_id 
1 1 Y 1 A GLY 211 ? A GLY 1  
2 1 Y 1 A SER 212 ? A SER 2  
3 1 Y 1 A GLU 292 ? A GLU 82 
4 1 Y 1 A ILE 293 ? A ILE 83 
# 
loop_
_chem_comp_atom.comp_id 
_chem_comp_atom.atom_id 
_chem_comp_atom.type_symbol 
_chem_comp_atom.pdbx_aromatic_flag 
_chem_comp_atom.pdbx_stereo_config 
_chem_comp_atom.pdbx_ordinal 
ALA N    N N N 1   
ALA CA   C N S 2   
ALA C    C N N 3   
ALA O    O N N 4   
ALA CB   C N N 5   
ALA OXT  O N N 6   
ALA H    H N N 7   
ALA H2   H N N 8   
ALA HA   H N N 9   
ALA HB1  H N N 10  
ALA HB2  H N N 11  
ALA HB3  H N N 12  
ALA HXT  H N N 13  
ARG N    N N N 14  
ARG CA   C N S 15  
ARG C    C N N 16  
ARG O    O N N 17  
ARG CB   C N N 18  
ARG CG   C N N 19  
ARG CD   C N N 20  
ARG NE   N N N 21  
ARG CZ   C N N 22  
ARG NH1  N N N 23  
ARG NH2  N N N 24  
ARG OXT  O N N 25  
ARG H    H N N 26  
ARG H2   H N N 27  
ARG HA   H N N 28  
ARG HB2  H N N 29  
ARG HB3  H N N 30  
ARG HG2  H N N 31  
ARG HG3  H N N 32  
ARG HD2  H N N 33  
ARG HD3  H N N 34  
ARG HE   H N N 35  
ARG HH11 H N N 36  
ARG HH12 H N N 37  
ARG HH21 H N N 38  
ARG HH22 H N N 39  
ARG HXT  H N N 40  
ASN N    N N N 41  
ASN CA   C N S 42  
ASN C    C N N 43  
ASN O    O N N 44  
ASN CB   C N N 45  
ASN CG   C N N 46  
ASN OD1  O N N 47  
ASN ND2  N N N 48  
ASN OXT  O N N 49  
ASN H    H N N 50  
ASN H2   H N N 51  
ASN HA   H N N 52  
ASN HB2  H N N 53  
ASN HB3  H N N 54  
ASN HD21 H N N 55  
ASN HD22 H N N 56  
ASN HXT  H N N 57  
ASP N    N N N 58  
ASP CA   C N S 59  
ASP C    C N N 60  
ASP O    O N N 61  
ASP CB   C N N 62  
ASP CG   C N N 63  
ASP OD1  O N N 64  
ASP OD2  O N N 65  
ASP OXT  O N N 66  
ASP H    H N N 67  
ASP H2   H N N 68  
ASP HA   H N N 69  
ASP HB2  H N N 70  
ASP HB3  H N N 71  
ASP HD2  H N N 72  
ASP HXT  H N N 73  
CYS N    N N N 74  
CYS CA   C N R 75  
CYS C    C N N 76  
CYS O    O N N 77  
CYS CB   C N N 78  
CYS SG   S N N 79  
CYS OXT  O N N 80  
CYS H    H N N 81  
CYS H2   H N N 82  
CYS HA   H N N 83  
CYS HB2  H N N 84  
CYS HB3  H N N 85  
CYS HG   H N N 86  
CYS HXT  H N N 87  
GLN N    N N N 88  
GLN CA   C N S 89  
GLN C    C N N 90  
GLN O    O N N 91  
GLN CB   C N N 92  
GLN CG   C N N 93  
GLN CD   C N N 94  
GLN OE1  O N N 95  
GLN NE2  N N N 96  
GLN OXT  O N N 97  
GLN H    H N N 98  
GLN H2   H N N 99  
GLN HA   H N N 100 
GLN HB2  H N N 101 
GLN HB3  H N N 102 
GLN HG2  H N N 103 
GLN HG3  H N N 104 
GLN HE21 H N N 105 
GLN HE22 H N N 106 
GLN HXT  H N N 107 
GLU N    N N N 108 
GLU CA   C N S 109 
GLU C    C N N 110 
GLU O    O N N 111 
GLU CB   C N N 112 
GLU CG   C N N 113 
GLU CD   C N N 114 
GLU OE1  O N N 115 
GLU OE2  O N N 116 
GLU OXT  O N N 117 
GLU H    H N N 118 
GLU H2   H N N 119 
GLU HA   H N N 120 
GLU HB2  H N N 121 
GLU HB3  H N N 122 
GLU HG2  H N N 123 
GLU HG3  H N N 124 
GLU HE2  H N N 125 
GLU HXT  H N N 126 
GLY N    N N N 127 
GLY CA   C N N 128 
GLY C    C N N 129 
GLY O    O N N 130 
GLY OXT  O N N 131 
GLY H    H N N 132 
GLY H2   H N N 133 
GLY HA2  H N N 134 
GLY HA3  H N N 135 
GLY HXT  H N N 136 
HIS N    N N N 137 
HIS CA   C N S 138 
HIS C    C N N 139 
HIS O    O N N 140 
HIS CB   C N N 141 
HIS CG   C Y N 142 
HIS ND1  N Y N 143 
HIS CD2  C Y N 144 
HIS CE1  C Y N 145 
HIS NE2  N Y N 146 
HIS OXT  O N N 147 
HIS H    H N N 148 
HIS H2   H N N 149 
HIS HA   H N N 150 
HIS HB2  H N N 151 
HIS HB3  H N N 152 
HIS HD1  H N N 153 
HIS HD2  H N N 154 
HIS HE1  H N N 155 
HIS HE2  H N N 156 
HIS HXT  H N N 157 
HOH O    O N N 158 
HOH H1   H N N 159 
HOH H2   H N N 160 
ILE N    N N N 161 
ILE CA   C N S 162 
ILE C    C N N 163 
ILE O    O N N 164 
ILE CB   C N S 165 
ILE CG1  C N N 166 
ILE CG2  C N N 167 
ILE CD1  C N N 168 
ILE OXT  O N N 169 
ILE H    H N N 170 
ILE H2   H N N 171 
ILE HA   H N N 172 
ILE HB   H N N 173 
ILE HG12 H N N 174 
ILE HG13 H N N 175 
ILE HG21 H N N 176 
ILE HG22 H N N 177 
ILE HG23 H N N 178 
ILE HD11 H N N 179 
ILE HD12 H N N 180 
ILE HD13 H N N 181 
ILE HXT  H N N 182 
LEU N    N N N 183 
LEU CA   C N S 184 
LEU C    C N N 185 
LEU O    O N N 186 
LEU CB   C N N 187 
LEU CG   C N N 188 
LEU CD1  C N N 189 
LEU CD2  C N N 190 
LEU OXT  O N N 191 
LEU H    H N N 192 
LEU H2   H N N 193 
LEU HA   H N N 194 
LEU HB2  H N N 195 
LEU HB3  H N N 196 
LEU HG   H N N 197 
LEU HD11 H N N 198 
LEU HD12 H N N 199 
LEU HD13 H N N 200 
LEU HD21 H N N 201 
LEU HD22 H N N 202 
LEU HD23 H N N 203 
LEU HXT  H N N 204 
LYS N    N N N 205 
LYS CA   C N S 206 
LYS C    C N N 207 
LYS O    O N N 208 
LYS CB   C N N 209 
LYS CG   C N N 210 
LYS CD   C N N 211 
LYS CE   C N N 212 
LYS NZ   N N N 213 
LYS OXT  O N N 214 
LYS H    H N N 215 
LYS H2   H N N 216 
LYS HA   H N N 217 
LYS HB2  H N N 218 
LYS HB3  H N N 219 
LYS HG2  H N N 220 
LYS HG3  H N N 221 
LYS HD2  H N N 222 
LYS HD3  H N N 223 
LYS HE2  H N N 224 
LYS HE3  H N N 225 
LYS HZ1  H N N 226 
LYS HZ2  H N N 227 
LYS HZ3  H N N 228 
LYS HXT  H N N 229 
MET N    N N N 230 
MET CA   C N S 231 
MET C    C N N 232 
MET O    O N N 233 
MET CB   C N N 234 
MET CG   C N N 235 
MET SD   S N N 236 
MET CE   C N N 237 
MET OXT  O N N 238 
MET H    H N N 239 
MET H2   H N N 240 
MET HA   H N N 241 
MET HB2  H N N 242 
MET HB3  H N N 243 
MET HG2  H N N 244 
MET HG3  H N N 245 
MET HE1  H N N 246 
MET HE2  H N N 247 
MET HE3  H N N 248 
MET HXT  H N N 249 
PRO N    N N N 250 
PRO CA   C N S 251 
PRO C    C N N 252 
PRO O    O N N 253 
PRO CB   C N N 254 
PRO CG   C N N 255 
PRO CD   C N N 256 
PRO OXT  O N N 257 
PRO H    H N N 258 
PRO HA   H N N 259 
PRO HB2  H N N 260 
PRO HB3  H N N 261 
PRO HG2  H N N 262 
PRO HG3  H N N 263 
PRO HD2  H N N 264 
PRO HD3  H N N 265 
PRO HXT  H N N 266 
SER N    N N N 267 
SER CA   C N S 268 
SER C    C N N 269 
SER O    O N N 270 
SER CB   C N N 271 
SER OG   O N N 272 
SER OXT  O N N 273 
SER H    H N N 274 
SER H2   H N N 275 
SER HA   H N N 276 
SER HB2  H N N 277 
SER HB3  H N N 278 
SER HG   H N N 279 
SER HXT  H N N 280 
SO4 S    S N N 281 
SO4 O1   O N N 282 
SO4 O2   O N N 283 
SO4 O3   O N N 284 
SO4 O4   O N N 285 
THR N    N N N 286 
THR CA   C N S 287 
THR C    C N N 288 
THR O    O N N 289 
THR CB   C N R 290 
THR OG1  O N N 291 
THR CG2  C N N 292 
THR OXT  O N N 293 
THR H    H N N 294 
THR H2   H N N 295 
THR HA   H N N 296 
THR HB   H N N 297 
THR HG1  H N N 298 
THR HG21 H N N 299 
THR HG22 H N N 300 
THR HG23 H N N 301 
THR HXT  H N N 302 
TRP N    N N N 303 
TRP CA   C N S 304 
TRP C    C N N 305 
TRP O    O N N 306 
TRP CB   C N N 307 
TRP CG   C Y N 308 
TRP CD1  C Y N 309 
TRP CD2  C Y N 310 
TRP NE1  N Y N 311 
TRP CE2  C Y N 312 
TRP CE3  C Y N 313 
TRP CZ2  C Y N 314 
TRP CZ3  C Y N 315 
TRP CH2  C Y N 316 
TRP OXT  O N N 317 
TRP H    H N N 318 
TRP H2   H N N 319 
TRP HA   H N N 320 
TRP HB2  H N N 321 
TRP HB3  H N N 322 
TRP HD1  H N N 323 
TRP HE1  H N N 324 
TRP HE3  H N N 325 
TRP HZ2  H N N 326 
TRP HZ3  H N N 327 
TRP HH2  H N N 328 
TRP HXT  H N N 329 
TYR N    N N N 330 
TYR CA   C N S 331 
TYR C    C N N 332 
TYR O    O N N 333 
TYR CB   C N N 334 
TYR CG   C Y N 335 
TYR CD1  C Y N 336 
TYR CD2  C Y N 337 
TYR CE1  C Y N 338 
TYR CE2  C Y N 339 
TYR CZ   C Y N 340 
TYR OH   O N N 341 
TYR OXT  O N N 342 
TYR H    H N N 343 
TYR H2   H N N 344 
TYR HA   H N N 345 
TYR HB2  H N N 346 
TYR HB3  H N N 347 
TYR HD1  H N N 348 
TYR HD2  H N N 349 
TYR HE1  H N N 350 
TYR HE2  H N N 351 
TYR HH   H N N 352 
TYR HXT  H N N 353 
VAL N    N N N 354 
VAL CA   C N S 355 
VAL C    C N N 356 
VAL O    O N N 357 
VAL CB   C N N 358 
VAL CG1  C N N 359 
VAL CG2  C N N 360 
VAL OXT  O N N 361 
VAL H    H N N 362 
VAL H2   H N N 363 
VAL HA   H N N 364 
VAL HB   H N N 365 
VAL HG11 H N N 366 
VAL HG12 H N N 367 
VAL HG13 H N N 368 
VAL HG21 H N N 369 
VAL HG22 H N N 370 
VAL HG23 H N N 371 
VAL HXT  H N N 372 
# 
loop_
_chem_comp_bond.comp_id 
_chem_comp_bond.atom_id_1 
_chem_comp_bond.atom_id_2 
_chem_comp_bond.value_order 
_chem_comp_bond.pdbx_aromatic_flag 
_chem_comp_bond.pdbx_stereo_config 
_chem_comp_bond.pdbx_ordinal 
ALA N   CA   sing N N 1   
ALA N   H    sing N N 2   
ALA N   H2   sing N N 3   
ALA CA  C    sing N N 4   
ALA CA  CB   sing N N 5   
ALA CA  HA   sing N N 6   
ALA C   O    doub N N 7   
ALA C   OXT  sing N N 8   
ALA CB  HB1  sing N N 9   
ALA CB  HB2  sing N N 10  
ALA CB  HB3  sing N N 11  
ALA OXT HXT  sing N N 12  
ARG N   CA   sing N N 13  
ARG N   H    sing N N 14  
ARG N   H2   sing N N 15  
ARG CA  C    sing N N 16  
ARG CA  CB   sing N N 17  
ARG CA  HA   sing N N 18  
ARG C   O    doub N N 19  
ARG C   OXT  sing N N 20  
ARG CB  CG   sing N N 21  
ARG CB  HB2  sing N N 22  
ARG CB  HB3  sing N N 23  
ARG CG  CD   sing N N 24  
ARG CG  HG2  sing N N 25  
ARG CG  HG3  sing N N 26  
ARG CD  NE   sing N N 27  
ARG CD  HD2  sing N N 28  
ARG CD  HD3  sing N N 29  
ARG NE  CZ   sing N N 30  
ARG NE  HE   sing N N 31  
ARG CZ  NH1  sing N N 32  
ARG CZ  NH2  doub N N 33  
ARG NH1 HH11 sing N N 34  
ARG NH1 HH12 sing N N 35  
ARG NH2 HH21 sing N N 36  
ARG NH2 HH22 sing N N 37  
ARG OXT HXT  sing N N 38  
ASN N   CA   sing N N 39  
ASN N   H    sing N N 40  
ASN N   H2   sing N N 41  
ASN CA  C    sing N N 42  
ASN CA  CB   sing N N 43  
ASN CA  HA   sing N N 44  
ASN C   O    doub N N 45  
ASN C   OXT  sing N N 46  
ASN CB  CG   sing N N 47  
ASN CB  HB2  sing N N 48  
ASN CB  HB3  sing N N 49  
ASN CG  OD1  doub N N 50  
ASN CG  ND2  sing N N 51  
ASN ND2 HD21 sing N N 52  
ASN ND2 HD22 sing N N 53  
ASN OXT HXT  sing N N 54  
ASP N   CA   sing N N 55  
ASP N   H    sing N N 56  
ASP N   H2   sing N N 57  
ASP CA  C    sing N N 58  
ASP CA  CB   sing N N 59  
ASP CA  HA   sing N N 60  
ASP C   O    doub N N 61  
ASP C   OXT  sing N N 62  
ASP CB  CG   sing N N 63  
ASP CB  HB2  sing N N 64  
ASP CB  HB3  sing N N 65  
ASP CG  OD1  doub N N 66  
ASP CG  OD2  sing N N 67  
ASP OD2 HD2  sing N N 68  
ASP OXT HXT  sing N N 69  
CYS N   CA   sing N N 70  
CYS N   H    sing N N 71  
CYS N   H2   sing N N 72  
CYS CA  C    sing N N 73  
CYS CA  CB   sing N N 74  
CYS CA  HA   sing N N 75  
CYS C   O    doub N N 76  
CYS C   OXT  sing N N 77  
CYS CB  SG   sing N N 78  
CYS CB  HB2  sing N N 79  
CYS CB  HB3  sing N N 80  
CYS SG  HG   sing N N 81  
CYS OXT HXT  sing N N 82  
GLN N   CA   sing N N 83  
GLN N   H    sing N N 84  
GLN N   H2   sing N N 85  
GLN CA  C    sing N N 86  
GLN CA  CB   sing N N 87  
GLN CA  HA   sing N N 88  
GLN C   O    doub N N 89  
GLN C   OXT  sing N N 90  
GLN CB  CG   sing N N 91  
GLN CB  HB2  sing N N 92  
GLN CB  HB3  sing N N 93  
GLN CG  CD   sing N N 94  
GLN CG  HG2  sing N N 95  
GLN CG  HG3  sing N N 96  
GLN CD  OE1  doub N N 97  
GLN CD  NE2  sing N N 98  
GLN NE2 HE21 sing N N 99  
GLN NE2 HE22 sing N N 100 
GLN OXT HXT  sing N N 101 
GLU N   CA   sing N N 102 
GLU N   H    sing N N 103 
GLU N   H2   sing N N 104 
GLU CA  C    sing N N 105 
GLU CA  CB   sing N N 106 
GLU CA  HA   sing N N 107 
GLU C   O    doub N N 108 
GLU C   OXT  sing N N 109 
GLU CB  CG   sing N N 110 
GLU CB  HB2  sing N N 111 
GLU CB  HB3  sing N N 112 
GLU CG  CD   sing N N 113 
GLU CG  HG2  sing N N 114 
GLU CG  HG3  sing N N 115 
GLU CD  OE1  doub N N 116 
GLU CD  OE2  sing N N 117 
GLU OE2 HE2  sing N N 118 
GLU OXT HXT  sing N N 119 
GLY N   CA   sing N N 120 
GLY N   H    sing N N 121 
GLY N   H2   sing N N 122 
GLY CA  C    sing N N 123 
GLY CA  HA2  sing N N 124 
GLY CA  HA3  sing N N 125 
GLY C   O    doub N N 126 
GLY C   OXT  sing N N 127 
GLY OXT HXT  sing N N 128 
HIS N   CA   sing N N 129 
HIS N   H    sing N N 130 
HIS N   H2   sing N N 131 
HIS CA  C    sing N N 132 
HIS CA  CB   sing N N 133 
HIS CA  HA   sing N N 134 
HIS C   O    doub N N 135 
HIS C   OXT  sing N N 136 
HIS CB  CG   sing N N 137 
HIS CB  HB2  sing N N 138 
HIS CB  HB3  sing N N 139 
HIS CG  ND1  sing Y N 140 
HIS CG  CD2  doub Y N 141 
HIS ND1 CE1  doub Y N 142 
HIS ND1 HD1  sing N N 143 
HIS CD2 NE2  sing Y N 144 
HIS CD2 HD2  sing N N 145 
HIS CE1 NE2  sing Y N 146 
HIS CE1 HE1  sing N N 147 
HIS NE2 HE2  sing N N 148 
HIS OXT HXT  sing N N 149 
HOH O   H1   sing N N 150 
HOH O   H2   sing N N 151 
ILE N   CA   sing N N 152 
ILE N   H    sing N N 153 
ILE N   H2   sing N N 154 
ILE CA  C    sing N N 155 
ILE CA  CB   sing N N 156 
ILE CA  HA   sing N N 157 
ILE C   O    doub N N 158 
ILE C   OXT  sing N N 159 
ILE CB  CG1  sing N N 160 
ILE CB  CG2  sing N N 161 
ILE CB  HB   sing N N 162 
ILE CG1 CD1  sing N N 163 
ILE CG1 HG12 sing N N 164 
ILE CG1 HG13 sing N N 165 
ILE CG2 HG21 sing N N 166 
ILE CG2 HG22 sing N N 167 
ILE CG2 HG23 sing N N 168 
ILE CD1 HD11 sing N N 169 
ILE CD1 HD12 sing N N 170 
ILE CD1 HD13 sing N N 171 
ILE OXT HXT  sing N N 172 
LEU N   CA   sing N N 173 
LEU N   H    sing N N 174 
LEU N   H2   sing N N 175 
LEU CA  C    sing N N 176 
LEU CA  CB   sing N N 177 
LEU CA  HA   sing N N 178 
LEU C   O    doub N N 179 
LEU C   OXT  sing N N 180 
LEU CB  CG   sing N N 181 
LEU CB  HB2  sing N N 182 
LEU CB  HB3  sing N N 183 
LEU CG  CD1  sing N N 184 
LEU CG  CD2  sing N N 185 
LEU CG  HG   sing N N 186 
LEU CD1 HD11 sing N N 187 
LEU CD1 HD12 sing N N 188 
LEU CD1 HD13 sing N N 189 
LEU CD2 HD21 sing N N 190 
LEU CD2 HD22 sing N N 191 
LEU CD2 HD23 sing N N 192 
LEU OXT HXT  sing N N 193 
LYS N   CA   sing N N 194 
LYS N   H    sing N N 195 
LYS N   H2   sing N N 196 
LYS CA  C    sing N N 197 
LYS CA  CB   sing N N 198 
LYS CA  HA   sing N N 199 
LYS C   O    doub N N 200 
LYS C   OXT  sing N N 201 
LYS CB  CG   sing N N 202 
LYS CB  HB2  sing N N 203 
LYS CB  HB3  sing N N 204 
LYS CG  CD   sing N N 205 
LYS CG  HG2  sing N N 206 
LYS CG  HG3  sing N N 207 
LYS CD  CE   sing N N 208 
LYS CD  HD2  sing N N 209 
LYS CD  HD3  sing N N 210 
LYS CE  NZ   sing N N 211 
LYS CE  HE2  sing N N 212 
LYS CE  HE3  sing N N 213 
LYS NZ  HZ1  sing N N 214 
LYS NZ  HZ2  sing N N 215 
LYS NZ  HZ3  sing N N 216 
LYS OXT HXT  sing N N 217 
MET N   CA   sing N N 218 
MET N   H    sing N N 219 
MET N   H2   sing N N 220 
MET CA  C    sing N N 221 
MET CA  CB   sing N N 222 
MET CA  HA   sing N N 223 
MET C   O    doub N N 224 
MET C   OXT  sing N N 225 
MET CB  CG   sing N N 226 
MET CB  HB2  sing N N 227 
MET CB  HB3  sing N N 228 
MET CG  SD   sing N N 229 
MET CG  HG2  sing N N 230 
MET CG  HG3  sing N N 231 
MET SD  CE   sing N N 232 
MET CE  HE1  sing N N 233 
MET CE  HE2  sing N N 234 
MET CE  HE3  sing N N 235 
MET OXT HXT  sing N N 236 
PRO N   CA   sing N N 237 
PRO N   CD   sing N N 238 
PRO N   H    sing N N 239 
PRO CA  C    sing N N 240 
PRO CA  CB   sing N N 241 
PRO CA  HA   sing N N 242 
PRO C   O    doub N N 243 
PRO C   OXT  sing N N 244 
PRO CB  CG   sing N N 245 
PRO CB  HB2  sing N N 246 
PRO CB  HB3  sing N N 247 
PRO CG  CD   sing N N 248 
PRO CG  HG2  sing N N 249 
PRO CG  HG3  sing N N 250 
PRO CD  HD2  sing N N 251 
PRO CD  HD3  sing N N 252 
PRO OXT HXT  sing N N 253 
SER N   CA   sing N N 254 
SER N   H    sing N N 255 
SER N   H2   sing N N 256 
SER CA  C    sing N N 257 
SER CA  CB   sing N N 258 
SER CA  HA   sing N N 259 
SER C   O    doub N N 260 
SER C   OXT  sing N N 261 
SER CB  OG   sing N N 262 
SER CB  HB2  sing N N 263 
SER CB  HB3  sing N N 264 
SER OG  HG   sing N N 265 
SER OXT HXT  sing N N 266 
SO4 S   O1   doub N N 267 
SO4 S   O2   doub N N 268 
SO4 S   O3   sing N N 269 
SO4 S   O4   sing N N 270 
THR N   CA   sing N N 271 
THR N   H    sing N N 272 
THR N   H2   sing N N 273 
THR CA  C    sing N N 274 
THR CA  CB   sing N N 275 
THR CA  HA   sing N N 276 
THR C   O    doub N N 277 
THR C   OXT  sing N N 278 
THR CB  OG1  sing N N 279 
THR CB  CG2  sing N N 280 
THR CB  HB   sing N N 281 
THR OG1 HG1  sing N N 282 
THR CG2 HG21 sing N N 283 
THR CG2 HG22 sing N N 284 
THR CG2 HG23 sing N N 285 
THR OXT HXT  sing N N 286 
TRP N   CA   sing N N 287 
TRP N   H    sing N N 288 
TRP N   H2   sing N N 289 
TRP CA  C    sing N N 290 
TRP CA  CB   sing N N 291 
TRP CA  HA   sing N N 292 
TRP C   O    doub N N 293 
TRP C   OXT  sing N N 294 
TRP CB  CG   sing N N 295 
TRP CB  HB2  sing N N 296 
TRP CB  HB3  sing N N 297 
TRP CG  CD1  doub Y N 298 
TRP CG  CD2  sing Y N 299 
TRP CD1 NE1  sing Y N 300 
TRP CD1 HD1  sing N N 301 
TRP CD2 CE2  doub Y N 302 
TRP CD2 CE3  sing Y N 303 
TRP NE1 CE2  sing Y N 304 
TRP NE1 HE1  sing N N 305 
TRP CE2 CZ2  sing Y N 306 
TRP CE3 CZ3  doub Y N 307 
TRP CE3 HE3  sing N N 308 
TRP CZ2 CH2  doub Y N 309 
TRP CZ2 HZ2  sing N N 310 
TRP CZ3 CH2  sing Y N 311 
TRP CZ3 HZ3  sing N N 312 
TRP CH2 HH2  sing N N 313 
TRP OXT HXT  sing N N 314 
TYR N   CA   sing N N 315 
TYR N   H    sing N N 316 
TYR N   H2   sing N N 317 
TYR CA  C    sing N N 318 
TYR CA  CB   sing N N 319 
TYR CA  HA   sing N N 320 
TYR C   O    doub N N 321 
TYR C   OXT  sing N N 322 
TYR CB  CG   sing N N 323 
TYR CB  HB2  sing N N 324 
TYR CB  HB3  sing N N 325 
TYR CG  CD1  doub Y N 326 
TYR CG  CD2  sing Y N 327 
TYR CD1 CE1  sing Y N 328 
TYR CD1 HD1  sing N N 329 
TYR CD2 CE2  doub Y N 330 
TYR CD2 HD2  sing N N 331 
TYR CE1 CZ   doub Y N 332 
TYR CE1 HE1  sing N N 333 
TYR CE2 CZ   sing Y N 334 
TYR CE2 HE2  sing N N 335 
TYR CZ  OH   sing N N 336 
TYR OH  HH   sing N N 337 
TYR OXT HXT  sing N N 338 
VAL N   CA   sing N N 339 
VAL N   H    sing N N 340 
VAL N   H2   sing N N 341 
VAL CA  C    sing N N 342 
VAL CA  CB   sing N N 343 
VAL CA  HA   sing N N 344 
VAL C   O    doub N N 345 
VAL C   OXT  sing N N 346 
VAL CB  CG1  sing N N 347 
VAL CB  CG2  sing N N 348 
VAL CB  HB   sing N N 349 
VAL CG1 HG11 sing N N 350 
VAL CG1 HG12 sing N N 351 
VAL CG1 HG13 sing N N 352 
VAL CG2 HG21 sing N N 353 
VAL CG2 HG22 sing N N 354 
VAL CG2 HG23 sing N N 355 
VAL OXT HXT  sing N N 356 
# 
loop_
_pdbx_entity_nonpoly.entity_id 
_pdbx_entity_nonpoly.name 
_pdbx_entity_nonpoly.comp_id 
2 'SULFATE ION' SO4 
3 water         HOH 
# 
_pdbx_initial_refinement_model.id               1 
_pdbx_initial_refinement_model.entity_id_list   ? 
_pdbx_initial_refinement_model.type             'experimental model' 
_pdbx_initial_refinement_model.source_name      PDB 
_pdbx_initial_refinement_model.accession_code   3W5X 
_pdbx_initial_refinement_model.details          ? 
# 
